data_9DIM
#
_entry.id   9DIM
#
loop_
_entity.id
_entity.type
_entity.pdbx_description
1 polymer 'Q23.MD39 Surface protein gp120'
2 polymer 'Q23.MD39 Transmembrane protein gp41'
3 polymer '35O22 Fab Heavy Chain'
4 polymer '35O22 Fab Light Chain'
5 branched alpha-D-mannopyranose-(1-2)-alpha-D-mannopyranose-(1-3)-[alpha-D-mannopyranose-(1-3)-[alpha-D-mannopyranose-(1-6)]alpha-D-mannopyranose-(1-6)]beta-D-mannopyranose-(1-4)-2-acetamido-2-deoxy-beta-D-glucopyranose-(1-4)-2-acetamido-2-deoxy-beta-D-glucopyranose
6 branched 2-acetamido-2-deoxy-beta-D-glucopyranose-(1-4)-2-acetamido-2-deoxy-beta-D-glucopyranose
7 branched beta-D-mannopyranose-(1-4)-2-acetamido-2-deoxy-beta-D-glucopyranose-(1-4)-2-acetamido-2-deoxy-beta-D-glucopyranose
8 branched 2-acetamido-2-deoxy-beta-D-glucopyranose-(1-4)-[alpha-L-fucopyranose-(1-6)]2-acetamido-2-deoxy-beta-D-glucopyranose
9 branched alpha-D-mannopyranose-(1-3)-[alpha-D-mannopyranose-(1-6)]alpha-D-mannopyranose-(1-6)-[alpha-D-mannopyranose-(1-3)]beta-D-mannopyranose-(1-4)-2-acetamido-2-deoxy-beta-D-glucopyranose-(1-4)-2-acetamido-2-deoxy-beta-D-glucopyranose
10 branched alpha-D-mannopyranose-(1-3)-[alpha-D-mannopyranose-(1-6)]beta-D-mannopyranose-(1-4)-2-acetamido-2-deoxy-beta-D-glucopyranose-(1-4)-2-acetamido-2-deoxy-beta-D-glucopyranose
11 branched beta-D-mannopyranose-(1-4)-2-acetamido-2-deoxy-beta-D-glucopyranose-(1-4)-[alpha-L-fucopyranose-(1-6)]2-acetamido-2-deoxy-beta-D-glucopyranose
12 non-polymer 2-acetamido-2-deoxy-beta-D-glucopyranose
#
loop_
_entity_poly.entity_id
_entity_poly.type
_entity_poly.pdbx_seq_one_letter_code
_entity_poly.pdbx_strand_id
1 'polypeptide(L)'
;ENLWVTVYYGVPVWRDADTTLFCASDAKAYETEKHNVWATHACVPTDPNPQEIHLDNVTEKFNMWKNNMVEQMHEDIISL
WDQSLKPCVKLTPLCVTLHCTNVTSVNTTGDREGLKNCSFNMTTELRDKRQKVYSLFYRLDIVPINENQGSEYRLINCNT
SAITQACPKVSFEPIPIHYCTPAGFAILKCKDEGFNGTGLCKNVSTVQCTHGIKPVVSTQLLLNGSLAEKNIIIRSENIT
NNAKIIIVQLVQPVTIKCIRPNNNTVKSIRIGPGQAFYYTGDIIGDIRQAHCNVTRSRWNKTLQEVAEKLRTYFGNKTII
FAQSSGGDLEITTHSFNCGGEFFYCNTSGLFNSTWYVNSTWNDTDSTQESNDTITLPCRIKQIINMWQRAGQAMYAPPIP
GVIKCESNITGLLLTRDGGKDNNVNETFRPGGSDMRDNWRSELYKYKVVEIEPLGVAPTRCKRRVVE
;
A,C,G
2 'polypeptide(L)'
;AVGIGAVSLGFLGAAGSTMGAASITLTVQARQLLSGIVQQQNNLLRAPEPQQHLLKDTHWGIKQLQARVLAVEHYLRDQQ
LLGIWGCSGKLICCTNVPWNSSWSNKSLDEIWNNMTWLQWDKEINNYTQLIYRLIEESQNQQEKNEKELLELD
;
B,D,I
3 'polypeptide(L)'
;QGQLVQSGAELKKPGASVKISCKTSGYRFNFYHINWIRQTAGRGPEWMGWISPYSGDKNLAPAFQDRVIMTTDTEVPVTS
FTSTGAAYMEIRNLKFDDTGTYFCAKGLLRDGSSTWLPYLWGQGTLLTVSSASTKGPSVFPLAPSSKSTSGGTAALGCLV
KDYFPEPVTVSWNSGALTSGVHTFPAVLQSSGLYSLSSVVTVPSSSLGTQTYICNVNHKPSNTKVDKRVEPKSCDKGLEV
LFQ
;
M,E
4 'polypeptide(L)'
;QSVLTQSASVSGSLGQSVTISCTGPNSVCCSHKSISWYQWPPGRAPTLIIYEDNERAPGISPRFSGYKSYWSAYLTISDL
RPEDETTYYCCSYTHNSGCVFGTGTKVSVLGQSKANPSVTLFPPSSEELQANKATLVCLISDFYPGAVTVAWKADSSPVK
AGVETTTPSKQSNNKYAASSYLSLTPEQWKSHRSYSCQVTHEGSTVEKTVAPTECS
;
N,F
#
# COMPACT_ATOMS: atom_id res chain seq x y z
N GLU A 1 -38.08 -18.85 24.09
CA GLU A 1 -36.72 -18.58 24.57
C GLU A 1 -36.33 -17.13 24.32
N ASN A 2 -35.53 -16.57 25.24
CA ASN A 2 -35.06 -15.21 25.10
C ASN A 2 -33.76 -15.17 24.32
N LEU A 3 -33.83 -14.63 23.11
CA LEU A 3 -32.67 -14.60 22.23
C LEU A 3 -31.93 -13.29 22.35
N TRP A 4 -30.61 -13.34 22.18
CA TRP A 4 -29.74 -12.18 22.32
C TRP A 4 -28.86 -12.01 21.10
N VAL A 5 -28.45 -10.78 20.82
CA VAL A 5 -27.58 -10.52 19.69
C VAL A 5 -26.19 -11.07 19.94
N THR A 6 -25.67 -11.82 18.97
CA THR A 6 -24.31 -12.32 19.05
C THR A 6 -23.52 -11.86 17.84
N VAL A 7 -22.32 -11.37 18.09
CA VAL A 7 -21.45 -10.84 17.05
C VAL A 7 -20.50 -11.89 16.52
N TYR A 8 -20.43 -12.01 15.20
CA TYR A 8 -19.51 -12.93 14.56
C TYR A 8 -18.52 -12.18 13.68
N TYR A 9 -17.26 -12.60 13.72
CA TYR A 9 -16.22 -12.00 12.90
C TYR A 9 -15.55 -13.06 12.05
N GLY A 10 -15.30 -12.77 10.78
CA GLY A 10 -14.77 -13.77 9.86
C GLY A 10 -15.90 -14.44 9.09
N VAL A 11 -17.07 -13.81 9.10
CA VAL A 11 -18.24 -14.32 8.41
C VAL A 11 -18.04 -14.28 6.89
N PRO A 12 -18.25 -15.41 6.16
CA PRO A 12 -18.02 -15.58 4.74
C PRO A 12 -19.07 -14.95 3.84
N VAL A 13 -19.16 -13.62 3.87
CA VAL A 13 -20.12 -12.90 3.03
C VAL A 13 -19.46 -11.79 2.23
N TRP A 14 -20.14 -11.39 1.17
CA TRP A 14 -19.65 -10.32 0.32
C TRP A 14 -20.75 -9.48 -0.28
N ARG A 15 -20.38 -8.31 -0.77
CA ARG A 15 -21.27 -7.45 -1.52
C ARG A 15 -20.56 -6.91 -2.75
N ASP A 16 -21.29 -6.61 -3.79
CA ASP A 16 -20.68 -6.07 -5.00
C ASP A 16 -19.98 -4.76 -4.69
N ALA A 17 -18.78 -4.57 -5.23
CA ALA A 17 -18.06 -3.33 -4.94
C ALA A 17 -17.07 -2.97 -6.04
N ASP A 18 -16.79 -1.67 -6.14
CA ASP A 18 -15.80 -1.14 -7.07
C ASP A 18 -14.57 -0.65 -6.31
N THR A 19 -13.43 -1.30 -6.55
CA THR A 19 -12.20 -0.92 -5.87
C THR A 19 -11.04 -0.87 -6.83
N THR A 20 -10.02 -0.11 -6.47
CA THR A 20 -8.83 0.01 -7.30
C THR A 20 -8.13 -1.33 -7.44
N LEU A 21 -7.87 -1.74 -8.68
CA LEU A 21 -7.13 -2.96 -8.95
C LEU A 21 -5.71 -2.63 -9.37
N PHE A 22 -4.77 -3.50 -9.05
CA PHE A 22 -3.38 -3.26 -9.42
C PHE A 22 -2.83 -4.40 -10.26
N CYS A 23 -1.86 -4.10 -11.11
CA CYS A 23 -1.29 -5.10 -12.00
C CYS A 23 -0.32 -6.02 -11.29
N ALA A 24 -0.24 -7.24 -11.80
CA ALA A 24 0.75 -8.22 -11.39
C ALA A 24 1.20 -9.00 -12.62
N SER A 25 2.44 -9.48 -12.61
CA SER A 25 2.94 -10.21 -13.78
C SER A 25 4.05 -11.18 -13.42
N ASP A 26 4.31 -12.13 -14.32
CA ASP A 26 5.39 -13.08 -14.14
C ASP A 26 6.73 -12.36 -14.11
N ALA A 27 7.64 -12.83 -13.27
CA ALA A 27 8.96 -12.23 -13.17
C ALA A 27 9.73 -12.45 -14.47
N HIS A 35 12.41 -2.40 -23.54
CA HIS A 35 11.54 -1.91 -22.49
C HIS A 35 10.08 -2.01 -22.91
N ASN A 36 9.30 -2.85 -22.25
CA ASN A 36 7.92 -3.00 -22.68
C ASN A 36 7.08 -1.75 -22.40
N VAL A 37 6.23 -1.41 -23.35
CA VAL A 37 5.33 -0.25 -23.25
C VAL A 37 4.38 -0.33 -22.06
N TRP A 38 4.08 -1.54 -21.59
CA TRP A 38 3.11 -1.70 -20.50
C TRP A 38 3.78 -1.60 -19.13
N ALA A 39 5.09 -1.39 -19.11
CA ALA A 39 5.83 -1.21 -17.86
C ALA A 39 5.56 -2.33 -16.86
N THR A 40 5.64 -3.57 -17.32
CA THR A 40 5.33 -4.70 -16.46
C THR A 40 6.35 -4.89 -15.35
N HIS A 41 7.52 -4.27 -15.47
CA HIS A 41 8.53 -4.36 -14.42
C HIS A 41 8.05 -3.67 -13.14
N ALA A 42 7.10 -2.74 -13.28
CA ALA A 42 6.53 -2.02 -12.16
C ALA A 42 5.52 -2.87 -11.39
N CYS A 43 5.06 -3.95 -12.01
CA CYS A 43 4.00 -4.78 -11.47
C CYS A 43 4.49 -5.74 -10.40
N VAL A 44 3.57 -6.15 -9.53
CA VAL A 44 3.87 -7.09 -8.45
C VAL A 44 4.10 -8.49 -9.05
N PRO A 45 5.18 -9.20 -8.68
CA PRO A 45 5.43 -10.56 -9.10
C PRO A 45 4.28 -11.47 -8.74
N THR A 46 3.92 -12.35 -9.65
CA THR A 46 2.84 -13.32 -9.40
C THR A 46 3.24 -14.41 -8.45
N ASP A 47 2.26 -14.93 -7.72
CA ASP A 47 2.45 -16.07 -6.84
C ASP A 47 2.88 -17.28 -7.68
N PRO A 48 3.93 -18.02 -7.28
CA PRO A 48 4.45 -19.19 -7.97
C PRO A 48 3.43 -20.32 -8.05
N ASN A 49 2.45 -20.30 -7.15
CA ASN A 49 1.39 -21.30 -7.14
C ASN A 49 0.05 -20.67 -6.79
N PRO A 50 -0.62 -20.01 -7.74
CA PRO A 50 -1.84 -19.24 -7.56
C PRO A 50 -2.93 -20.13 -6.99
N GLN A 51 -3.74 -19.58 -6.11
CA GLN A 51 -4.81 -20.33 -5.49
C GLN A 51 -6.16 -20.00 -6.10
N GLU A 52 -7.02 -21.00 -6.16
CA GLU A 52 -8.41 -20.82 -6.55
C GLU A 52 -9.29 -21.67 -5.66
N ILE A 53 -10.33 -21.07 -5.09
CA ILE A 53 -11.22 -21.81 -4.20
C ILE A 53 -12.60 -21.96 -4.81
N HIS A 54 -13.03 -23.20 -5.03
CA HIS A 54 -14.38 -23.40 -5.52
C HIS A 54 -15.37 -23.10 -4.42
N LEU A 55 -16.44 -22.38 -4.75
CA LEU A 55 -17.44 -22.09 -3.74
C LEU A 55 -18.65 -23.00 -3.91
N ASP A 56 -18.77 -23.98 -3.04
CA ASP A 56 -19.88 -24.91 -3.12
C ASP A 56 -21.18 -24.20 -2.79
N ASN A 57 -22.26 -24.58 -3.47
CA ASN A 57 -23.60 -24.05 -3.24
C ASN A 57 -23.67 -22.53 -3.43
N VAL A 58 -22.87 -21.98 -4.32
CA VAL A 58 -22.96 -20.55 -4.59
C VAL A 58 -23.33 -20.27 -6.03
N THR A 59 -24.41 -19.52 -6.19
CA THR A 59 -24.84 -19.07 -7.49
C THR A 59 -24.81 -17.56 -7.47
N GLU A 60 -24.21 -16.95 -8.47
CA GLU A 60 -24.04 -15.51 -8.44
C GLU A 60 -24.37 -14.87 -9.77
N LYS A 61 -24.85 -13.63 -9.71
CA LYS A 61 -25.19 -12.89 -10.92
C LYS A 61 -24.01 -12.10 -11.46
N PHE A 62 -23.73 -12.29 -12.74
CA PHE A 62 -22.67 -11.59 -13.43
C PHE A 62 -23.27 -10.72 -14.51
N ASN A 63 -22.61 -9.62 -14.84
CA ASN A 63 -23.02 -8.81 -15.96
C ASN A 63 -21.82 -8.14 -16.60
N MET A 64 -21.33 -8.73 -17.68
CA MET A 64 -20.12 -8.26 -18.34
C MET A 64 -20.26 -6.85 -18.91
N TRP A 65 -21.49 -6.40 -19.12
CA TRP A 65 -21.72 -5.10 -19.74
C TRP A 65 -21.76 -3.98 -18.72
N LYS A 66 -21.85 -4.35 -17.44
CA LYS A 66 -21.85 -3.39 -16.35
C LYS A 66 -20.56 -3.50 -15.53
N ASN A 67 -19.69 -4.40 -15.97
CA ASN A 67 -18.46 -4.71 -15.26
C ASN A 67 -17.50 -3.53 -15.29
N ASN A 68 -17.06 -3.08 -14.13
CA ASN A 68 -16.19 -1.91 -14.05
C ASN A 68 -14.71 -2.29 -14.03
N MET A 69 -14.41 -3.59 -14.11
CA MET A 69 -13.03 -4.01 -14.27
C MET A 69 -12.56 -3.55 -15.64
N VAL A 70 -13.51 -3.53 -16.57
CA VAL A 70 -13.29 -3.12 -17.94
C VAL A 70 -12.91 -1.66 -18.02
N GLU A 71 -13.60 -0.83 -17.24
CA GLU A 71 -13.30 0.58 -17.25
C GLU A 71 -11.92 0.85 -16.68
N GLN A 72 -11.56 0.12 -15.64
CA GLN A 72 -10.23 0.30 -15.07
C GLN A 72 -9.16 -0.21 -16.01
N MET A 73 -9.42 -1.31 -16.70
CA MET A 73 -8.42 -1.80 -17.62
C MET A 73 -8.20 -0.81 -18.73
N HIS A 74 -9.29 -0.21 -19.22
CA HIS A 74 -9.16 0.72 -20.31
C HIS A 74 -8.38 1.95 -19.90
N GLU A 75 -8.66 2.47 -18.71
CA GLU A 75 -7.91 3.63 -18.24
C GLU A 75 -6.43 3.30 -18.02
N ASP A 76 -6.14 2.08 -17.54
CA ASP A 76 -4.76 1.70 -17.34
C ASP A 76 -4.01 1.50 -18.65
N ILE A 77 -4.69 0.96 -19.65
CA ILE A 77 -4.06 0.78 -20.94
C ILE A 77 -3.71 2.12 -21.58
N ILE A 78 -4.61 3.08 -21.47
CA ILE A 78 -4.31 4.40 -22.00
C ILE A 78 -3.23 5.09 -21.18
N SER A 79 -3.31 5.00 -19.86
CA SER A 79 -2.35 5.69 -19.02
C SER A 79 -0.94 5.15 -19.22
N LEU A 80 -0.82 3.84 -19.37
CA LEU A 80 0.49 3.24 -19.61
C LEU A 80 1.03 3.66 -20.96
N TRP A 81 0.14 3.74 -21.95
CA TRP A 81 0.56 4.13 -23.28
C TRP A 81 1.13 5.55 -23.25
N ASP A 82 0.43 6.45 -22.57
CA ASP A 82 0.87 7.84 -22.49
C ASP A 82 2.18 8.00 -21.74
N GLN A 83 2.38 7.22 -20.68
CA GLN A 83 3.61 7.34 -19.91
C GLN A 83 4.82 6.99 -20.75
N SER A 84 4.65 6.01 -21.63
CA SER A 84 5.75 5.54 -22.46
C SER A 84 6.21 6.58 -23.47
N LEU A 85 5.37 7.57 -23.76
CA LEU A 85 5.71 8.57 -24.76
C LEU A 85 6.28 9.86 -24.16
N LYS A 86 6.24 9.98 -22.84
CA LYS A 86 6.70 11.23 -22.23
C LYS A 86 8.19 11.58 -22.42
N PRO A 87 9.14 10.62 -22.38
CA PRO A 87 10.56 10.86 -22.60
C PRO A 87 10.94 10.90 -24.07
N CYS A 88 9.99 10.58 -24.95
CA CYS A 88 10.29 10.35 -26.35
C CYS A 88 10.35 11.64 -27.16
N VAL A 89 10.98 11.56 -28.32
CA VAL A 89 11.22 12.70 -29.19
C VAL A 89 9.96 13.25 -29.83
N LYS A 90 9.76 14.56 -29.71
CA LYS A 90 8.65 15.24 -30.38
C LYS A 90 9.01 15.55 -31.82
N LEU A 91 8.05 15.40 -32.72
CA LEU A 91 8.27 15.65 -34.13
C LEU A 91 7.63 16.94 -34.62
N THR A 92 7.41 17.90 -33.73
CA THR A 92 6.78 19.15 -34.16
C THR A 92 7.53 19.85 -35.30
N PRO A 93 8.89 19.88 -35.34
CA PRO A 93 9.69 20.44 -36.41
C PRO A 93 9.43 19.78 -37.77
N LEU A 94 8.86 18.57 -37.76
CA LEU A 94 8.63 17.87 -39.02
C LEU A 94 7.35 18.30 -39.72
N CYS A 95 6.55 19.13 -39.06
CA CYS A 95 5.41 19.68 -39.76
C CYS A 95 5.86 20.82 -40.66
N VAL A 96 6.37 20.44 -41.81
CA VAL A 96 7.00 21.34 -42.77
C VAL A 96 6.52 20.94 -44.15
N THR A 97 6.45 21.89 -45.07
CA THR A 97 6.03 21.56 -46.42
C THR A 97 6.92 20.46 -46.99
N LEU A 98 6.28 19.41 -47.52
CA LEU A 98 6.99 18.29 -48.13
C LEU A 98 6.86 18.38 -49.64
N HIS A 99 7.91 18.02 -50.36
CA HIS A 99 7.83 17.95 -51.81
C HIS A 99 7.94 16.49 -52.22
N CYS A 100 6.93 15.96 -52.90
CA CYS A 100 6.89 14.52 -53.11
C CYS A 100 6.67 14.12 -54.57
N THR A 101 7.28 12.97 -54.93
CA THR A 101 7.10 12.32 -56.23
C THR A 101 6.88 10.82 -56.01
N ASN A 102 6.44 10.11 -57.06
CA ASN A 102 6.25 8.67 -56.96
C ASN A 102 7.58 7.95 -56.79
N VAL A 103 7.58 6.89 -55.99
CA VAL A 103 8.80 6.13 -55.73
C VAL A 103 9.32 5.43 -56.98
N THR A 104 8.40 4.91 -57.78
CA THR A 104 8.73 4.16 -59.01
C THR A 104 9.74 3.06 -58.71
N ARG A 112 4.91 1.64 -55.79
CA ARG A 112 3.47 1.54 -55.92
C ARG A 112 2.80 2.83 -55.46
N GLU A 113 1.49 2.94 -55.68
CA GLU A 113 0.75 4.14 -55.31
C GLU A 113 0.72 4.41 -53.81
N GLY A 114 0.92 3.36 -53.02
CA GLY A 114 0.87 3.46 -51.57
C GLY A 114 2.04 4.27 -50.98
N LEU A 115 3.13 4.43 -51.74
CA LEU A 115 4.28 5.17 -51.24
C LEU A 115 4.60 6.42 -52.05
N LYS A 116 5.08 7.45 -51.36
CA LYS A 116 5.61 8.63 -52.01
C LYS A 116 7.04 8.90 -51.55
N ASN A 117 7.87 9.38 -52.46
CA ASN A 117 9.24 9.78 -52.14
C ASN A 117 9.28 11.27 -51.87
N CYS A 118 9.42 11.63 -50.59
CA CYS A 118 9.32 13.02 -50.20
C CYS A 118 10.65 13.61 -49.78
N SER A 119 10.79 14.91 -49.98
CA SER A 119 11.98 15.60 -49.50
C SER A 119 11.60 16.89 -48.80
N PHE A 120 12.37 17.23 -47.77
CA PHE A 120 12.08 18.43 -46.99
C PHE A 120 13.28 18.97 -46.23
N ASN A 121 13.18 20.24 -45.83
CA ASN A 121 14.18 20.88 -45.01
C ASN A 121 13.89 20.69 -43.54
N MET A 122 14.83 20.08 -42.81
CA MET A 122 14.63 19.77 -41.40
C MET A 122 15.74 20.41 -40.56
N THR A 123 15.44 20.65 -39.28
CA THR A 123 16.38 21.29 -38.38
C THR A 123 17.54 20.36 -38.04
N THR A 124 18.57 20.94 -37.43
CA THR A 124 19.82 20.25 -37.11
C THR A 124 20.19 20.43 -35.65
N GLU A 125 21.30 19.80 -35.25
CA GLU A 125 21.82 19.93 -33.89
C GLU A 125 22.13 21.39 -33.56
N LEU A 126 22.52 22.15 -34.58
CA LEU A 126 22.81 23.56 -34.42
C LEU A 126 21.60 24.37 -34.86
N ARG A 127 21.20 25.33 -34.04
CA ARG A 127 19.98 26.11 -34.31
C ARG A 127 20.01 26.86 -35.64
N ASP A 128 21.19 27.34 -36.05
CA ASP A 128 21.28 28.14 -37.25
C ASP A 128 21.47 27.34 -38.54
N LYS A 129 21.54 26.02 -38.43
CA LYS A 129 21.79 25.20 -39.62
C LYS A 129 20.59 24.33 -39.98
N ARG A 130 20.46 24.02 -41.26
CA ARG A 130 19.37 23.20 -41.78
C ARG A 130 19.93 22.10 -42.67
N GLN A 131 19.20 21.00 -42.80
CA GLN A 131 19.62 19.90 -43.66
C GLN A 131 18.47 19.41 -44.52
N LYS A 132 18.80 18.92 -45.71
CA LYS A 132 17.78 18.34 -46.58
C LYS A 132 17.65 16.85 -46.31
N VAL A 133 16.43 16.40 -46.13
CA VAL A 133 16.16 15.00 -45.82
C VAL A 133 15.27 14.35 -46.86
N TYR A 134 15.70 13.20 -47.37
CA TYR A 134 14.88 12.40 -48.28
C TYR A 134 14.32 11.22 -47.52
N SER A 135 13.03 10.95 -47.67
CA SER A 135 12.41 9.83 -46.97
C SER A 135 11.19 9.32 -47.71
N LEU A 136 10.82 8.07 -47.44
CA LEU A 136 9.62 7.52 -48.03
C LEU A 136 8.49 7.55 -47.00
N PHE A 137 7.30 7.94 -47.43
CA PHE A 137 6.13 7.92 -46.57
C PHE A 137 5.00 7.14 -47.18
N TYR A 138 4.18 6.53 -46.34
CA TYR A 138 2.96 5.92 -46.79
C TYR A 138 1.97 7.01 -47.13
N ARG A 139 1.21 6.81 -48.19
CA ARG A 139 0.25 7.82 -48.64
C ARG A 139 -0.79 8.15 -47.56
N LEU A 140 -1.09 7.19 -46.69
CA LEU A 140 -2.07 7.40 -45.62
C LEU A 140 -1.64 8.47 -44.63
N ASP A 141 -0.34 8.66 -44.47
CA ASP A 141 0.19 9.61 -43.51
C ASP A 141 0.35 11.00 -44.13
N ILE A 142 0.08 11.08 -45.43
CA ILE A 142 0.31 12.28 -46.21
C ILE A 142 -0.98 12.88 -46.74
N VAL A 143 -1.17 14.18 -46.53
CA VAL A 143 -2.33 14.86 -47.08
C VAL A 143 -1.83 16.04 -47.92
N PRO A 144 -2.40 16.30 -49.11
CA PRO A 144 -2.10 17.44 -49.94
C PRO A 144 -2.34 18.76 -49.25
N ILE A 145 -1.48 19.72 -49.53
CA ILE A 145 -1.63 21.10 -49.09
C ILE A 145 -2.64 21.80 -49.98
N ASN A 146 -3.47 22.65 -49.37
CA ASN A 146 -4.63 23.28 -50.00
C ASN A 146 -4.31 24.09 -51.27
N GLU A 147 -3.03 24.34 -51.53
CA GLU A 147 -2.61 25.00 -52.76
C GLU A 147 -3.00 24.14 -53.96
N ASN A 148 -3.11 22.83 -53.73
CA ASN A 148 -3.55 21.84 -54.71
C ASN A 148 -2.72 21.81 -55.99
N GLN A 149 -1.41 21.98 -55.87
CA GLN A 149 -0.53 21.89 -57.02
C GLN A 149 -0.18 20.42 -57.30
N GLY A 150 -0.41 19.58 -56.30
CA GLY A 150 -0.19 18.14 -56.39
C GLY A 150 1.25 17.73 -56.06
N SER A 151 2.13 18.71 -55.90
CA SER A 151 3.52 18.42 -55.55
C SER A 151 3.83 18.72 -54.09
N GLU A 152 2.95 19.47 -53.43
CA GLU A 152 3.21 19.88 -52.05
C GLU A 152 2.27 19.19 -51.06
N TYR A 153 2.88 18.60 -50.03
CA TYR A 153 2.16 17.79 -49.06
C TYR A 153 2.58 18.08 -47.63
N ARG A 154 1.78 17.63 -46.68
CA ARG A 154 2.11 17.74 -45.26
C ARG A 154 1.70 16.47 -44.52
N LEU A 155 2.25 16.26 -43.32
CA LEU A 155 1.84 15.10 -42.54
C LEU A 155 0.38 15.27 -42.13
N ILE A 156 -0.38 14.19 -42.17
CA ILE A 156 -1.82 14.25 -42.02
C ILE A 156 -2.34 14.82 -40.71
N ASN A 157 -1.60 14.70 -39.62
CA ASN A 157 -2.10 15.22 -38.35
C ASN A 157 -1.55 16.59 -37.94
N CYS A 158 -0.82 17.27 -38.83
CA CYS A 158 -0.26 18.57 -38.45
C CYS A 158 -1.33 19.61 -38.15
N ASN A 159 -2.53 19.45 -38.70
CA ASN A 159 -3.58 20.43 -38.42
C ASN A 159 -4.44 20.05 -37.21
N THR A 160 -4.19 18.91 -36.58
CA THR A 160 -5.04 18.52 -35.45
C THR A 160 -4.28 18.24 -34.16
N SER A 161 -3.01 17.88 -34.25
CA SER A 161 -2.28 17.49 -33.05
C SER A 161 -0.77 17.55 -33.19
N ALA A 162 -0.10 17.64 -32.04
CA ALA A 162 1.34 17.42 -32.00
C ALA A 162 1.60 15.95 -32.29
N ILE A 163 2.71 15.66 -32.95
CA ILE A 163 3.06 14.28 -33.24
C ILE A 163 4.30 13.87 -32.46
N THR A 164 4.22 12.78 -31.69
CA THR A 164 5.35 12.30 -30.92
C THR A 164 5.87 10.98 -31.47
N GLN A 165 7.18 10.88 -31.65
CA GLN A 165 7.77 9.63 -32.13
C GLN A 165 7.83 8.62 -31.02
N ALA A 166 7.41 7.39 -31.27
CA ALA A 166 7.57 6.37 -30.26
C ALA A 166 9.03 6.06 -30.08
N CYS A 167 9.46 5.79 -28.86
CA CYS A 167 10.85 5.43 -28.65
C CYS A 167 11.13 4.08 -29.30
N PRO A 168 12.21 3.94 -30.07
CA PRO A 168 12.60 2.74 -30.79
C PRO A 168 12.98 1.60 -29.85
N LYS A 169 13.31 1.97 -28.62
CA LYS A 169 13.72 1.01 -27.59
C LYS A 169 12.52 0.39 -26.89
N VAL A 170 11.33 0.94 -27.12
CA VAL A 170 10.13 0.46 -26.44
C VAL A 170 9.36 -0.54 -27.27
N SER A 171 9.18 -1.72 -26.72
CA SER A 171 8.44 -2.78 -27.39
C SER A 171 6.96 -2.62 -27.19
N PHE A 172 6.18 -2.93 -28.22
CA PHE A 172 4.73 -2.91 -28.10
C PHE A 172 4.16 -4.31 -27.97
N GLU A 173 5.03 -5.31 -27.79
CA GLU A 173 4.56 -6.68 -27.70
C GLU A 173 3.71 -6.84 -26.43
N PRO A 174 2.52 -7.47 -26.52
CA PRO A 174 1.69 -7.81 -25.39
C PRO A 174 2.39 -8.74 -24.41
N ILE A 175 2.21 -8.45 -23.13
CA ILE A 175 2.63 -9.31 -22.05
C ILE A 175 1.39 -9.52 -21.18
N PRO A 176 1.04 -10.75 -20.79
CA PRO A 176 -0.11 -11.01 -19.97
C PRO A 176 -0.03 -10.18 -18.69
N ILE A 177 -1.14 -9.55 -18.34
CA ILE A 177 -1.23 -8.79 -17.11
C ILE A 177 -2.30 -9.37 -16.21
N HIS A 178 -1.93 -9.76 -15.01
CA HIS A 178 -2.90 -10.26 -14.05
C HIS A 178 -3.46 -9.05 -13.31
N TYR A 179 -4.75 -9.04 -13.06
CA TYR A 179 -5.31 -7.95 -12.26
C TYR A 179 -5.64 -8.44 -10.87
N CYS A 180 -5.11 -7.75 -9.87
CA CYS A 180 -5.28 -8.16 -8.49
C CYS A 180 -6.07 -7.14 -7.70
N THR A 181 -6.78 -7.63 -6.69
CA THR A 181 -7.60 -6.77 -5.86
C THR A 181 -6.94 -6.66 -4.46
N PRO A 182 -7.13 -5.55 -3.72
CA PRO A 182 -6.65 -5.33 -2.38
C PRO A 182 -7.16 -6.36 -1.39
N ALA A 183 -6.41 -6.62 -0.34
CA ALA A 183 -6.87 -7.54 0.67
C ALA A 183 -8.17 -7.00 1.26
N GLY A 184 -9.08 -7.90 1.61
CA GLY A 184 -10.41 -7.53 2.08
C GLY A 184 -11.41 -7.50 0.93
N PHE A 185 -10.90 -7.68 -0.29
CA PHE A 185 -11.70 -7.77 -1.50
C PHE A 185 -11.33 -9.05 -2.22
N ALA A 186 -12.23 -9.55 -3.07
CA ALA A 186 -11.93 -10.78 -3.79
C ALA A 186 -12.53 -10.74 -5.17
N ILE A 187 -11.97 -11.53 -6.09
CA ILE A 187 -12.53 -11.61 -7.43
C ILE A 187 -13.21 -12.95 -7.65
N LEU A 188 -14.49 -12.92 -7.99
CA LEU A 188 -15.22 -14.14 -8.27
C LEU A 188 -15.05 -14.50 -9.74
N LYS A 189 -14.92 -15.78 -10.03
CA LYS A 189 -14.79 -16.23 -11.40
C LYS A 189 -15.87 -17.23 -11.77
N CYS A 190 -16.52 -17.02 -12.90
CA CYS A 190 -17.51 -17.96 -13.41
C CYS A 190 -16.84 -19.11 -14.16
N LYS A 191 -17.15 -20.34 -13.76
CA LYS A 191 -16.54 -21.52 -14.36
C LYS A 191 -17.47 -22.31 -15.28
N ASP A 192 -18.67 -21.81 -15.54
CA ASP A 192 -19.62 -22.56 -16.35
C ASP A 192 -19.04 -22.85 -17.74
N GLU A 193 -19.34 -24.04 -18.28
CA GLU A 193 -18.79 -24.49 -19.55
C GLU A 193 -19.17 -23.57 -20.69
N GLY A 194 -20.34 -22.96 -20.59
CA GLY A 194 -20.74 -21.93 -21.53
C GLY A 194 -21.39 -20.82 -20.73
N PHE A 195 -21.10 -19.59 -21.10
CA PHE A 195 -21.64 -18.46 -20.36
C PHE A 195 -21.72 -17.22 -21.22
N ASN A 196 -22.87 -16.55 -21.17
CA ASN A 196 -23.14 -15.39 -22.00
C ASN A 196 -22.51 -14.12 -21.42
N GLY A 197 -21.95 -14.25 -20.23
CA GLY A 197 -21.37 -13.10 -19.52
C GLY A 197 -22.43 -12.36 -18.73
N THR A 198 -23.67 -12.84 -18.83
CA THR A 198 -24.79 -12.26 -18.10
C THR A 198 -25.59 -13.36 -17.44
N GLY A 199 -26.42 -12.99 -16.48
CA GLY A 199 -27.28 -13.95 -15.82
C GLY A 199 -26.52 -14.70 -14.74
N LEU A 200 -27.14 -15.74 -14.22
CA LEU A 200 -26.59 -16.49 -13.10
C LEU A 200 -25.57 -17.53 -13.51
N CYS A 201 -24.46 -17.59 -12.78
CA CYS A 201 -23.43 -18.58 -12.99
C CYS A 201 -23.48 -19.64 -11.89
N LYS A 202 -23.64 -20.90 -12.28
CA LYS A 202 -23.77 -21.97 -11.29
C LYS A 202 -22.46 -22.35 -10.61
N ASN A 203 -21.38 -22.38 -11.37
CA ASN A 203 -20.07 -22.75 -10.82
C ASN A 203 -19.22 -21.52 -10.57
N VAL A 204 -19.07 -21.15 -9.31
CA VAL A 204 -18.35 -19.94 -8.96
C VAL A 204 -17.14 -20.26 -8.09
N SER A 205 -16.00 -19.64 -8.38
CA SER A 205 -14.80 -19.82 -7.59
C SER A 205 -14.14 -18.48 -7.29
N THR A 206 -13.31 -18.44 -6.25
CA THR A 206 -12.68 -17.19 -5.85
C THR A 206 -11.18 -17.18 -6.07
N VAL A 207 -10.69 -16.08 -6.67
CA VAL A 207 -9.27 -15.85 -6.87
C VAL A 207 -8.88 -14.46 -6.39
N GLN A 208 -7.65 -14.30 -5.91
CA GLN A 208 -7.16 -12.98 -5.56
C GLN A 208 -6.87 -12.15 -6.81
N CYS A 209 -6.50 -12.83 -7.89
CA CYS A 209 -6.12 -12.18 -9.12
C CYS A 209 -6.70 -12.90 -10.34
N THR A 210 -6.82 -12.19 -11.45
CA THR A 210 -7.30 -12.80 -12.68
C THR A 210 -6.18 -13.59 -13.32
N HIS A 211 -6.52 -14.42 -14.29
CA HIS A 211 -5.48 -15.03 -15.11
C HIS A 211 -4.86 -13.91 -15.91
N GLY A 212 -3.65 -14.11 -16.41
CA GLY A 212 -3.03 -13.03 -17.15
C GLY A 212 -3.81 -12.74 -18.41
N ILE A 213 -4.01 -11.45 -18.68
CA ILE A 213 -4.70 -11.01 -19.88
C ILE A 213 -3.76 -10.19 -20.74
N LYS A 214 -3.53 -10.62 -21.97
CA LYS A 214 -2.71 -9.83 -22.86
C LYS A 214 -3.50 -8.62 -23.33
N PRO A 215 -2.94 -7.41 -23.33
CA PRO A 215 -3.45 -6.30 -24.07
C PRO A 215 -3.39 -6.63 -25.55
N VAL A 216 -4.50 -6.52 -26.24
CA VAL A 216 -4.52 -6.72 -27.67
C VAL A 216 -5.32 -5.61 -28.29
N VAL A 217 -4.77 -4.96 -29.30
CA VAL A 217 -5.53 -3.92 -29.96
C VAL A 217 -5.98 -4.36 -31.33
N SER A 218 -7.29 -4.38 -31.52
CA SER A 218 -7.89 -4.75 -32.79
C SER A 218 -9.25 -4.12 -32.95
N THR A 219 -9.72 -4.00 -34.18
CA THR A 219 -11.00 -3.33 -34.44
C THR A 219 -12.13 -4.23 -34.93
N GLN A 220 -11.80 -5.37 -35.55
CA GLN A 220 -12.87 -6.22 -36.06
C GLN A 220 -12.76 -7.65 -35.56
N LEU A 221 -11.54 -8.17 -35.51
CA LEU A 221 -11.31 -9.53 -35.06
C LEU A 221 -10.57 -9.50 -33.73
N LEU A 222 -10.90 -10.42 -32.85
CA LEU A 222 -10.18 -10.52 -31.60
C LEU A 222 -9.07 -11.54 -31.75
N LEU A 223 -7.84 -11.12 -31.46
CA LEU A 223 -6.69 -12.00 -31.64
C LEU A 223 -6.12 -12.48 -30.32
N ASN A 224 -5.70 -13.74 -30.30
CA ASN A 224 -4.99 -14.35 -29.19
C ASN A 224 -5.74 -14.26 -27.85
N GLY A 225 -7.07 -14.37 -27.90
CA GLY A 225 -7.88 -14.36 -26.68
C GLY A 225 -8.19 -15.78 -26.22
N SER A 226 -9.04 -15.88 -25.21
CA SER A 226 -9.48 -17.18 -24.70
C SER A 226 -10.41 -17.88 -25.69
N LEU A 227 -10.34 -19.20 -25.73
CA LEU A 227 -11.21 -20.01 -26.57
C LEU A 227 -12.37 -20.63 -25.80
N ALA A 228 -13.52 -20.78 -26.45
CA ALA A 228 -14.66 -21.46 -25.85
C ALA A 228 -14.35 -22.95 -25.69
N GLU A 229 -14.79 -23.55 -24.60
CA GLU A 229 -14.48 -24.95 -24.34
C GLU A 229 -15.17 -25.96 -25.27
N LYS A 230 -16.44 -25.73 -25.59
CA LYS A 230 -17.19 -26.72 -26.38
C LYS A 230 -17.90 -26.15 -27.60
N ASN A 231 -18.53 -24.99 -27.44
CA ASN A 231 -19.38 -24.43 -28.49
C ASN A 231 -19.17 -22.94 -28.61
N ILE A 232 -19.53 -22.39 -29.76
CA ILE A 232 -19.37 -20.96 -29.97
C ILE A 232 -20.32 -20.18 -29.11
N ILE A 233 -19.80 -19.18 -28.41
CA ILE A 233 -20.61 -18.39 -27.51
C ILE A 233 -20.82 -17.00 -28.07
N ILE A 234 -22.07 -16.61 -28.21
CA ILE A 234 -22.41 -15.30 -28.73
C ILE A 234 -22.93 -14.42 -27.61
N ARG A 235 -22.31 -13.27 -27.42
CA ARG A 235 -22.64 -12.42 -26.29
C ARG A 235 -23.09 -11.03 -26.72
N SER A 236 -24.18 -10.56 -26.12
CA SER A 236 -24.68 -9.22 -26.34
C SER A 236 -25.51 -8.75 -25.17
N GLU A 237 -25.49 -7.45 -24.91
CA GLU A 237 -26.34 -6.86 -23.89
C GLU A 237 -27.81 -7.04 -24.25
N ASN A 238 -28.09 -7.05 -25.54
CA ASN A 238 -29.42 -7.21 -26.08
C ASN A 238 -29.36 -7.71 -27.51
N ILE A 239 -29.54 -9.01 -27.69
CA ILE A 239 -29.34 -9.62 -29.00
C ILE A 239 -30.32 -9.08 -30.05
N THR A 240 -31.45 -8.52 -29.61
CA THR A 240 -32.44 -8.02 -30.55
C THR A 240 -32.22 -6.55 -30.91
N ASN A 241 -31.30 -5.89 -30.20
CA ASN A 241 -31.02 -4.48 -30.43
C ASN A 241 -29.80 -4.33 -31.33
N ASN A 242 -30.01 -3.83 -32.54
CA ASN A 242 -28.94 -3.76 -33.53
C ASN A 242 -27.84 -2.78 -33.13
N ALA A 243 -28.15 -1.85 -32.23
CA ALA A 243 -27.17 -0.88 -31.74
C ALA A 243 -26.06 -1.55 -30.95
N LYS A 244 -26.36 -2.70 -30.34
CA LYS A 244 -25.43 -3.37 -29.46
C LYS A 244 -24.39 -4.18 -30.23
N ILE A 245 -23.20 -4.28 -29.66
CA ILE A 245 -22.11 -4.97 -30.31
C ILE A 245 -22.07 -6.43 -29.89
N ILE A 246 -22.08 -7.33 -30.86
CA ILE A 246 -22.09 -8.75 -30.59
C ILE A 246 -20.69 -9.32 -30.54
N ILE A 247 -20.34 -9.96 -29.43
CA ILE A 247 -19.02 -10.56 -29.28
C ILE A 247 -19.13 -12.07 -29.46
N VAL A 248 -18.40 -12.61 -30.41
CA VAL A 248 -18.45 -14.04 -30.70
C VAL A 248 -17.15 -14.71 -30.30
N GLN A 249 -17.23 -15.71 -29.42
CA GLN A 249 -16.04 -16.43 -29.01
C GLN A 249 -15.95 -17.79 -29.69
N LEU A 250 -14.82 -18.06 -30.33
CA LEU A 250 -14.66 -19.28 -31.10
C LEU A 250 -14.11 -20.44 -30.27
N VAL A 251 -14.55 -21.66 -30.59
CA VAL A 251 -14.04 -22.88 -29.94
C VAL A 251 -12.62 -23.19 -30.37
N GLN A 252 -12.37 -23.04 -31.66
CA GLN A 252 -11.05 -23.29 -32.20
C GLN A 252 -10.55 -22.04 -32.88
N PRO A 253 -9.26 -21.75 -32.81
CA PRO A 253 -8.63 -20.61 -33.42
C PRO A 253 -8.57 -20.77 -34.92
N VAL A 254 -8.60 -19.65 -35.63
CA VAL A 254 -8.26 -19.70 -37.03
C VAL A 254 -6.98 -18.93 -37.24
N THR A 255 -5.96 -19.61 -37.74
CA THR A 255 -4.67 -18.98 -37.87
C THR A 255 -4.70 -17.90 -38.94
N ILE A 256 -4.20 -16.72 -38.60
CA ILE A 256 -4.01 -15.66 -39.56
C ILE A 256 -2.54 -15.30 -39.61
N LYS A 257 -1.99 -15.22 -40.80
CA LYS A 257 -0.58 -14.91 -40.95
C LYS A 257 -0.43 -13.64 -41.75
N CYS A 258 0.52 -12.79 -41.36
CA CYS A 258 0.68 -11.49 -42.00
C CYS A 258 2.12 -11.23 -42.41
N ILE A 259 2.28 -10.54 -43.53
CA ILE A 259 3.59 -10.20 -44.03
C ILE A 259 3.68 -8.78 -44.58
N ARG A 260 4.84 -8.16 -44.39
CA ARG A 260 5.20 -6.93 -45.09
C ARG A 260 6.42 -7.22 -45.96
N PRO A 261 6.23 -7.58 -47.24
CA PRO A 261 7.24 -8.06 -48.18
C PRO A 261 8.38 -7.08 -48.45
N ASN A 262 8.14 -5.79 -48.19
CA ASN A 262 9.14 -4.77 -48.48
C ASN A 262 10.30 -4.83 -47.50
N ASN A 263 11.51 -4.78 -48.05
CA ASN A 263 12.70 -4.72 -47.21
C ASN A 263 13.13 -3.28 -46.98
N ASN A 264 12.68 -2.71 -45.87
CA ASN A 264 12.96 -1.30 -45.59
C ASN A 264 14.35 -1.09 -45.02
N THR A 265 15.03 -0.06 -45.52
CA THR A 265 16.28 0.38 -44.94
C THR A 265 16.02 1.63 -44.11
N VAL A 266 16.26 1.53 -42.82
CA VAL A 266 15.98 2.61 -41.89
C VAL A 266 17.18 3.48 -41.63
N LYS A 267 17.00 4.79 -41.79
CA LYS A 267 18.05 5.76 -41.60
C LYS A 267 17.68 6.72 -40.49
N SER A 268 18.68 7.31 -39.83
CA SER A 268 18.39 8.24 -38.75
C SER A 268 19.07 9.59 -38.93
N ILE A 269 18.29 10.64 -38.78
CA ILE A 269 18.75 12.03 -38.87
C ILE A 269 18.41 12.81 -37.62
N ARG A 270 19.37 13.55 -37.09
CA ARG A 270 19.12 14.35 -35.89
C ARG A 270 18.19 15.52 -36.16
N ILE A 271 17.21 15.72 -35.28
CA ILE A 271 16.35 16.89 -35.32
C ILE A 271 16.98 18.06 -34.58
N GLY A 272 17.58 17.72 -33.45
CA GLY A 272 18.18 18.69 -32.54
C GLY A 272 18.87 17.91 -31.43
N PRO A 273 19.47 18.60 -30.45
CA PRO A 273 20.21 17.99 -29.37
C PRO A 273 19.35 17.02 -28.60
N GLY A 274 19.87 15.81 -28.39
CA GLY A 274 19.16 14.80 -27.60
C GLY A 274 18.04 14.11 -28.37
N GLN A 275 17.89 14.45 -29.65
CA GLN A 275 16.77 13.93 -30.45
C GLN A 275 17.24 13.24 -31.73
N ALA A 276 16.40 12.35 -32.24
CA ALA A 276 16.65 11.71 -33.53
C ALA A 276 15.35 11.31 -34.19
N PHE A 277 15.35 11.34 -35.53
CA PHE A 277 14.19 10.92 -36.32
C PHE A 277 14.51 9.69 -37.14
N TYR A 278 13.65 8.68 -37.06
CA TYR A 278 13.85 7.45 -37.82
C TYR A 278 12.87 7.36 -38.98
N TYR A 279 13.39 7.02 -40.15
CA TYR A 279 12.55 6.91 -41.34
C TYR A 279 13.08 5.90 -42.34
N THR A 280 12.22 5.42 -43.23
CA THR A 280 12.68 4.54 -44.29
C THR A 280 13.28 5.38 -45.40
N GLY A 281 14.55 5.19 -45.68
CA GLY A 281 15.20 5.96 -46.73
C GLY A 281 15.20 5.22 -48.06
N ASP A 282 15.17 3.90 -48.01
CA ASP A 282 15.22 3.09 -49.22
C ASP A 282 14.48 1.78 -49.07
N ILE A 283 14.04 1.22 -50.19
CA ILE A 283 13.49 -0.13 -50.24
C ILE A 283 14.32 -1.02 -51.15
N ILE A 284 14.72 -2.16 -50.63
CA ILE A 284 15.51 -3.11 -51.40
C ILE A 284 14.62 -4.15 -52.06
N GLY A 285 14.78 -4.31 -53.37
CA GLY A 285 13.94 -5.20 -54.14
C GLY A 285 12.65 -4.49 -54.56
N ASP A 286 11.72 -5.24 -55.14
CA ASP A 286 10.49 -4.65 -55.66
C ASP A 286 9.58 -4.23 -54.51
N ILE A 287 8.62 -3.37 -54.83
CA ILE A 287 7.67 -2.87 -53.85
C ILE A 287 6.34 -3.61 -53.97
N ARG A 288 5.92 -4.24 -52.89
CA ARG A 288 4.71 -5.06 -52.91
C ARG A 288 3.80 -4.69 -51.74
N GLN A 289 2.50 -4.82 -51.96
CA GLN A 289 1.52 -4.48 -50.93
C GLN A 289 1.51 -5.50 -49.79
N ALA A 290 1.46 -4.99 -48.56
CA ALA A 290 1.35 -5.82 -47.37
C ALA A 290 0.04 -6.59 -47.38
N HIS A 291 0.04 -7.80 -46.85
CA HIS A 291 -1.18 -8.59 -46.84
C HIS A 291 -1.22 -9.64 -45.73
N CYS A 292 -2.43 -10.10 -45.42
CA CYS A 292 -2.63 -11.18 -44.46
C CYS A 292 -3.51 -12.27 -45.02
N ASN A 293 -3.19 -13.52 -44.71
CA ASN A 293 -3.98 -14.63 -45.23
C ASN A 293 -4.64 -15.45 -44.13
N VAL A 294 -5.85 -15.91 -44.42
CA VAL A 294 -6.58 -16.83 -43.57
C VAL A 294 -6.94 -18.07 -44.38
N THR A 295 -6.66 -19.26 -43.84
CA THR A 295 -6.97 -20.48 -44.60
C THR A 295 -8.46 -20.55 -44.90
N ARG A 296 -8.81 -20.76 -46.17
CA ARG A 296 -10.20 -20.72 -46.58
C ARG A 296 -11.06 -21.80 -45.94
N SER A 297 -10.54 -23.02 -45.88
CA SER A 297 -11.34 -24.11 -45.36
C SER A 297 -11.64 -23.95 -43.87
N ARG A 298 -10.66 -23.45 -43.13
CA ARG A 298 -10.85 -23.28 -41.70
C ARG A 298 -11.78 -22.12 -41.40
N TRP A 299 -11.65 -21.05 -42.19
CA TRP A 299 -12.51 -19.90 -42.00
C TRP A 299 -13.94 -20.22 -42.36
N ASN A 300 -14.13 -21.01 -43.41
CA ASN A 300 -15.48 -21.35 -43.86
C ASN A 300 -16.21 -22.15 -42.80
N LYS A 301 -15.48 -23.07 -42.16
CA LYS A 301 -16.06 -23.87 -41.11
C LYS A 301 -16.47 -22.97 -39.96
N THR A 302 -15.64 -21.98 -39.67
CA THR A 302 -15.93 -21.04 -38.60
C THR A 302 -17.18 -20.23 -38.89
N LEU A 303 -17.31 -19.74 -40.12
CA LEU A 303 -18.49 -18.94 -40.44
C LEU A 303 -19.76 -19.75 -40.37
N GLN A 304 -19.69 -21.01 -40.81
CA GLN A 304 -20.87 -21.86 -40.75
C GLN A 304 -21.32 -22.07 -39.32
N GLU A 305 -20.36 -22.35 -38.44
CA GLU A 305 -20.69 -22.61 -37.06
C GLU A 305 -21.24 -21.36 -36.36
N VAL A 306 -20.72 -20.19 -36.72
CA VAL A 306 -21.26 -18.97 -36.17
C VAL A 306 -22.69 -18.76 -36.65
N ALA A 307 -22.93 -19.01 -37.92
CA ALA A 307 -24.27 -18.88 -38.48
C ALA A 307 -25.24 -19.84 -37.82
N GLU A 308 -24.79 -21.06 -37.52
CA GLU A 308 -25.67 -22.02 -36.87
C GLU A 308 -26.11 -21.53 -35.51
N LYS A 309 -25.19 -20.89 -34.79
CA LYS A 309 -25.52 -20.36 -33.48
C LYS A 309 -26.42 -19.13 -33.58
N LEU A 310 -26.15 -18.25 -34.55
CA LEU A 310 -26.98 -17.05 -34.73
C LEU A 310 -28.42 -17.38 -35.06
N ARG A 311 -28.63 -18.45 -35.81
CA ARG A 311 -29.97 -18.84 -36.19
C ARG A 311 -30.85 -19.17 -34.98
N THR A 312 -30.24 -19.50 -33.84
CA THR A 312 -31.03 -19.85 -32.66
C THR A 312 -31.58 -18.61 -31.97
N TYR A 313 -31.04 -17.44 -32.31
CA TYR A 313 -31.52 -16.18 -31.74
C TYR A 313 -32.44 -15.45 -32.71
N PHE A 314 -32.26 -15.74 -33.99
CA PHE A 314 -32.95 -14.97 -35.03
C PHE A 314 -34.02 -15.73 -35.82
N GLY A 315 -34.56 -16.80 -35.24
CA GLY A 315 -35.72 -17.43 -35.86
C GLY A 315 -35.41 -18.28 -37.09
N ASN A 316 -34.16 -18.73 -37.22
CA ASN A 316 -33.69 -19.49 -38.36
C ASN A 316 -33.78 -18.73 -39.69
N LYS A 317 -33.63 -17.41 -39.60
CA LYS A 317 -33.49 -16.59 -40.80
C LYS A 317 -32.13 -16.86 -41.43
N THR A 318 -32.05 -16.78 -42.76
CA THR A 318 -30.76 -16.98 -43.44
C THR A 318 -29.74 -15.97 -42.94
N ILE A 319 -28.53 -16.45 -42.63
CA ILE A 319 -27.51 -15.57 -42.07
C ILE A 319 -26.58 -15.02 -43.14
N ILE A 320 -26.50 -13.70 -43.20
CA ILE A 320 -25.71 -13.01 -44.19
C ILE A 320 -24.59 -12.21 -43.55
N PHE A 321 -23.39 -12.39 -44.05
CA PHE A 321 -22.29 -11.58 -43.59
C PHE A 321 -21.97 -10.56 -44.66
N ALA A 322 -21.54 -9.37 -44.25
CA ALA A 322 -21.20 -8.32 -45.20
C ALA A 322 -20.12 -7.41 -44.64
N GLN A 323 -19.42 -6.72 -45.52
CA GLN A 323 -18.38 -5.77 -45.15
C GLN A 323 -18.97 -4.51 -44.52
N SER A 324 -18.17 -3.77 -43.76
CA SER A 324 -18.67 -2.54 -43.15
C SER A 324 -19.16 -1.55 -44.18
N SER A 325 -20.25 -0.86 -43.83
CA SER A 325 -20.89 0.10 -44.72
C SER A 325 -20.10 1.38 -44.95
N GLY A 326 -19.13 1.67 -44.09
CA GLY A 326 -18.40 2.93 -44.25
C GLY A 326 -17.78 3.44 -42.96
N GLY A 327 -17.30 4.69 -43.02
CA GLY A 327 -16.59 5.30 -41.89
C GLY A 327 -15.08 5.29 -42.10
N ASP A 328 -14.35 5.74 -41.08
CA ASP A 328 -12.90 5.90 -41.12
C ASP A 328 -12.16 4.58 -41.35
N LEU A 329 -10.93 4.66 -41.82
CA LEU A 329 -10.10 3.48 -42.03
C LEU A 329 -10.01 2.65 -40.75
N GLU A 330 -9.95 3.32 -39.61
CA GLU A 330 -9.85 2.62 -38.33
C GLU A 330 -11.11 1.80 -38.01
N ILE A 331 -12.23 2.18 -38.62
CA ILE A 331 -13.50 1.49 -38.42
C ILE A 331 -13.73 0.39 -39.45
N THR A 332 -13.46 0.71 -40.72
CA THR A 332 -13.78 -0.19 -41.82
C THR A 332 -12.78 -1.31 -42.03
N THR A 333 -11.62 -1.20 -41.41
CA THR A 333 -10.58 -2.22 -41.57
C THR A 333 -10.12 -2.80 -40.25
N HIS A 334 -9.43 -3.92 -40.32
CA HIS A 334 -8.91 -4.61 -39.15
C HIS A 334 -7.54 -4.09 -38.78
N SER A 335 -7.49 -3.29 -37.72
CA SER A 335 -6.22 -2.74 -37.27
C SER A 335 -5.51 -3.70 -36.36
N PHE A 336 -4.18 -3.78 -36.45
CA PHE A 336 -3.40 -4.51 -35.45
C PHE A 336 -1.93 -4.12 -35.48
N ASN A 337 -1.23 -4.45 -34.39
CA ASN A 337 0.21 -4.18 -34.29
C ASN A 337 1.03 -5.42 -34.61
N CYS A 338 1.71 -5.39 -35.75
CA CYS A 338 2.53 -6.52 -36.22
C CYS A 338 3.98 -6.09 -36.43
N GLY A 339 4.86 -6.54 -35.54
CA GLY A 339 6.28 -6.24 -35.67
C GLY A 339 6.59 -4.81 -35.24
N GLY A 340 5.60 -4.16 -34.65
CA GLY A 340 5.68 -2.76 -34.28
C GLY A 340 5.08 -1.87 -35.38
N GLU A 341 4.78 -2.45 -36.53
CA GLU A 341 4.12 -1.71 -37.60
C GLU A 341 2.62 -1.79 -37.43
N PHE A 342 1.92 -0.73 -37.77
CA PHE A 342 0.47 -0.75 -37.64
C PHE A 342 -0.21 -1.03 -38.97
N PHE A 343 -0.86 -2.18 -39.04
CA PHE A 343 -1.52 -2.67 -40.24
C PHE A 343 -3.00 -2.34 -40.21
N TYR A 344 -3.55 -2.10 -41.39
CA TYR A 344 -4.99 -1.98 -41.59
C TYR A 344 -5.41 -2.89 -42.73
N CYS A 345 -6.20 -3.92 -42.44
CA CYS A 345 -6.50 -4.92 -43.46
C CYS A 345 -7.95 -4.94 -43.88
N ASN A 346 -8.17 -5.20 -45.16
CA ASN A 346 -9.50 -5.28 -45.75
C ASN A 346 -10.10 -6.66 -45.51
N THR A 347 -11.11 -6.73 -44.66
CA THR A 347 -11.69 -7.99 -44.21
C THR A 347 -12.87 -8.44 -45.04
N SER A 348 -13.13 -7.79 -46.15
CA SER A 348 -14.28 -8.18 -46.95
C SER A 348 -14.13 -9.61 -47.45
N GLY A 349 -12.88 -10.11 -47.51
CA GLY A 349 -12.60 -11.49 -47.91
C GLY A 349 -13.12 -12.50 -46.89
N LEU A 350 -13.34 -12.03 -45.66
CA LEU A 350 -13.77 -12.91 -44.60
C LEU A 350 -15.27 -12.88 -44.38
N PHE A 351 -15.92 -11.79 -44.75
CA PHE A 351 -17.33 -11.58 -44.41
C PHE A 351 -18.26 -11.45 -45.62
N ASN A 352 -17.99 -12.19 -46.67
CA ASN A 352 -18.75 -12.08 -47.92
C ASN A 352 -19.78 -13.19 -48.11
N SER A 353 -19.90 -14.09 -47.13
CA SER A 353 -20.73 -15.28 -47.29
C SER A 353 -22.21 -15.12 -46.96
N THR A 354 -23.04 -16.01 -47.54
CA THR A 354 -24.44 -16.17 -47.14
C THR A 354 -24.69 -17.63 -46.76
N TRP A 355 -25.26 -17.85 -45.56
CA TRP A 355 -25.47 -19.21 -45.06
C TRP A 355 -26.93 -19.59 -44.93
N TYR A 356 -27.37 -20.47 -45.81
CA TYR A 356 -28.74 -20.96 -45.85
C TYR A 356 -28.96 -22.02 -44.79
N VAL A 357 -30.21 -22.16 -44.34
CA VAL A 357 -30.55 -23.13 -43.32
C VAL A 357 -30.19 -24.55 -43.74
N ASN A 358 -30.36 -24.85 -45.02
CA ASN A 358 -30.05 -26.17 -45.55
C ASN A 358 -28.72 -26.69 -45.00
N ASP A 372 -6.93 -23.78 -50.44
CA ASP A 372 -6.22 -22.53 -50.66
C ASP A 372 -6.52 -21.53 -49.54
N THR A 373 -6.13 -20.28 -49.73
CA THR A 373 -6.26 -19.28 -48.69
C THR A 373 -6.97 -18.02 -49.16
N ILE A 374 -7.47 -17.25 -48.20
CA ILE A 374 -8.10 -15.97 -48.47
C ILE A 374 -7.10 -14.86 -48.23
N THR A 375 -6.76 -14.11 -49.28
CA THR A 375 -5.78 -13.04 -49.10
C THR A 375 -6.47 -11.72 -48.85
N LEU A 376 -6.09 -11.07 -47.76
CA LEU A 376 -6.62 -9.78 -47.38
C LEU A 376 -5.58 -8.70 -47.67
N PRO A 377 -5.84 -7.74 -48.55
CA PRO A 377 -5.00 -6.59 -48.80
C PRO A 377 -4.85 -5.78 -47.53
N CYS A 378 -3.66 -5.24 -47.30
CA CYS A 378 -3.46 -4.39 -46.12
C CYS A 378 -2.71 -3.12 -46.45
N ARG A 379 -2.84 -2.16 -45.55
CA ARG A 379 -2.10 -0.90 -45.65
C ARG A 379 -1.38 -0.66 -44.34
N ILE A 380 -0.27 0.07 -44.41
CA ILE A 380 0.47 0.41 -43.21
C ILE A 380 0.52 1.91 -43.02
N LYS A 381 0.25 2.35 -41.79
CA LYS A 381 0.20 3.78 -41.49
C LYS A 381 1.11 4.06 -40.30
N GLN A 382 2.02 5.04 -40.45
CA GLN A 382 2.95 5.35 -39.36
C GLN A 382 2.38 6.32 -38.33
N ILE A 383 1.41 7.15 -38.73
CA ILE A 383 0.81 8.08 -37.78
C ILE A 383 -0.55 7.55 -37.34
N ILE A 384 -0.70 7.32 -36.05
CA ILE A 384 -1.91 6.68 -35.55
C ILE A 384 -2.54 7.42 -34.38
N ASN A 385 -3.84 7.18 -34.18
CA ASN A 385 -4.61 7.78 -33.11
C ASN A 385 -5.46 6.69 -32.45
N MET A 386 -4.81 5.81 -31.70
CA MET A 386 -5.41 4.54 -31.27
C MET A 386 -6.64 4.68 -30.39
N TRP A 387 -6.66 5.72 -29.57
CA TRP A 387 -7.76 5.90 -28.64
C TRP A 387 -8.73 6.96 -29.15
N GLN A 388 -8.51 7.40 -30.38
CA GLN A 388 -9.32 8.42 -31.05
C GLN A 388 -9.41 9.74 -30.27
N ARG A 389 -8.37 10.07 -29.52
CA ARG A 389 -8.38 11.31 -28.77
C ARG A 389 -7.92 12.49 -29.61
N ALA A 390 -8.70 13.57 -29.55
CA ALA A 390 -8.30 14.80 -30.22
C ALA A 390 -7.07 15.37 -29.54
N GLY A 391 -6.17 15.95 -30.33
CA GLY A 391 -5.00 16.61 -29.78
C GLY A 391 -3.83 15.65 -29.51
N GLN A 392 -4.03 14.37 -29.78
CA GLN A 392 -2.96 13.39 -29.56
C GLN A 392 -2.66 12.61 -30.82
N ALA A 393 -1.39 12.30 -31.05
CA ALA A 393 -0.99 11.44 -32.17
C ALA A 393 0.39 10.85 -31.91
N MET A 394 0.65 9.69 -32.51
CA MET A 394 1.96 9.07 -32.37
C MET A 394 2.50 8.69 -33.74
N TYR A 395 3.81 8.88 -33.92
CA TYR A 395 4.49 8.40 -35.11
C TYR A 395 5.33 7.18 -34.79
N ALA A 396 4.94 6.02 -35.31
CA ALA A 396 5.76 4.85 -35.08
C ALA A 396 6.99 4.95 -35.98
N PRO A 397 8.20 4.65 -35.49
CA PRO A 397 9.39 4.52 -36.28
C PRO A 397 9.24 3.25 -37.10
N PRO A 398 9.78 3.18 -38.30
CA PRO A 398 9.81 2.01 -39.13
C PRO A 398 10.72 0.94 -38.55
N ILE A 399 10.33 -0.31 -38.75
CA ILE A 399 11.15 -1.44 -38.36
C ILE A 399 11.80 -2.05 -39.62
N PRO A 400 13.14 -2.14 -39.69
CA PRO A 400 13.90 -2.55 -40.86
C PRO A 400 13.69 -4.01 -41.22
N GLY A 401 13.83 -4.31 -42.52
CA GLY A 401 13.76 -5.69 -43.00
C GLY A 401 12.33 -6.15 -43.23
N VAL A 402 12.18 -7.41 -43.63
CA VAL A 402 10.88 -8.02 -43.89
C VAL A 402 10.22 -8.45 -42.59
N ILE A 403 8.96 -8.08 -42.41
CA ILE A 403 8.23 -8.39 -41.18
C ILE A 403 7.18 -9.47 -41.38
N LYS A 404 7.24 -10.49 -40.53
CA LYS A 404 6.25 -11.55 -40.57
C LYS A 404 5.61 -11.73 -39.20
N CYS A 405 4.31 -12.00 -39.18
CA CYS A 405 3.60 -12.27 -37.92
C CYS A 405 2.64 -13.44 -38.06
N GLU A 406 2.34 -14.06 -36.93
CA GLU A 406 1.31 -15.08 -36.87
C GLU A 406 0.48 -14.90 -35.61
N SER A 407 -0.83 -15.02 -35.74
CA SER A 407 -1.73 -14.90 -34.62
C SER A 407 -2.99 -15.72 -34.83
N ASN A 408 -3.72 -15.97 -33.75
CA ASN A 408 -4.95 -16.73 -33.83
C ASN A 408 -6.17 -15.84 -33.77
N ILE A 409 -7.12 -16.03 -34.68
CA ILE A 409 -8.39 -15.34 -34.53
C ILE A 409 -9.18 -16.15 -33.52
N THR A 410 -9.53 -15.54 -32.40
CA THR A 410 -10.20 -16.26 -31.33
C THR A 410 -11.61 -15.76 -31.10
N GLY A 411 -11.96 -14.67 -31.77
CA GLY A 411 -13.31 -14.14 -31.64
C GLY A 411 -13.60 -13.05 -32.65
N LEU A 412 -14.87 -12.71 -32.81
CA LEU A 412 -15.31 -11.71 -33.77
C LEU A 412 -16.06 -10.58 -33.09
N LEU A 413 -15.98 -9.39 -33.64
CA LEU A 413 -16.90 -8.32 -33.26
C LEU A 413 -17.89 -8.08 -34.40
N LEU A 414 -19.16 -8.34 -34.15
CA LEU A 414 -20.19 -8.18 -35.18
C LEU A 414 -21.26 -7.20 -34.74
N THR A 415 -21.89 -6.54 -35.71
CA THR A 415 -23.06 -5.75 -35.45
C THR A 415 -24.18 -6.19 -36.38
N ARG A 416 -25.42 -6.06 -35.94
CA ARG A 416 -26.54 -6.42 -36.77
C ARG A 416 -26.96 -5.25 -37.64
N ASP A 417 -27.29 -5.50 -38.89
CA ASP A 417 -27.78 -4.45 -39.77
C ASP A 417 -29.29 -4.33 -39.62
N GLY A 418 -29.73 -3.38 -38.81
CA GLY A 418 -31.14 -3.24 -38.45
C GLY A 418 -31.89 -2.26 -39.35
N GLY A 419 -33.10 -1.88 -38.91
CA GLY A 419 -33.95 -0.98 -39.66
C GLY A 419 -34.78 -1.71 -40.70
N LYS A 420 -34.67 -3.03 -40.71
CA LYS A 420 -35.35 -3.86 -41.70
C LYS A 420 -36.35 -4.80 -41.04
N ASP A 421 -37.50 -4.99 -41.69
CA ASP A 421 -38.55 -5.87 -41.20
C ASP A 421 -38.58 -7.22 -41.91
N ASN A 422 -37.55 -7.49 -42.70
CA ASN A 422 -37.53 -8.70 -43.53
C ASN A 422 -37.53 -9.96 -42.67
N ASN A 423 -38.40 -10.91 -43.02
CA ASN A 423 -38.45 -12.19 -42.33
C ASN A 423 -37.72 -13.28 -43.09
N VAL A 424 -37.14 -12.92 -44.23
CA VAL A 424 -36.44 -13.87 -45.07
C VAL A 424 -35.05 -14.21 -44.55
N ASN A 425 -34.32 -13.16 -44.17
CA ASN A 425 -32.91 -13.30 -43.84
C ASN A 425 -32.46 -12.19 -42.88
N GLU A 426 -31.23 -12.29 -42.39
CA GLU A 426 -30.65 -11.28 -41.51
C GLU A 426 -29.19 -11.02 -41.86
N THR A 427 -28.74 -9.77 -41.67
CA THR A 427 -27.39 -9.38 -42.08
C THR A 427 -26.52 -8.85 -40.93
N PHE A 428 -25.27 -9.30 -40.91
CA PHE A 428 -24.30 -8.87 -39.90
C PHE A 428 -23.03 -8.31 -40.54
N ARG A 429 -22.44 -7.33 -39.87
CA ARG A 429 -21.22 -6.70 -40.37
C ARG A 429 -20.18 -6.62 -39.24
N PRO A 430 -18.89 -6.71 -39.54
CA PRO A 430 -17.79 -6.68 -38.61
C PRO A 430 -17.56 -5.31 -37.99
N GLY A 431 -16.96 -5.29 -36.81
CA GLY A 431 -16.56 -4.04 -36.16
C GLY A 431 -17.31 -3.81 -34.86
N GLY A 432 -16.95 -2.72 -34.18
CA GLY A 432 -17.57 -2.39 -32.90
C GLY A 432 -17.37 -0.92 -32.56
N SER A 433 -18.11 -0.45 -31.56
CA SER A 433 -18.10 0.96 -31.20
C SER A 433 -16.94 1.39 -30.30
N ASP A 434 -16.25 0.45 -29.66
CA ASP A 434 -15.25 0.84 -28.68
C ASP A 434 -14.20 -0.23 -28.41
N MET A 435 -13.03 0.21 -27.95
CA MET A 435 -11.95 -0.67 -27.52
C MET A 435 -12.31 -1.49 -26.29
N ARG A 436 -13.23 -0.99 -25.49
CA ARG A 436 -13.66 -1.69 -24.30
C ARG A 436 -14.28 -3.03 -24.63
N ASP A 437 -14.81 -3.17 -25.85
CA ASP A 437 -15.41 -4.41 -26.26
C ASP A 437 -14.38 -5.52 -26.33
N ASN A 438 -13.10 -5.17 -26.51
CA ASN A 438 -12.06 -6.18 -26.55
C ASN A 438 -11.77 -6.67 -25.15
N TRP A 439 -11.72 -5.75 -24.20
CA TRP A 439 -11.39 -6.10 -22.81
C TRP A 439 -12.48 -6.99 -22.22
N ARG A 440 -13.71 -6.74 -22.63
CA ARG A 440 -14.86 -7.50 -22.14
C ARG A 440 -14.77 -8.97 -22.49
N SER A 441 -14.07 -9.31 -23.58
CA SER A 441 -14.01 -10.68 -24.03
C SER A 441 -13.21 -11.58 -23.09
N GLU A 442 -12.37 -10.98 -22.25
CA GLU A 442 -11.60 -11.76 -21.28
C GLU A 442 -12.13 -11.59 -19.85
N LEU A 443 -12.71 -10.43 -19.58
CA LEU A 443 -13.17 -10.08 -18.25
C LEU A 443 -14.62 -10.45 -17.96
N TYR A 444 -15.32 -11.00 -18.95
CA TYR A 444 -16.74 -11.33 -18.80
C TYR A 444 -17.02 -12.27 -17.64
N LYS A 445 -16.08 -13.14 -17.34
CA LYS A 445 -16.23 -14.14 -16.29
C LYS A 445 -15.85 -13.64 -14.90
N TYR A 446 -15.27 -12.45 -14.81
CA TYR A 446 -14.77 -11.96 -13.52
C TYR A 446 -15.67 -10.90 -12.88
N LYS A 447 -15.80 -10.96 -11.55
CA LYS A 447 -16.55 -9.96 -10.80
C LYS A 447 -15.83 -9.58 -9.51
N VAL A 448 -15.83 -8.30 -9.17
CA VAL A 448 -15.18 -7.83 -7.95
C VAL A 448 -16.17 -7.62 -6.80
N VAL A 449 -15.87 -8.24 -5.65
CA VAL A 449 -16.74 -8.09 -4.49
C VAL A 449 -15.95 -7.72 -3.24
N GLU A 450 -16.61 -7.00 -2.33
CA GLU A 450 -16.03 -6.63 -1.03
C GLU A 450 -16.39 -7.68 0.01
N ILE A 451 -15.42 -8.06 0.83
CA ILE A 451 -15.68 -9.06 1.87
C ILE A 451 -16.04 -8.37 3.17
N GLU A 452 -17.17 -8.72 3.77
CA GLU A 452 -17.61 -8.08 5.00
C GLU A 452 -17.62 -9.05 6.18
N PRO A 453 -16.52 -9.17 6.95
CA PRO A 453 -16.30 -10.19 7.96
C PRO A 453 -17.22 -10.09 9.18
N LEU A 454 -17.81 -8.92 9.43
CA LEU A 454 -18.74 -8.80 10.55
C LEU A 454 -20.16 -9.19 10.20
N GLY A 455 -20.84 -9.77 11.18
CA GLY A 455 -22.27 -9.98 11.07
C GLY A 455 -22.85 -10.30 12.44
N VAL A 456 -24.17 -10.18 12.54
CA VAL A 456 -24.85 -10.42 13.81
C VAL A 456 -26.01 -11.38 13.61
N ALA A 457 -26.29 -12.20 14.63
CA ALA A 457 -27.38 -13.15 14.57
C ALA A 457 -27.84 -13.48 15.99
N PRO A 458 -29.11 -13.83 16.21
CA PRO A 458 -29.66 -14.21 17.49
C PRO A 458 -29.15 -15.56 17.96
N THR A 459 -28.83 -15.65 19.24
CA THR A 459 -28.50 -16.91 19.89
C THR A 459 -29.13 -16.94 21.27
N ARG A 460 -29.15 -18.10 21.91
CA ARG A 460 -29.60 -18.18 23.29
C ARG A 460 -28.54 -17.65 24.25
N CYS A 461 -27.32 -17.53 23.75
CA CYS A 461 -26.17 -17.11 24.54
C CYS A 461 -26.32 -15.69 25.06
N LYS A 462 -26.05 -15.51 26.35
CA LYS A 462 -26.06 -14.19 26.97
C LYS A 462 -24.72 -13.90 27.60
N ARG A 463 -24.24 -12.68 27.44
CA ARG A 463 -22.96 -12.30 28.05
C ARG A 463 -23.03 -12.29 29.58
N ARG A 464 -22.03 -12.89 30.22
CA ARG A 464 -21.91 -12.81 31.67
C ARG A 464 -21.31 -11.46 32.07
N VAL A 465 -21.78 -10.89 33.16
CA VAL A 465 -21.24 -9.62 33.64
C VAL A 465 -20.67 -9.75 35.04
N VAL A 466 -19.46 -9.23 35.24
CA VAL A 466 -18.81 -9.29 36.53
C VAL A 466 -19.74 -8.86 37.65
N LEU B 9 -11.70 -26.47 4.05
CA LEU B 9 -12.28 -25.94 2.82
C LEU B 9 -11.34 -24.95 2.14
N GLY B 10 -11.62 -23.66 2.33
CA GLY B 10 -10.82 -22.60 1.72
C GLY B 10 -11.46 -21.24 1.96
N PHE B 11 -10.85 -20.19 1.42
CA PHE B 11 -11.39 -18.85 1.63
C PHE B 11 -12.77 -18.74 1.01
N LEU B 12 -13.74 -18.36 1.84
CA LEU B 12 -15.16 -18.27 1.47
C LEU B 12 -15.76 -19.59 1.00
N GLY B 13 -15.07 -20.71 1.24
CA GLY B 13 -15.57 -22.01 0.80
C GLY B 13 -16.87 -22.37 1.50
N ALA B 14 -17.07 -21.79 2.67
CA ALA B 14 -18.24 -22.01 3.49
C ALA B 14 -19.39 -21.07 3.12
N ALA B 15 -19.19 -20.18 2.16
CA ALA B 15 -20.20 -19.15 1.88
C ALA B 15 -21.55 -19.75 1.52
N GLY B 16 -21.56 -20.90 0.86
CA GLY B 16 -22.82 -21.55 0.49
C GLY B 16 -23.36 -22.48 1.59
N SER B 17 -22.59 -22.67 2.65
CA SER B 17 -22.96 -23.57 3.74
C SER B 17 -23.91 -22.89 4.69
N THR B 18 -24.52 -23.65 5.60
CA THR B 18 -25.45 -23.05 6.53
C THR B 18 -24.70 -22.18 7.53
N MET B 19 -25.42 -21.25 8.16
CA MET B 19 -24.78 -20.33 9.09
C MET B 19 -24.11 -21.06 10.24
N GLY B 20 -24.72 -22.14 10.72
CA GLY B 20 -24.10 -22.91 11.78
C GLY B 20 -22.84 -23.60 11.28
N ALA B 21 -22.91 -24.22 10.10
CA ALA B 21 -21.76 -24.93 9.56
C ALA B 21 -20.61 -23.99 9.27
N ALA B 22 -20.93 -22.78 8.83
CA ALA B 22 -19.93 -21.79 8.44
C ALA B 22 -19.08 -21.34 9.62
N SER B 23 -19.58 -21.46 10.84
CA SER B 23 -18.90 -20.92 12.01
C SER B 23 -17.56 -21.61 12.28
N ILE B 24 -17.37 -22.82 11.74
CA ILE B 24 -16.12 -23.52 11.98
C ILE B 24 -14.97 -22.87 11.21
N THR B 25 -15.30 -22.04 10.21
CA THR B 25 -14.30 -21.45 9.31
C THR B 25 -14.02 -19.98 9.59
N LEU B 26 -14.49 -19.44 10.71
CA LEU B 26 -14.37 -18.00 10.87
C LEU B 26 -12.92 -17.51 10.78
N THR B 27 -11.98 -18.31 11.24
CA THR B 27 -10.58 -17.90 11.20
C THR B 27 -10.03 -17.83 9.78
N VAL B 28 -10.64 -18.57 8.86
CA VAL B 28 -10.17 -18.61 7.49
C VAL B 28 -10.32 -17.26 6.83
N GLN B 29 -11.43 -16.59 7.14
CA GLN B 29 -11.70 -15.28 6.57
C GLN B 29 -11.21 -14.16 7.49
N ALA B 30 -11.02 -14.45 8.77
CA ALA B 30 -10.53 -13.43 9.69
C ALA B 30 -9.11 -13.01 9.30
N ARG B 31 -8.31 -13.97 8.85
CA ARG B 31 -7.00 -13.69 8.29
C ARG B 31 -7.18 -13.26 6.85
N GLN B 32 -6.22 -12.50 6.31
CA GLN B 32 -6.28 -11.95 4.96
C GLN B 32 -7.19 -10.73 4.94
N ILE B 62 1.76 3.61 -8.21
CA ILE B 62 0.99 4.38 -7.23
C ILE B 62 -0.26 3.63 -6.81
N LYS B 63 -0.87 2.93 -7.77
CA LYS B 63 -2.11 2.21 -7.50
C LYS B 63 -1.89 1.13 -6.45
N GLN B 64 -0.68 0.56 -6.43
CA GLN B 64 -0.35 -0.45 -5.44
C GLN B 64 -0.35 0.15 -4.03
N LEU B 65 0.09 1.41 -3.92
CA LEU B 65 0.10 2.07 -2.62
C LEU B 65 -1.32 2.33 -2.18
N GLN B 66 -2.17 2.75 -3.12
CA GLN B 66 -3.56 3.02 -2.79
C GLN B 66 -4.26 1.74 -2.36
N ALA B 67 -3.92 0.63 -3.00
CA ALA B 67 -4.48 -0.67 -2.63
C ALA B 67 -4.09 -1.05 -1.21
N ARG B 68 -2.84 -0.75 -0.85
CA ARG B 68 -2.35 -1.09 0.48
C ARG B 68 -3.01 -0.25 1.57
N VAL B 69 -3.18 1.04 1.30
CA VAL B 69 -3.84 1.91 2.27
C VAL B 69 -5.29 1.53 2.44
N LEU B 70 -5.95 1.24 1.33
CA LEU B 70 -7.36 0.85 1.38
C LEU B 70 -7.57 -0.42 2.17
N ALA B 71 -6.68 -1.40 2.00
CA ALA B 71 -6.80 -2.64 2.73
C ALA B 71 -6.70 -2.40 4.23
N VAL B 72 -5.84 -1.47 4.63
CA VAL B 72 -5.73 -1.11 6.04
C VAL B 72 -6.98 -0.47 6.58
N GLU B 73 -7.55 0.46 5.82
CA GLU B 73 -8.78 1.13 6.25
C GLU B 73 -9.93 0.14 6.38
N HIS B 74 -9.98 -0.80 5.45
CA HIS B 74 -11.02 -1.82 5.47
C HIS B 74 -10.92 -2.68 6.72
N TYR B 75 -9.71 -3.13 7.02
CA TYR B 75 -9.47 -3.95 8.20
C TYR B 75 -9.83 -3.22 9.49
N LEU B 76 -9.35 -1.99 9.61
CA LEU B 76 -9.54 -1.24 10.84
C LEU B 76 -10.99 -0.85 11.08
N ARG B 77 -11.77 -0.68 10.01
CA ARG B 77 -13.16 -0.31 10.18
C ARG B 77 -13.89 -1.31 11.06
N ASP B 78 -13.70 -2.59 10.78
CA ASP B 78 -14.38 -3.63 11.53
C ASP B 78 -13.73 -3.88 12.90
N GLN B 79 -12.43 -3.71 12.98
CA GLN B 79 -11.76 -3.88 14.27
C GLN B 79 -12.16 -2.78 15.24
N GLN B 80 -12.40 -1.59 14.70
CA GLN B 80 -12.82 -0.47 15.53
C GLN B 80 -14.16 -0.77 16.17
N LEU B 81 -15.07 -1.36 15.41
CA LEU B 81 -16.35 -1.70 15.97
C LEU B 81 -16.23 -2.75 17.05
N LEU B 82 -15.37 -3.75 16.85
CA LEU B 82 -15.20 -4.77 17.86
C LEU B 82 -14.62 -4.20 19.14
N GLY B 83 -13.69 -3.26 19.01
CA GLY B 83 -13.10 -2.64 20.19
C GLY B 83 -14.12 -1.85 21.00
N ILE B 84 -15.03 -1.19 20.30
CA ILE B 84 -16.08 -0.42 20.97
C ILE B 84 -17.08 -1.33 21.65
N TRP B 85 -17.38 -2.46 21.00
CA TRP B 85 -18.36 -3.43 21.49
C TRP B 85 -17.83 -4.29 22.64
N GLY B 86 -16.52 -4.23 22.88
CA GLY B 86 -15.90 -5.06 23.92
C GLY B 86 -15.63 -6.48 23.41
N CYS B 87 -15.73 -6.65 22.10
CA CYS B 87 -15.60 -7.95 21.46
C CYS B 87 -14.21 -8.16 20.87
N SER B 88 -13.30 -7.23 21.12
CA SER B 88 -11.97 -7.34 20.53
C SER B 88 -11.28 -8.61 20.97
N GLY B 89 -10.60 -9.25 20.03
CA GLY B 89 -9.88 -10.48 20.31
C GLY B 89 -10.76 -11.73 20.25
N LYS B 90 -12.05 -11.56 19.92
CA LYS B 90 -12.96 -12.69 19.86
C LYS B 90 -13.57 -12.86 18.47
N LEU B 91 -13.65 -14.11 18.03
CA LEU B 91 -14.31 -14.46 16.78
C LEU B 91 -15.84 -14.50 16.95
N ILE B 92 -16.26 -14.95 18.13
CA ILE B 92 -17.67 -15.01 18.51
C ILE B 92 -17.87 -14.24 19.81
N CYS B 93 -18.75 -13.25 19.80
CA CYS B 93 -18.94 -12.43 20.98
C CYS B 93 -20.40 -12.20 21.33
N CYS B 94 -20.83 -12.80 22.44
CA CYS B 94 -22.19 -12.64 22.93
C CYS B 94 -22.36 -11.28 23.58
N THR B 95 -23.53 -10.68 23.42
CA THR B 95 -23.81 -9.36 24.00
C THR B 95 -25.00 -9.43 24.95
N ASN B 96 -25.31 -8.29 25.55
CA ASN B 96 -26.47 -8.16 26.44
C ASN B 96 -27.68 -7.57 25.72
N VAL B 97 -27.62 -7.42 24.40
CA VAL B 97 -28.73 -6.83 23.67
C VAL B 97 -29.75 -7.90 23.29
N PRO B 98 -31.02 -7.79 23.71
CA PRO B 98 -32.06 -8.74 23.40
C PRO B 98 -32.41 -8.67 21.93
N TRP B 99 -32.77 -9.80 21.34
CA TRP B 99 -33.21 -9.78 19.96
C TRP B 99 -34.62 -9.23 19.86
N ASN B 100 -34.80 -8.28 18.97
CA ASN B 100 -36.11 -7.73 18.68
C ASN B 100 -36.75 -8.48 17.52
N SER B 101 -37.88 -9.11 17.78
CA SER B 101 -38.50 -10.01 16.80
C SER B 101 -38.89 -9.31 15.50
N SER B 102 -38.99 -7.98 15.51
CA SER B 102 -39.30 -7.27 14.28
C SER B 102 -38.15 -7.36 13.28
N TRP B 103 -36.92 -7.55 13.77
CA TRP B 103 -35.77 -7.67 12.89
C TRP B 103 -35.87 -8.98 12.10
N SER B 104 -36.32 -10.02 12.79
CA SER B 104 -36.62 -11.31 12.19
C SER B 104 -37.50 -12.10 13.14
N ASN B 105 -38.49 -12.82 12.60
CA ASN B 105 -39.36 -13.66 13.40
C ASN B 105 -38.96 -15.13 13.29
N LYS B 106 -37.81 -15.37 12.68
CA LYS B 106 -37.36 -16.73 12.41
C LYS B 106 -36.87 -17.47 13.64
N SER B 107 -37.18 -18.76 13.70
CA SER B 107 -36.71 -19.63 14.77
C SER B 107 -35.22 -19.90 14.61
N LEU B 108 -34.58 -20.36 15.67
CA LEU B 108 -33.16 -20.61 15.57
C LEU B 108 -32.84 -21.69 14.53
N ASP B 109 -33.69 -22.69 14.39
CA ASP B 109 -33.45 -23.68 13.34
C ASP B 109 -33.58 -23.06 11.97
N GLU B 110 -34.55 -22.17 11.83
CA GLU B 110 -34.78 -21.48 10.56
C GLU B 110 -33.62 -20.59 10.19
N ILE B 111 -32.86 -20.12 11.18
CA ILE B 111 -31.70 -19.30 10.89
C ILE B 111 -30.43 -20.12 10.78
N TRP B 112 -30.10 -20.87 11.81
CA TRP B 112 -28.82 -21.55 11.86
C TRP B 112 -28.69 -22.80 10.99
N ASN B 113 -29.79 -23.52 10.77
CA ASN B 113 -29.73 -24.75 9.98
C ASN B 113 -30.39 -24.62 8.62
N ASN B 114 -30.88 -23.44 8.29
CA ASN B 114 -31.63 -23.28 7.05
C ASN B 114 -31.19 -22.06 6.26
N MET B 115 -30.10 -21.40 6.65
CA MET B 115 -29.66 -20.19 5.94
C MET B 115 -28.18 -20.12 5.72
N THR B 116 -27.79 -19.43 4.64
CA THR B 116 -26.43 -19.01 4.46
C THR B 116 -26.25 -17.65 5.10
N TRP B 117 -25.02 -17.25 5.39
CA TRP B 117 -24.81 -15.92 5.93
C TRP B 117 -25.13 -14.84 4.89
N LEU B 118 -24.99 -15.17 3.61
CA LEU B 118 -25.30 -14.22 2.55
C LEU B 118 -26.78 -13.86 2.58
N GLN B 119 -27.63 -14.86 2.76
CA GLN B 119 -29.06 -14.64 2.83
C GLN B 119 -29.44 -13.87 4.09
N TRP B 120 -28.78 -14.19 5.18
CA TRP B 120 -29.06 -13.54 6.45
C TRP B 120 -28.75 -12.06 6.41
N ASP B 121 -27.63 -11.70 5.80
CA ASP B 121 -27.28 -10.29 5.75
C ASP B 121 -28.30 -9.50 4.97
N LYS B 122 -28.87 -10.09 3.93
CA LYS B 122 -29.89 -9.39 3.18
C LYS B 122 -31.17 -9.20 3.99
N GLU B 123 -31.53 -10.21 4.79
CA GLU B 123 -32.75 -10.12 5.59
C GLU B 123 -32.72 -8.98 6.59
N ILE B 124 -31.56 -8.71 7.18
CA ILE B 124 -31.46 -7.68 8.20
C ILE B 124 -30.61 -6.50 7.74
N ASN B 125 -30.47 -6.34 6.43
CA ASN B 125 -29.65 -5.25 5.91
C ASN B 125 -30.14 -3.88 6.35
N ASN B 126 -31.45 -3.76 6.56
CA ASN B 126 -32.03 -2.48 6.97
C ASN B 126 -31.94 -2.26 8.48
N TYR B 127 -31.55 -3.27 9.22
CA TYR B 127 -31.49 -3.16 10.68
C TYR B 127 -30.08 -3.25 11.23
N THR B 128 -29.11 -3.47 10.35
CA THR B 128 -27.75 -3.72 10.82
C THR B 128 -27.17 -2.55 11.59
N GLN B 129 -27.35 -1.33 11.10
CA GLN B 129 -26.82 -0.18 11.81
C GLN B 129 -27.55 0.05 13.12
N LEU B 130 -28.83 -0.28 13.17
CA LEU B 130 -29.59 -0.12 14.41
C LEU B 130 -29.04 -1.05 15.47
N ILE B 131 -28.76 -2.29 15.07
CA ILE B 131 -28.24 -3.27 16.00
C ILE B 131 -26.87 -2.82 16.50
N TYR B 132 -26.05 -2.30 15.61
CA TYR B 132 -24.72 -1.88 16.00
C TYR B 132 -24.76 -0.80 17.07
N ARG B 133 -25.67 0.15 16.95
CA ARG B 133 -25.75 1.21 17.94
C ARG B 133 -26.18 0.68 19.29
N LEU B 134 -27.10 -0.27 19.29
CA LEU B 134 -27.58 -0.85 20.54
C LEU B 134 -26.49 -1.60 21.27
N ILE B 135 -25.61 -2.26 20.53
CA ILE B 135 -24.50 -2.96 21.15
C ILE B 135 -23.58 -1.97 21.83
N GLU B 136 -23.30 -0.86 21.16
CA GLU B 136 -22.42 0.17 21.71
C GLU B 136 -22.99 0.79 22.97
N GLU B 137 -24.29 1.03 22.98
CA GLU B 137 -24.91 1.61 24.17
C GLU B 137 -24.82 0.65 25.34
N SER B 138 -25.02 -0.63 25.06
CA SER B 138 -24.97 -1.62 26.12
C SER B 138 -23.58 -1.79 26.69
N GLN B 139 -22.57 -1.71 25.82
CA GLN B 139 -21.20 -1.84 26.32
C GLN B 139 -20.82 -0.69 27.21
N ASN B 140 -21.24 0.51 26.85
CA ASN B 140 -20.82 1.64 27.64
C ASN B 140 -21.45 1.60 29.02
N GLN B 141 -22.69 1.12 29.09
CA GLN B 141 -23.33 0.97 30.39
C GLN B 141 -22.64 -0.10 31.22
N GLN B 142 -22.20 -1.18 30.56
CA GLN B 142 -21.49 -2.23 31.27
C GLN B 142 -20.16 -1.72 31.82
N GLU B 143 -19.45 -0.92 31.02
CA GLU B 143 -18.16 -0.40 31.46
C GLU B 143 -18.35 0.50 32.67
N LYS B 144 -19.43 1.27 32.67
CA LYS B 144 -19.74 2.15 33.77
C LYS B 144 -20.12 1.36 35.01
N ASN B 145 -20.91 0.30 34.84
CA ASN B 145 -21.37 -0.47 35.97
C ASN B 145 -20.23 -1.24 36.63
N GLU B 146 -19.29 -1.76 35.82
CA GLU B 146 -18.16 -2.46 36.40
C GLU B 146 -17.26 -1.48 37.16
N LYS B 147 -17.15 -0.26 36.66
CA LYS B 147 -16.38 0.75 37.39
C LYS B 147 -17.01 1.01 38.75
N GLU B 148 -18.33 1.19 38.77
CA GLU B 148 -19.02 1.47 40.03
C GLU B 148 -18.91 0.31 41.00
N LEU B 149 -18.92 -0.92 40.49
CA LEU B 149 -18.76 -2.08 41.35
C LEU B 149 -17.41 -2.04 42.04
N LEU B 150 -16.37 -1.75 41.27
CA LEU B 150 -15.03 -1.67 41.83
C LEU B 150 -14.87 -0.50 42.79
N GLU B 151 -15.58 0.60 42.54
CA GLU B 151 -15.55 1.74 43.47
C GLU B 151 -16.12 1.35 44.83
N LEU B 152 -17.18 0.54 44.82
CA LEU B 152 -17.80 0.06 46.04
C LEU B 152 -16.90 -0.95 46.76
N ASP B 153 -16.18 -1.74 45.97
CA ASP B 153 -15.28 -2.76 46.51
C ASP B 153 -13.84 -2.30 46.40
N GLU C 1 6.97 -34.99 28.54
CA GLU C 1 5.97 -34.16 29.21
C GLU C 1 4.92 -33.70 28.22
N ASN C 2 3.77 -33.28 28.74
CA ASN C 2 2.73 -32.75 27.87
C ASN C 2 2.99 -31.29 27.60
N LEU C 3 3.77 -31.03 26.56
CA LEU C 3 4.15 -29.66 26.20
C LEU C 3 3.13 -29.04 25.28
N TRP C 4 2.92 -27.73 25.44
CA TRP C 4 1.93 -27.02 24.65
C TRP C 4 2.56 -25.83 23.95
N VAL C 5 2.02 -25.45 22.80
CA VAL C 5 2.54 -24.31 22.07
C VAL C 5 2.24 -23.02 22.82
N THR C 6 3.26 -22.19 23.00
CA THR C 6 3.06 -20.89 23.62
C THR C 6 3.51 -19.80 22.69
N VAL C 7 2.66 -18.79 22.54
CA VAL C 7 2.93 -17.66 21.67
C VAL C 7 3.67 -16.55 22.38
N TYR C 8 4.75 -16.08 21.77
CA TYR C 8 5.50 -14.96 22.33
C TYR C 8 5.51 -13.78 21.37
N TYR C 9 5.38 -12.58 21.92
CA TYR C 9 5.43 -11.35 21.14
C TYR C 9 6.51 -10.42 21.69
N GLY C 10 7.24 -9.75 20.80
CA GLY C 10 8.35 -8.91 21.21
C GLY C 10 9.66 -9.68 21.17
N VAL C 11 9.64 -10.83 20.52
CA VAL C 11 10.78 -11.72 20.41
C VAL C 11 11.92 -11.09 19.60
N PRO C 12 13.17 -11.08 20.11
CA PRO C 12 14.34 -10.44 19.52
C PRO C 12 14.95 -11.19 18.35
N VAL C 13 14.21 -11.27 17.25
CA VAL C 13 14.72 -11.92 16.05
C VAL C 13 14.57 -11.06 14.83
N TRP C 14 15.40 -11.33 13.83
CA TRP C 14 15.34 -10.59 12.60
C TRP C 14 15.76 -11.42 11.41
N ARG C 15 15.43 -10.92 10.22
CA ARG C 15 15.89 -11.52 8.98
C ARG C 15 16.34 -10.42 8.03
N ASP C 16 17.26 -10.74 7.14
CA ASP C 16 17.73 -9.74 6.19
C ASP C 16 16.57 -9.27 5.33
N ALA C 17 16.48 -7.96 5.12
CA ALA C 17 15.36 -7.44 4.33
C ALA C 17 15.68 -6.13 3.63
N ASP C 18 14.98 -5.90 2.53
CA ASP C 18 15.09 -4.67 1.76
C ASP C 18 13.85 -3.82 1.93
N THR C 19 14.01 -2.64 2.54
CA THR C 19 12.87 -1.75 2.76
C THR C 19 13.24 -0.32 2.42
N THR C 20 12.23 0.47 2.09
CA THR C 20 12.44 1.87 1.80
C THR C 20 12.95 2.60 3.01
N LEU C 21 14.06 3.31 2.85
CA LEU C 21 14.62 4.13 3.91
C LEU C 21 14.27 5.59 3.65
N PHE C 22 14.08 6.36 4.71
CA PHE C 22 13.78 7.77 4.53
C PHE C 22 14.84 8.65 5.17
N CYS C 23 15.01 9.84 4.63
CA CYS C 23 16.05 10.74 5.14
C CYS C 23 15.65 11.43 6.43
N ALA C 24 16.64 11.75 7.23
CA ALA C 24 16.50 12.58 8.41
C ALA C 24 17.68 13.53 8.50
N SER C 25 17.49 14.68 9.13
CA SER C 25 18.59 15.65 9.24
C SER C 25 18.46 16.53 10.46
N ASP C 26 19.57 17.14 10.86
CA ASP C 26 19.57 18.08 11.98
C ASP C 26 18.72 19.30 11.64
N ALA C 27 18.04 19.83 12.64
CA ALA C 27 17.22 21.02 12.45
C ALA C 27 18.05 22.15 11.85
N HIS C 35 18.89 27.63 -1.68
CA HIS C 35 18.12 26.40 -1.78
C HIS C 35 19.03 25.21 -2.04
N ASN C 36 19.26 24.39 -1.04
CA ASN C 36 20.18 23.28 -1.23
C ASN C 36 19.61 22.24 -2.19
N VAL C 37 20.46 21.76 -3.10
CA VAL C 37 20.10 20.78 -4.11
C VAL C 37 19.58 19.46 -3.51
N TRP C 38 19.99 19.13 -2.29
CA TRP C 38 19.62 17.87 -1.69
C TRP C 38 18.26 17.93 -1.01
N ALA C 39 17.67 19.12 -0.94
CA ALA C 39 16.33 19.32 -0.39
C ALA C 39 16.18 18.68 0.99
N THR C 40 17.15 18.92 1.87
CA THR C 40 17.14 18.30 3.19
C THR C 40 16.08 18.89 4.12
N HIS C 41 15.50 20.02 3.74
CA HIS C 41 14.44 20.61 4.55
C HIS C 41 13.20 19.71 4.59
N ALA C 42 13.08 18.82 3.60
CA ALA C 42 11.98 17.87 3.51
C ALA C 42 12.15 16.73 4.52
N CYS C 43 13.36 16.55 5.02
CA CYS C 43 13.71 15.42 5.88
C CYS C 43 13.18 15.54 7.29
N VAL C 44 12.99 14.40 7.93
CA VAL C 44 12.51 14.33 9.30
C VAL C 44 13.60 14.80 10.27
N PRO C 45 13.31 15.70 11.21
CA PRO C 45 14.25 16.15 12.22
C PRO C 45 14.81 14.98 13.01
N THR C 46 16.12 15.02 13.28
CA THR C 46 16.77 13.97 14.05
C THR C 46 16.50 14.09 15.54
N ASP C 47 16.55 12.95 16.22
CA ASP C 47 16.49 12.91 17.68
C ASP C 47 17.75 13.60 18.23
N PRO C 48 17.63 14.53 19.19
CA PRO C 48 18.73 15.26 19.79
C PRO C 48 19.70 14.34 20.52
N ASN C 49 19.23 13.16 20.92
CA ASN C 49 20.06 12.18 21.62
C ASN C 49 19.80 10.77 21.06
N PRO C 50 20.36 10.43 19.90
CA PRO C 50 20.10 9.21 19.17
C PRO C 50 20.40 8.00 20.04
N GLN C 51 19.56 6.98 19.92
CA GLN C 51 19.75 5.78 20.72
C GLN C 51 20.56 4.74 19.97
N GLU C 52 21.38 4.01 20.71
CA GLU C 52 22.14 2.90 20.17
C GLU C 52 22.22 1.79 21.19
N ILE C 53 22.00 0.56 20.75
CA ILE C 53 22.02 -0.56 21.67
C ILE C 53 23.08 -1.58 21.31
N HIS C 54 24.01 -1.84 22.22
CA HIS C 54 25.01 -2.86 22.00
C HIS C 54 24.37 -4.24 22.12
N LEU C 55 24.63 -5.11 21.16
CA LEU C 55 24.06 -6.44 21.24
C LEU C 55 25.09 -7.45 21.72
N ASP C 56 24.94 -7.90 22.96
CA ASP C 56 25.85 -8.89 23.52
C ASP C 56 25.64 -10.23 22.87
N ASN C 57 26.72 -10.97 22.67
CA ASN C 57 26.68 -12.32 22.11
C ASN C 57 26.06 -12.37 20.72
N VAL C 58 26.21 -11.31 19.95
CA VAL C 58 25.70 -11.34 18.58
C VAL C 58 26.80 -11.15 17.56
N THR C 59 26.90 -12.09 16.66
CA THR C 59 27.83 -12.03 15.54
C THR C 59 26.99 -12.10 14.28
N GLU C 60 27.26 -11.21 13.34
CA GLU C 60 26.43 -11.15 12.15
C GLU C 60 27.24 -11.03 10.87
N LYS C 61 26.70 -11.56 9.79
CA LYS C 61 27.37 -11.51 8.51
C LYS C 61 27.04 -10.25 7.73
N PHE C 62 28.06 -9.55 7.31
CA PHE C 62 27.93 -8.33 6.52
C PHE C 62 28.55 -8.53 5.15
N ASN C 63 28.03 -7.82 4.16
CA ASN C 63 28.67 -7.79 2.85
C ASN C 63 28.38 -6.46 2.19
N MET C 64 29.32 -5.54 2.28
CA MET C 64 29.13 -4.19 1.77
C MET C 64 28.88 -4.17 0.27
N TRP C 65 29.37 -5.16 -0.44
CA TRP C 65 29.27 -5.18 -1.90
C TRP C 65 27.86 -5.54 -2.35
N LYS C 66 27.11 -6.20 -1.46
CA LYS C 66 25.75 -6.64 -1.75
C LYS C 66 24.75 -5.78 -0.98
N ASN C 67 25.23 -4.71 -0.37
CA ASN C 67 24.42 -3.88 0.49
C ASN C 67 23.49 -3.00 -0.33
N ASN C 68 22.18 -3.19 -0.17
CA ASN C 68 21.22 -2.49 -1.00
C ASN C 68 20.89 -1.09 -0.48
N MET C 69 21.49 -0.71 0.63
CA MET C 69 21.35 0.66 1.11
C MET C 69 22.05 1.57 0.11
N VAL C 70 23.07 1.02 -0.55
CA VAL C 70 23.85 1.73 -1.54
C VAL C 70 23.01 2.05 -2.75
N GLU C 71 22.21 1.07 -3.18
CA GLU C 71 21.37 1.27 -4.33
C GLU C 71 20.31 2.33 -4.05
N GLN C 72 19.75 2.31 -2.84
CA GLN C 72 18.76 3.32 -2.52
C GLN C 72 19.38 4.69 -2.44
N MET C 73 20.58 4.78 -1.88
CA MET C 73 21.19 6.09 -1.79
C MET C 73 21.51 6.62 -3.17
N HIS C 74 21.99 5.76 -4.05
CA HIS C 74 22.36 6.23 -5.38
C HIS C 74 21.13 6.72 -6.14
N GLU C 75 20.02 6.00 -6.01
CA GLU C 75 18.79 6.44 -6.67
C GLU C 75 18.31 7.77 -6.10
N ASP C 76 18.45 7.96 -4.78
CA ASP C 76 18.01 9.20 -4.16
C ASP C 76 18.90 10.37 -4.56
N ILE C 77 20.19 10.12 -4.68
CA ILE C 77 21.11 11.17 -5.06
C ILE C 77 20.83 11.66 -6.47
N ILE C 78 20.55 10.74 -7.38
CA ILE C 78 20.20 11.13 -8.74
C ILE C 78 18.84 11.80 -8.78
N SER C 79 17.87 11.24 -8.06
CA SER C 79 16.53 11.80 -8.11
C SER C 79 16.48 13.21 -7.55
N LEU C 80 17.22 13.47 -6.49
CA LEU C 80 17.27 14.81 -5.92
C LEU C 80 17.93 15.77 -6.89
N TRP C 81 18.97 15.29 -7.57
CA TRP C 81 19.66 16.15 -8.52
C TRP C 81 18.72 16.57 -9.63
N ASP C 82 17.96 15.61 -10.17
CA ASP C 82 17.03 15.90 -11.25
C ASP C 82 15.90 16.82 -10.84
N GLN C 83 15.41 16.68 -9.61
CA GLN C 83 14.31 17.53 -9.16
C GLN C 83 14.71 18.99 -9.14
N SER C 84 15.98 19.25 -8.84
CA SER C 84 16.46 20.62 -8.77
C SER C 84 16.57 21.29 -10.13
N LEU C 85 16.60 20.51 -11.21
CA LEU C 85 16.77 21.08 -12.54
C LEU C 85 15.47 21.25 -13.32
N LYS C 86 14.38 20.69 -12.81
CA LYS C 86 13.13 20.76 -13.55
C LYS C 86 12.56 22.18 -13.76
N PRO C 87 12.62 23.12 -12.80
CA PRO C 87 12.15 24.48 -12.93
C PRO C 87 13.16 25.40 -13.64
N CYS C 88 14.37 24.89 -13.89
CA CYS C 88 15.46 25.75 -14.33
C CYS C 88 15.46 25.96 -15.83
N VAL C 89 16.13 27.04 -16.25
CA VAL C 89 16.16 27.48 -17.64
C VAL C 89 16.88 26.53 -18.59
N LYS C 90 16.23 26.22 -19.71
CA LYS C 90 16.81 25.39 -20.76
C LYS C 90 17.71 26.22 -21.66
N LEU C 91 18.83 25.65 -22.09
CA LEU C 91 19.77 26.36 -22.94
C LEU C 91 19.83 25.83 -24.36
N THR C 92 18.74 25.26 -24.85
CA THR C 92 18.75 24.71 -26.20
C THR C 92 19.20 25.73 -27.28
N PRO C 93 18.80 27.02 -27.24
CA PRO C 93 19.23 28.05 -28.16
C PRO C 93 20.74 28.27 -28.17
N LEU C 94 21.42 27.84 -27.10
CA LEU C 94 22.87 28.05 -26.96
C LEU C 94 23.68 27.16 -27.90
N CYS C 95 23.06 26.14 -28.48
CA CYS C 95 23.74 25.23 -29.39
C CYS C 95 24.03 25.87 -30.75
N VAL C 96 23.57 27.10 -30.94
CA VAL C 96 23.83 27.85 -32.15
C VAL C 96 25.33 27.95 -32.40
N THR C 97 25.73 27.91 -33.67
CA THR C 97 27.15 27.90 -34.02
C THR C 97 27.91 29.02 -33.34
N LEU C 98 29.05 28.66 -32.74
CA LEU C 98 29.91 29.61 -32.07
C LEU C 98 31.07 29.99 -32.96
N HIS C 99 31.48 31.25 -32.93
CA HIS C 99 32.72 31.65 -33.58
C HIS C 99 33.70 32.06 -32.50
N CYS C 100 34.88 31.45 -32.47
CA CYS C 100 35.76 31.67 -31.32
C CYS C 100 37.18 32.08 -31.71
N THR C 101 37.76 32.95 -30.88
CA THR C 101 39.14 33.41 -30.97
C THR C 101 39.81 33.33 -29.59
N ASN C 102 41.12 33.52 -29.55
CA ASN C 102 41.85 33.52 -28.28
C ASN C 102 41.45 34.72 -27.43
N VAL C 103 41.38 34.51 -26.12
CA VAL C 103 41.02 35.58 -25.19
C VAL C 103 42.08 36.66 -25.13
N THR C 104 43.35 36.25 -25.18
CA THR C 104 44.50 37.15 -25.09
C THR C 104 44.42 38.01 -23.83
N ARG C 112 44.93 32.41 -21.55
CA ARG C 112 45.59 31.12 -21.71
C ARG C 112 44.82 30.24 -22.67
N GLU C 113 45.42 29.12 -23.05
CA GLU C 113 44.83 28.18 -24.00
C GLU C 113 43.55 27.53 -23.48
N GLY C 114 43.38 27.52 -22.17
CA GLY C 114 42.21 26.91 -21.54
C GLY C 114 40.91 27.66 -21.81
N LEU C 115 41.00 28.95 -22.17
CA LEU C 115 39.80 29.75 -22.42
C LEU C 115 39.69 30.18 -23.87
N LYS C 116 38.45 30.26 -24.36
CA LYS C 116 38.17 30.83 -25.67
C LYS C 116 37.17 31.96 -25.57
N ASN C 117 37.35 32.96 -26.43
CA ASN C 117 36.41 34.07 -26.56
C ASN C 117 35.45 33.81 -27.70
N CYS C 118 34.20 33.48 -27.37
CA CYS C 118 33.25 33.07 -28.39
C CYS C 118 32.14 34.06 -28.61
N SER C 119 31.61 34.09 -29.83
CA SER C 119 30.48 34.94 -30.15
C SER C 119 29.40 34.17 -30.88
N PHE C 120 28.16 34.57 -30.66
CA PHE C 120 27.01 33.93 -31.30
C PHE C 120 25.76 34.79 -31.34
N ASN C 121 24.82 34.41 -32.21
CA ASN C 121 23.50 35.05 -32.25
C ASN C 121 22.53 34.38 -31.30
N MET C 122 22.28 35.00 -30.16
CA MET C 122 21.41 34.43 -29.14
C MET C 122 19.98 34.95 -29.32
N THR C 123 19.01 34.18 -28.85
CA THR C 123 17.63 34.62 -28.91
C THR C 123 17.36 35.71 -27.90
N THR C 124 16.23 36.39 -28.07
CA THR C 124 15.83 37.52 -27.24
C THR C 124 14.42 37.34 -26.72
N GLU C 125 13.95 38.29 -25.92
CA GLU C 125 12.59 38.25 -25.40
C GLU C 125 11.57 38.22 -26.54
N LEU C 126 11.88 38.92 -27.63
CA LEU C 126 11.01 38.96 -28.78
C LEU C 126 11.41 37.88 -29.78
N ARG C 127 10.43 37.15 -30.29
CA ARG C 127 10.70 36.05 -31.21
C ARG C 127 11.42 36.46 -32.49
N ASP C 128 11.14 37.66 -32.98
CA ASP C 128 11.71 38.11 -34.24
C ASP C 128 13.06 38.80 -34.12
N LYS C 129 13.59 38.93 -32.90
CA LYS C 129 14.84 39.64 -32.71
C LYS C 129 15.94 38.73 -32.16
N ARG C 130 17.18 39.08 -32.52
CA ARG C 130 18.36 38.34 -32.09
C ARG C 130 19.39 39.32 -31.54
N GLN C 131 20.25 38.84 -30.66
CA GLN C 131 21.31 39.69 -30.12
C GLN C 131 22.66 39.02 -30.26
N LYS C 132 23.69 39.82 -30.48
CA LYS C 132 25.03 39.24 -30.54
C LYS C 132 25.62 39.21 -29.15
N VAL C 133 26.10 38.04 -28.76
CA VAL C 133 26.60 37.83 -27.42
C VAL C 133 28.04 37.41 -27.44
N TYR C 134 28.84 38.04 -26.59
CA TYR C 134 30.23 37.63 -26.42
C TYR C 134 30.37 36.99 -25.05
N SER C 135 31.05 35.86 -24.98
CA SER C 135 31.23 35.19 -23.70
C SER C 135 32.50 34.35 -23.68
N LEU C 136 32.99 34.05 -22.49
CA LEU C 136 34.14 33.19 -22.37
C LEU C 136 33.72 31.78 -22.01
N PHE C 137 34.33 30.80 -22.68
CA PHE C 137 34.09 29.39 -22.39
C PHE C 137 35.39 28.66 -22.15
N TYR C 138 35.33 27.62 -21.34
CA TYR C 138 36.47 26.73 -21.20
C TYR C 138 36.56 25.85 -22.43
N ARG C 139 37.78 25.58 -22.87
CA ARG C 139 38.00 24.76 -24.06
C ARG C 139 37.39 23.37 -23.91
N LEU C 140 37.29 22.86 -22.69
CA LEU C 140 36.74 21.53 -22.45
C LEU C 140 35.25 21.44 -22.82
N ASP C 141 34.56 22.57 -22.82
CA ASP C 141 33.13 22.60 -23.11
C ASP C 141 32.86 22.73 -24.60
N ILE C 142 33.92 22.90 -25.37
CA ILE C 142 33.82 23.18 -26.80
C ILE C 142 34.53 22.17 -27.69
N VAL C 143 33.87 21.78 -28.77
CA VAL C 143 34.48 20.94 -29.79
C VAL C 143 34.31 21.64 -31.14
N PRO C 144 35.25 21.48 -32.08
CA PRO C 144 35.22 22.04 -33.40
C PRO C 144 34.14 21.41 -34.25
N ILE C 145 33.61 22.20 -35.17
CA ILE C 145 32.69 21.71 -36.20
C ILE C 145 33.47 21.03 -37.30
N ASN C 146 32.96 19.89 -37.78
CA ASN C 146 33.66 18.99 -38.69
C ASN C 146 34.06 19.60 -40.04
N GLU C 147 33.54 20.79 -40.35
CA GLU C 147 33.95 21.52 -41.54
C GLU C 147 35.44 21.89 -41.45
N ASN C 148 35.95 21.96 -40.21
CA ASN C 148 37.34 22.26 -39.90
C ASN C 148 37.84 23.59 -40.44
N GLN C 149 37.00 24.63 -40.38
CA GLN C 149 37.46 25.97 -40.75
C GLN C 149 38.44 26.48 -39.69
N GLY C 150 38.30 25.96 -38.48
CA GLY C 150 39.15 26.27 -37.34
C GLY C 150 38.63 27.45 -36.51
N SER C 151 37.66 28.18 -37.05
CA SER C 151 37.07 29.29 -36.34
C SER C 151 35.66 28.97 -35.84
N GLU C 152 35.06 27.90 -36.36
CA GLU C 152 33.68 27.56 -36.00
C GLU C 152 33.62 26.38 -35.04
N TYR C 153 32.85 26.58 -33.97
CA TYR C 153 32.77 25.64 -32.87
C TYR C 153 31.36 25.39 -32.38
N ARG C 154 31.17 24.29 -31.65
CA ARG C 154 29.89 24.00 -31.01
C ARG C 154 30.12 23.44 -29.61
N LEU C 155 29.11 23.50 -28.76
CA LEU C 155 29.26 22.96 -27.41
C LEU C 155 29.33 21.44 -27.47
N ILE C 156 30.14 20.88 -26.58
CA ILE C 156 30.46 19.46 -26.57
C ILE C 156 29.29 18.50 -26.44
N ASN C 157 28.20 18.91 -25.80
CA ASN C 157 27.08 17.98 -25.64
C ASN C 157 25.90 18.23 -26.57
N CYS C 158 26.04 19.11 -27.56
CA CYS C 158 24.91 19.36 -28.45
C CYS C 158 24.58 18.17 -29.35
N ASN C 159 25.52 17.24 -29.53
CA ASN C 159 25.25 16.07 -30.34
C ASN C 159 24.82 14.88 -29.49
N THR C 160 24.70 15.07 -28.18
CA THR C 160 24.29 13.96 -27.32
C THR C 160 23.09 14.25 -26.43
N SER C 161 22.89 15.52 -26.06
CA SER C 161 21.87 15.83 -25.07
C SER C 161 21.39 17.28 -25.07
N ALA C 162 20.21 17.49 -24.51
CA ALA C 162 19.77 18.82 -24.16
C ALA C 162 20.60 19.34 -23.01
N ILE C 163 20.85 20.64 -22.97
CA ILE C 163 21.62 21.24 -21.89
C ILE C 163 20.74 22.14 -21.03
N THR C 164 20.71 21.89 -19.71
CA THR C 164 19.90 22.68 -18.78
C THR C 164 20.78 23.49 -17.86
N GLN C 165 20.48 24.78 -17.69
CA GLN C 165 21.25 25.62 -16.79
C GLN C 165 20.86 25.33 -15.35
N ALA C 166 21.84 25.16 -14.47
CA ALA C 166 21.51 25.04 -13.06
C ALA C 166 21.00 26.37 -12.55
N CYS C 167 20.02 26.35 -11.67
CA CYS C 167 19.52 27.58 -11.09
C CYS C 167 20.59 28.22 -10.20
N PRO C 168 20.84 29.52 -10.32
CA PRO C 168 21.89 30.27 -9.63
C PRO C 168 21.69 30.32 -8.12
N LYS C 169 20.46 30.11 -7.68
CA LYS C 169 20.13 30.14 -6.25
C LYS C 169 20.31 28.79 -5.58
N VAL C 170 20.56 27.75 -6.37
CA VAL C 170 20.69 26.42 -5.81
C VAL C 170 22.11 26.08 -5.39
N SER C 171 22.27 25.74 -4.13
CA SER C 171 23.58 25.36 -3.61
C SER C 171 23.84 23.89 -3.84
N PHE C 172 25.08 23.55 -4.13
CA PHE C 172 25.46 22.16 -4.28
C PHE C 172 26.24 21.65 -3.07
N GLU C 173 26.29 22.45 -2.01
CA GLU C 173 27.06 22.05 -0.83
C GLU C 173 26.45 20.80 -0.20
N PRO C 174 27.26 19.77 0.12
CA PRO C 174 26.84 18.58 0.84
C PRO C 174 26.28 18.91 2.22
N ILE C 175 25.19 18.25 2.56
CA ILE C 175 24.60 18.29 3.89
C ILE C 175 24.49 16.85 4.37
N PRO C 176 24.94 16.50 5.58
CA PRO C 176 24.84 15.15 6.10
C PRO C 176 23.40 14.65 6.05
N ILE C 177 23.24 13.43 5.58
CA ILE C 177 21.94 12.78 5.51
C ILE C 177 21.93 11.54 6.37
N HIS C 178 20.97 11.45 7.28
CA HIS C 178 20.84 10.26 8.09
C HIS C 178 19.79 9.37 7.46
N TYR C 179 20.12 8.11 7.21
CA TYR C 179 19.11 7.23 6.67
C TYR C 179 18.41 6.48 7.78
N CYS C 180 17.10 6.57 7.80
CA CYS C 180 16.31 5.95 8.85
C CYS C 180 15.40 4.88 8.29
N THR C 181 15.14 3.85 9.10
CA THR C 181 14.30 2.77 8.67
C THR C 181 12.92 2.88 9.36
N PRO C 182 11.84 2.41 8.72
CA PRO C 182 10.49 2.33 9.25
C PRO C 182 10.42 1.46 10.50
N ALA C 183 9.46 1.75 11.36
CA ALA C 183 9.28 0.92 12.55
C ALA C 183 8.99 -0.51 12.12
N GLY C 184 9.47 -1.46 12.90
CA GLY C 184 9.37 -2.88 12.53
C GLY C 184 10.63 -3.34 11.81
N PHE C 185 11.52 -2.39 11.52
CA PHE C 185 12.81 -2.66 10.91
C PHE C 185 13.90 -2.02 11.76
N ALA C 186 15.12 -2.51 11.62
CA ALA C 186 16.24 -1.95 12.36
C ALA C 186 17.50 -1.97 11.51
N ILE C 187 18.42 -1.07 11.79
CA ILE C 187 19.71 -1.10 11.11
C ILE C 187 20.80 -1.57 12.05
N LEU C 188 21.47 -2.66 11.66
CA LEU C 188 22.55 -3.17 12.48
C LEU C 188 23.84 -2.46 12.10
N LYS C 189 24.66 -2.15 13.08
CA LYS C 189 25.93 -1.47 12.85
C LYS C 189 27.10 -2.32 13.27
N CYS C 190 28.08 -2.48 12.39
CA CYS C 190 29.29 -3.20 12.76
C CYS C 190 30.32 -2.25 13.37
N LYS C 191 30.76 -2.58 14.59
CA LYS C 191 31.70 -1.75 15.31
C LYS C 191 33.12 -2.30 15.42
N ASP C 192 33.43 -3.38 14.71
CA ASP C 192 34.76 -3.95 14.84
C ASP C 192 35.80 -2.89 14.47
N GLU C 193 36.90 -2.85 15.23
CA GLU C 193 37.92 -1.81 15.05
C GLU C 193 38.54 -1.84 13.67
N GLY C 194 38.60 -3.03 13.08
CA GLY C 194 39.04 -3.16 11.70
C GLY C 194 38.07 -4.08 10.99
N PHE C 195 37.56 -3.62 9.86
CA PHE C 195 36.57 -4.40 9.14
C PHE C 195 36.55 -4.00 7.67
N ASN C 196 36.61 -4.97 6.77
CA ASN C 196 36.61 -4.64 5.36
C ASN C 196 35.22 -4.68 4.75
N GLY C 197 34.21 -4.74 5.60
CA GLY C 197 32.84 -4.69 5.15
C GLY C 197 32.29 -6.05 4.77
N THR C 198 33.11 -7.09 4.89
CA THR C 198 32.65 -8.42 4.53
C THR C 198 32.90 -9.39 5.67
N GLY C 199 32.20 -10.53 5.63
CA GLY C 199 32.41 -11.57 6.61
C GLY C 199 31.74 -11.23 7.93
N LEU C 200 32.13 -11.94 8.98
CA LEU C 200 31.46 -11.83 10.26
C LEU C 200 31.98 -10.68 11.10
N CYS C 201 31.05 -9.94 11.68
CA CYS C 201 31.37 -8.85 12.59
C CYS C 201 31.10 -9.27 14.03
N LYS C 202 32.13 -9.26 14.87
CA LYS C 202 32.00 -9.71 16.26
C LYS C 202 31.19 -8.75 17.12
N ASN C 203 31.34 -7.47 16.83
CA ASN C 203 30.75 -6.40 17.63
C ASN C 203 29.61 -5.71 16.88
N VAL C 204 28.38 -6.03 17.26
CA VAL C 204 27.21 -5.52 16.55
C VAL C 204 26.30 -4.70 17.46
N SER C 205 25.86 -3.55 16.96
CA SER C 205 24.94 -2.67 17.68
C SER C 205 23.73 -2.33 16.82
N THR C 206 22.63 -1.93 17.45
CA THR C 206 21.43 -1.55 16.73
C THR C 206 21.15 -0.06 16.79
N VAL C 207 20.84 0.53 15.63
CA VAL C 207 20.44 1.92 15.54
C VAL C 207 19.18 2.07 14.68
N GLN C 208 18.36 3.07 14.99
CA GLN C 208 17.20 3.37 14.15
C GLN C 208 17.63 4.06 12.85
N CYS C 209 18.73 4.80 12.92
CA CYS C 209 19.24 5.58 11.80
C CYS C 209 20.75 5.53 11.70
N THR C 210 21.28 5.84 10.52
CA THR C 210 22.72 5.88 10.31
C THR C 210 23.30 7.18 10.83
N HIS C 211 24.63 7.23 10.93
CA HIS C 211 25.33 8.48 11.17
C HIS C 211 25.10 9.34 9.94
N GLY C 212 25.21 10.65 10.07
CA GLY C 212 24.97 11.47 8.90
C GLY C 212 26.01 11.21 7.84
N ILE C 213 25.57 11.03 6.61
CA ILE C 213 26.46 10.78 5.49
C ILE C 213 26.42 11.93 4.51
N LYS C 214 27.56 12.54 4.26
CA LYS C 214 27.59 13.64 3.31
C LYS C 214 27.57 13.07 1.88
N PRO C 215 26.72 13.58 0.99
CA PRO C 215 26.61 13.20 -0.40
C PRO C 215 27.70 13.83 -1.26
N VAL C 216 28.95 13.51 -0.93
CA VAL C 216 30.09 14.05 -1.65
C VAL C 216 30.35 13.27 -2.91
N VAL C 217 30.47 13.98 -4.03
CA VAL C 217 30.73 13.33 -5.30
C VAL C 217 32.17 13.56 -5.76
N SER C 218 32.89 12.46 -6.00
CA SER C 218 34.27 12.51 -6.47
C SER C 218 34.62 11.26 -7.27
N THR C 219 35.67 11.34 -8.09
CA THR C 219 36.02 10.17 -8.92
C THR C 219 37.28 9.39 -8.54
N GLN C 220 38.24 10.00 -7.83
CA GLN C 220 39.45 9.25 -7.50
C GLN C 220 39.75 9.22 -6.02
N LEU C 221 39.60 10.37 -5.37
CA LEU C 221 39.86 10.47 -3.95
C LEU C 221 38.55 10.66 -3.23
N LEU C 222 38.41 10.04 -2.08
CA LEU C 222 37.21 10.23 -1.29
C LEU C 222 37.42 11.40 -0.35
N LEU C 223 36.55 12.40 -0.47
CA LEU C 223 36.71 13.61 0.32
C LEU C 223 35.66 13.73 1.41
N ASN C 224 36.08 14.28 2.54
CA ASN C 224 35.19 14.63 3.65
C ASN C 224 34.40 13.41 4.15
N GLY C 225 35.02 12.23 4.15
CA GLY C 225 34.39 11.01 4.64
C GLY C 225 34.83 10.65 6.06
N SER C 226 34.49 9.44 6.49
CA SER C 226 34.90 8.94 7.80
C SER C 226 36.35 8.46 7.81
N LEU C 227 36.98 8.52 8.97
CA LEU C 227 38.35 8.04 9.16
C LEU C 227 38.42 6.70 9.88
N ALA C 228 39.41 5.88 9.54
CA ALA C 228 39.66 4.64 10.25
C ALA C 228 40.14 4.94 11.67
N GLU C 229 39.72 4.15 12.65
CA GLU C 229 40.10 4.42 14.03
C GLU C 229 41.58 4.19 14.38
N LYS C 230 42.18 3.12 13.85
CA LYS C 230 43.56 2.80 14.23
C LYS C 230 44.52 2.56 13.06
N ASN C 231 44.04 1.85 12.04
CA ASN C 231 44.92 1.42 10.96
C ASN C 231 44.23 1.57 9.62
N ILE C 232 45.00 1.61 8.54
CA ILE C 232 44.41 1.73 7.22
C ILE C 232 43.71 0.45 6.82
N ILE C 233 42.48 0.59 6.36
CA ILE C 233 41.66 -0.55 5.99
C ILE C 233 41.49 -0.62 4.49
N ILE C 234 41.86 -1.76 3.91
CA ILE C 234 41.74 -1.96 2.48
C ILE C 234 40.60 -2.91 2.17
N ARG C 235 39.66 -2.46 1.34
CA ARG C 235 38.46 -3.23 1.09
C ARG C 235 38.30 -3.61 -0.38
N SER C 236 37.95 -4.86 -0.63
CA SER C 236 37.66 -5.32 -1.98
C SER C 236 36.78 -6.56 -1.94
N GLU C 237 35.93 -6.71 -2.94
CA GLU C 237 35.13 -7.93 -3.10
C GLU C 237 36.02 -9.13 -3.35
N ASN C 238 37.14 -8.88 -4.02
CA ASN C 238 38.11 -9.92 -4.38
C ASN C 238 39.46 -9.29 -4.67
N ILE C 239 40.35 -9.26 -3.69
CA ILE C 239 41.61 -8.54 -3.82
C ILE C 239 42.50 -9.10 -4.94
N THR C 240 42.27 -10.36 -5.33
CA THR C 240 43.10 -10.97 -6.36
C THR C 240 42.54 -10.72 -7.75
N ASN C 241 41.32 -10.21 -7.83
CA ASN C 241 40.69 -9.92 -9.11
C ASN C 241 40.92 -8.46 -9.47
N ASN C 242 41.72 -8.22 -10.49
CA ASN C 242 42.14 -6.86 -10.83
C ASN C 242 40.98 -5.98 -11.31
N ALA C 243 39.89 -6.61 -11.74
CA ALA C 243 38.71 -5.88 -12.20
C ALA C 243 38.06 -5.08 -11.07
N LYS C 244 38.23 -5.54 -9.84
CA LYS C 244 37.52 -4.96 -8.70
C LYS C 244 38.16 -3.66 -8.21
N ILE C 245 37.32 -2.72 -7.80
CA ILE C 245 37.79 -1.46 -7.22
C ILE C 245 38.10 -1.63 -5.75
N ILE C 246 39.28 -1.20 -5.36
CA ILE C 246 39.77 -1.30 -4.00
C ILE C 246 39.52 0.00 -3.26
N ILE C 247 38.82 -0.07 -2.13
CA ILE C 247 38.55 1.12 -1.35
C ILE C 247 39.49 1.18 -0.16
N VAL C 248 40.25 2.25 -0.05
CA VAL C 248 41.22 2.37 1.04
C VAL C 248 40.80 3.49 1.97
N GLN C 249 40.62 3.17 3.26
CA GLN C 249 40.22 4.19 4.23
C GLN C 249 41.40 4.59 5.11
N LEU C 250 41.64 5.89 5.20
CA LEU C 250 42.80 6.42 5.91
C LEU C 250 42.51 6.71 7.38
N VAL C 251 43.53 6.52 8.23
CA VAL C 251 43.43 6.83 9.65
C VAL C 251 43.39 8.33 9.90
N GLN C 252 44.24 9.05 9.17
CA GLN C 252 44.30 10.49 9.30
C GLN C 252 44.05 11.12 7.94
N PRO C 253 43.40 12.27 7.87
CA PRO C 253 43.09 12.99 6.67
C PRO C 253 44.34 13.58 6.07
N VAL C 254 44.34 13.73 4.75
CA VAL C 254 45.38 14.53 4.12
C VAL C 254 44.73 15.77 3.55
N THR C 255 45.18 16.93 4.00
CA THR C 255 44.57 18.17 3.57
C THR C 255 44.86 18.46 2.12
N ILE C 256 43.81 18.80 1.36
CA ILE C 256 43.97 19.27 0.00
C ILE C 256 43.33 20.64 -0.13
N LYS C 257 44.08 21.60 -0.65
CA LYS C 257 43.57 22.95 -0.82
C LYS C 257 43.41 23.25 -2.28
N CYS C 258 42.30 23.86 -2.67
CA CYS C 258 42.05 24.13 -4.09
C CYS C 258 41.63 25.57 -4.34
N ILE C 259 42.10 26.11 -5.46
CA ILE C 259 41.80 27.47 -5.83
C ILE C 259 41.55 27.64 -7.32
N ARG C 260 40.68 28.59 -7.64
CA ARG C 260 40.53 29.11 -9.00
C ARG C 260 40.93 30.58 -8.99
N PRO C 261 42.21 30.93 -9.28
CA PRO C 261 42.77 32.26 -9.19
C PRO C 261 42.06 33.27 -10.08
N ASN C 262 41.42 32.78 -11.14
CA ASN C 262 40.74 33.67 -12.06
C ASN C 262 39.58 34.37 -11.39
N ASN C 263 39.56 35.69 -11.51
CA ASN C 263 38.47 36.49 -10.96
C ASN C 263 37.41 36.73 -12.01
N ASN C 264 36.32 35.98 -11.92
CA ASN C 264 35.29 36.06 -12.96
C ASN C 264 34.36 37.25 -12.79
N THR C 265 34.09 37.93 -13.91
CA THR C 265 33.02 38.90 -13.97
C THR C 265 31.86 38.24 -14.69
N VAL C 266 30.73 38.12 -14.00
CA VAL C 266 29.59 37.40 -14.54
C VAL C 266 28.51 38.33 -15.05
N LYS C 267 28.09 38.09 -16.28
CA LYS C 267 27.07 38.88 -16.95
C LYS C 267 25.89 37.99 -17.31
N SER C 268 24.72 38.59 -17.49
CA SER C 268 23.57 37.79 -17.87
C SER C 268 22.69 38.51 -18.87
N ILE C 269 22.02 37.70 -19.69
CA ILE C 269 21.11 38.22 -20.70
C ILE C 269 19.79 37.47 -20.69
N ARG C 270 18.72 38.14 -21.10
CA ARG C 270 17.46 37.46 -21.31
C ARG C 270 17.56 36.64 -22.58
N ILE C 271 17.03 35.41 -22.56
CA ILE C 271 17.06 34.59 -23.78
C ILE C 271 15.65 34.27 -24.26
N GLY C 272 14.67 34.72 -23.49
CA GLY C 272 13.27 34.53 -23.80
C GLY C 272 12.46 35.05 -22.62
N PRO C 273 11.13 35.10 -22.72
CA PRO C 273 10.26 35.53 -21.65
C PRO C 273 10.49 34.67 -20.42
N GLY C 274 10.76 35.31 -19.29
CA GLY C 274 10.88 34.60 -18.02
C GLY C 274 12.21 33.85 -17.86
N GLN C 275 13.13 33.98 -18.81
CA GLN C 275 14.37 33.20 -18.78
C GLN C 275 15.62 34.04 -18.96
N ALA C 276 16.72 33.58 -18.38
CA ALA C 276 18.00 34.27 -18.52
C ALA C 276 19.17 33.30 -18.50
N PHE C 277 20.24 33.69 -19.18
CA PHE C 277 21.46 32.90 -19.28
C PHE C 277 22.64 33.62 -18.63
N TYR C 278 23.40 32.89 -17.82
CA TYR C 278 24.56 33.46 -17.13
C TYR C 278 25.86 32.99 -17.77
N TYR C 279 26.79 33.92 -17.93
CA TYR C 279 28.08 33.60 -18.52
C TYR C 279 29.19 34.51 -18.01
N THR C 280 30.44 34.08 -18.17
CA THR C 280 31.56 34.92 -17.77
C THR C 280 31.83 35.95 -18.85
N GLY C 281 31.71 37.22 -18.50
CA GLY C 281 31.95 38.30 -19.45
C GLY C 281 33.41 38.67 -19.56
N ASP C 282 34.16 38.45 -18.47
CA ASP C 282 35.58 38.80 -18.45
C ASP C 282 36.33 38.13 -17.31
N ILE C 283 37.66 38.15 -17.41
CA ILE C 283 38.56 37.75 -16.34
C ILE C 283 39.32 38.96 -15.85
N ILE C 284 39.26 39.25 -14.56
CA ILE C 284 39.97 40.39 -14.02
C ILE C 284 41.36 39.96 -13.54
N GLY C 285 42.38 40.60 -14.08
CA GLY C 285 43.76 40.23 -13.78
C GLY C 285 44.23 39.11 -14.70
N ASP C 286 45.45 38.64 -14.47
CA ASP C 286 46.06 37.63 -15.32
C ASP C 286 45.28 36.32 -15.29
N ILE C 287 45.17 35.68 -16.46
CA ILE C 287 44.51 34.40 -16.56
C ILE C 287 45.46 33.31 -16.10
N ARG C 288 45.03 32.52 -15.12
CA ARG C 288 45.87 31.49 -14.52
C ARG C 288 45.15 30.16 -14.38
N GLN C 289 45.91 29.08 -14.49
CA GLN C 289 45.37 27.73 -14.38
C GLN C 289 44.97 27.40 -12.95
N ALA C 290 43.82 26.74 -12.80
CA ALA C 290 43.35 26.27 -11.50
C ALA C 290 44.31 25.22 -10.95
N HIS C 291 44.44 25.14 -9.64
CA HIS C 291 45.32 24.11 -9.07
C HIS C 291 44.94 23.70 -7.66
N CYS C 292 45.43 22.52 -7.26
CA CYS C 292 45.25 22.03 -5.89
C CYS C 292 46.56 21.58 -5.27
N ASN C 293 46.65 21.70 -3.94
CA ASN C 293 47.86 21.34 -3.22
C ASN C 293 47.64 20.26 -2.17
N VAL C 294 48.42 19.19 -2.28
CA VAL C 294 48.43 18.15 -1.27
C VAL C 294 49.79 18.17 -0.58
N THR C 295 49.83 18.28 0.75
CA THR C 295 51.11 18.38 1.44
C THR C 295 51.97 17.14 1.18
N ARG C 296 53.20 17.36 0.71
CA ARG C 296 54.05 16.24 0.31
C ARG C 296 54.43 15.32 1.46
N SER C 297 54.76 15.90 2.60
CA SER C 297 55.22 15.07 3.72
C SER C 297 54.13 14.17 4.25
N ARG C 298 52.90 14.69 4.31
CA ARG C 298 51.80 13.87 4.80
C ARG C 298 51.39 12.84 3.77
N TRP C 299 51.42 13.23 2.51
CA TRP C 299 51.06 12.32 1.45
C TRP C 299 52.02 11.15 1.34
N ASN C 300 53.31 11.41 1.54
CA ASN C 300 54.29 10.35 1.45
C ASN C 300 54.10 9.33 2.56
N LYS C 301 53.82 9.81 3.77
CA LYS C 301 53.57 8.91 4.88
C LYS C 301 52.31 8.13 4.63
N THR C 302 51.32 8.78 4.02
CA THR C 302 50.07 8.12 3.74
C THR C 302 50.25 6.96 2.78
N LEU C 303 50.98 7.19 1.69
CA LEU C 303 51.19 6.10 0.76
C LEU C 303 52.08 5.01 1.31
N GLN C 304 53.04 5.36 2.15
CA GLN C 304 53.87 4.32 2.72
C GLN C 304 53.03 3.38 3.54
N GLU C 305 52.12 3.93 4.34
CA GLU C 305 51.26 3.11 5.17
C GLU C 305 50.30 2.28 4.33
N VAL C 306 49.82 2.84 3.21
CA VAL C 306 48.97 2.07 2.31
C VAL C 306 49.75 0.91 1.71
N ALA C 307 50.99 1.18 1.29
CA ALA C 307 51.82 0.14 0.73
C ALA C 307 52.11 -0.96 1.72
N GLU C 308 52.33 -0.58 2.99
CA GLU C 308 52.61 -1.59 4.00
C GLU C 308 51.44 -2.53 4.18
N LYS C 309 50.22 -2.00 4.10
CA LYS C 309 49.04 -2.82 4.23
C LYS C 309 48.83 -3.71 3.00
N LEU C 310 49.10 -3.16 1.80
CA LEU C 310 48.94 -3.92 0.55
C LEU C 310 49.88 -5.12 0.49
N ARG C 311 51.05 -4.98 1.08
CA ARG C 311 52.04 -6.05 1.07
C ARG C 311 51.53 -7.32 1.75
N THR C 312 50.55 -7.18 2.65
CA THR C 312 50.04 -8.34 3.37
C THR C 312 49.11 -9.17 2.50
N TYR C 313 48.64 -8.61 1.39
CA TYR C 313 47.75 -9.33 0.49
C TYR C 313 48.50 -9.88 -0.71
N PHE C 314 49.63 -9.26 -1.03
CA PHE C 314 50.36 -9.60 -2.24
C PHE C 314 51.72 -10.27 -2.04
N GLY C 315 51.98 -10.80 -0.85
CA GLY C 315 53.21 -11.58 -0.68
C GLY C 315 54.48 -10.74 -0.50
N ASN C 316 54.33 -9.51 0.00
CA ASN C 316 55.46 -8.59 0.20
C ASN C 316 56.16 -8.22 -1.10
N LYS C 317 55.40 -8.11 -2.18
CA LYS C 317 55.90 -7.60 -3.45
C LYS C 317 56.04 -6.08 -3.36
N THR C 318 56.99 -5.53 -4.11
CA THR C 318 57.17 -4.08 -4.14
C THR C 318 55.90 -3.39 -4.68
N ILE C 319 55.48 -2.33 -4.00
CA ILE C 319 54.23 -1.66 -4.37
C ILE C 319 54.46 -0.42 -5.21
N ILE C 320 53.84 -0.40 -6.39
CA ILE C 320 53.98 0.69 -7.33
C ILE C 320 52.67 1.41 -7.54
N PHE C 321 52.69 2.72 -7.45
CA PHE C 321 51.53 3.49 -7.79
C PHE C 321 51.75 4.11 -9.16
N ALA C 322 50.68 4.27 -9.93
CA ALA C 322 50.80 4.84 -11.27
C ALA C 322 49.54 5.62 -11.64
N GLN C 323 49.68 6.49 -12.62
CA GLN C 323 48.58 7.32 -13.12
C GLN C 323 47.58 6.47 -13.91
N SER C 324 46.37 6.99 -14.09
CA SER C 324 45.35 6.27 -14.85
C SER C 324 45.83 5.99 -16.27
N SER C 325 45.48 4.82 -16.77
CA SER C 325 45.89 4.37 -18.09
C SER C 325 45.26 5.15 -19.24
N GLY C 326 44.16 5.87 -18.99
CA GLY C 326 43.50 6.59 -20.08
C GLY C 326 41.99 6.56 -19.97
N GLY C 327 41.32 6.97 -21.05
CA GLY C 327 39.87 7.07 -21.07
C GLY C 327 39.37 8.49 -20.77
N ASP C 328 38.08 8.59 -20.47
CA ASP C 328 37.38 9.86 -20.31
C ASP C 328 37.93 10.70 -19.17
N LEU C 329 37.77 12.02 -19.29
CA LEU C 329 38.25 12.96 -18.27
C LEU C 329 37.71 12.62 -16.89
N GLU C 330 36.46 12.15 -16.84
CA GLU C 330 35.82 11.77 -15.59
C GLU C 330 36.51 10.60 -14.89
N ILE C 331 37.25 9.80 -15.66
CA ILE C 331 37.95 8.65 -15.10
C ILE C 331 39.41 8.99 -14.79
N THR C 332 40.06 9.68 -15.73
CA THR C 332 41.48 9.94 -15.63
C THR C 332 41.84 11.07 -14.66
N THR C 333 40.85 11.86 -14.27
CA THR C 333 41.11 12.96 -13.34
C THR C 333 40.20 12.92 -12.13
N HIS C 334 40.60 13.68 -11.11
CA HIS C 334 39.87 13.77 -9.86
C HIS C 334 38.82 14.85 -9.91
N SER C 335 37.58 14.45 -10.09
CA SER C 335 36.49 15.40 -10.15
C SER C 335 36.03 15.75 -8.75
N PHE C 336 35.66 17.01 -8.54
CA PHE C 336 34.97 17.42 -7.32
C PHE C 336 34.24 18.75 -7.51
N ASN C 337 33.27 19.01 -6.63
CA ASN C 337 32.52 20.26 -6.63
C ASN C 337 32.99 21.21 -5.53
N CYS C 338 33.69 22.27 -5.91
CA CYS C 338 34.23 23.24 -4.96
C CYS C 338 33.72 24.65 -5.23
N GLY C 339 32.87 25.16 -4.34
CA GLY C 339 32.36 26.51 -4.49
C GLY C 339 31.24 26.60 -5.52
N GLY C 340 30.79 25.45 -5.99
CA GLY C 340 29.80 25.35 -7.06
C GLY C 340 30.45 25.18 -8.42
N GLU C 341 31.78 25.29 -8.48
CA GLU C 341 32.51 25.05 -9.71
C GLU C 341 32.97 23.60 -9.78
N PHE C 342 32.96 23.03 -10.98
CA PHE C 342 33.36 21.64 -11.14
C PHE C 342 34.79 21.52 -11.66
N PHE C 343 35.64 20.98 -10.82
CA PHE C 343 37.07 20.86 -11.07
C PHE C 343 37.44 19.46 -11.50
N TYR C 344 38.39 19.36 -12.42
CA TYR C 344 38.98 18.09 -12.83
C TYR C 344 40.50 18.16 -12.71
N CYS C 345 41.07 17.53 -11.68
CA CYS C 345 42.48 17.72 -11.40
C CYS C 345 43.33 16.50 -11.76
N ASN C 346 44.55 16.78 -12.18
CA ASN C 346 45.53 15.77 -12.58
C ASN C 346 46.29 15.22 -11.38
N THR C 347 46.02 13.97 -11.04
CA THR C 347 46.56 13.34 -9.83
C THR C 347 47.85 12.56 -10.08
N SER C 348 48.43 12.68 -11.26
CA SER C 348 49.64 11.90 -11.55
C SER C 348 50.78 12.32 -10.65
N GLY C 349 50.71 13.52 -10.07
CA GLY C 349 51.71 13.97 -9.13
C GLY C 349 51.61 13.25 -7.79
N LEU C 350 50.46 12.63 -7.52
CA LEU C 350 50.23 11.95 -6.25
C LEU C 350 50.55 10.46 -6.31
N PHE C 351 50.36 9.86 -7.48
CA PHE C 351 50.44 8.41 -7.62
C PHE C 351 51.65 7.95 -8.42
N ASN C 352 52.74 8.69 -8.33
CA ASN C 352 53.95 8.43 -9.09
C ASN C 352 55.01 7.68 -8.30
N SER C 353 54.70 7.32 -7.05
CA SER C 353 55.71 6.72 -6.17
C SER C 353 55.83 5.20 -6.27
N THR C 354 57.00 4.70 -5.87
CA THR C 354 57.25 3.26 -5.69
C THR C 354 57.80 3.01 -4.29
N TRP C 355 57.29 1.97 -3.61
CA TRP C 355 57.73 1.69 -2.25
C TRP C 355 58.25 0.28 -2.07
N TYR C 356 59.39 0.16 -1.42
CA TYR C 356 60.07 -1.12 -1.23
C TYR C 356 59.97 -1.62 0.20
N VAL C 357 60.09 -2.94 0.35
CA VAL C 357 60.04 -3.57 1.66
C VAL C 357 61.15 -3.07 2.57
N ASN C 358 62.32 -2.85 1.97
CA ASN C 358 63.48 -2.36 2.71
C ASN C 358 63.10 -1.21 3.63
N ASP C 372 57.14 20.95 1.83
CA ASP C 372 56.49 21.61 0.70
C ASP C 372 55.24 20.86 0.25
N THR C 373 54.68 21.25 -0.88
CA THR C 373 53.41 20.68 -1.34
C THR C 373 53.50 20.13 -2.76
N ILE C 374 52.57 19.25 -3.09
CA ILE C 374 52.45 18.73 -4.44
C ILE C 374 51.35 19.49 -5.15
N THR C 375 51.72 20.24 -6.17
CA THR C 375 50.72 21.02 -6.88
C THR C 375 50.18 20.25 -8.08
N LEU C 376 48.86 20.12 -8.13
CA LEU C 376 48.20 19.40 -9.20
C LEU C 376 47.68 20.39 -10.24
N PRO C 377 47.95 20.19 -11.53
CA PRO C 377 47.33 20.89 -12.64
C PRO C 377 45.84 20.61 -12.57
N CYS C 378 45.02 21.59 -12.92
CA CYS C 378 43.59 21.38 -12.84
C CYS C 378 42.82 22.24 -13.81
N ARG C 379 41.68 21.72 -14.27
CA ARG C 379 40.83 22.42 -15.22
C ARG C 379 39.37 22.44 -14.77
N ILE C 380 38.63 23.43 -15.23
CA ILE C 380 37.22 23.59 -14.90
C ILE C 380 36.34 23.42 -16.13
N LYS C 381 35.30 22.60 -16.00
CA LYS C 381 34.38 22.36 -17.10
C LYS C 381 32.95 22.75 -16.69
N GLN C 382 32.29 23.59 -17.49
CA GLN C 382 30.96 24.06 -17.13
C GLN C 382 29.84 23.08 -17.52
N ILE C 383 30.06 22.27 -18.56
CA ILE C 383 29.02 21.33 -18.97
C ILE C 383 29.37 19.94 -18.47
N ILE C 384 28.52 19.39 -17.62
CA ILE C 384 28.85 18.14 -16.96
C ILE C 384 27.74 17.11 -17.05
N ASN C 385 28.12 15.85 -16.85
CA ASN C 385 27.18 14.74 -16.77
C ASN C 385 27.65 13.77 -15.68
N MET C 386 27.31 14.10 -14.44
CA MET C 386 27.87 13.44 -13.27
C MET C 386 27.51 11.97 -13.15
N TRP C 387 26.35 11.60 -13.65
CA TRP C 387 25.86 10.25 -13.48
C TRP C 387 26.08 9.40 -14.73
N GLN C 388 26.80 9.98 -15.70
CA GLN C 388 27.13 9.29 -16.95
C GLN C 388 25.88 8.82 -17.71
N ARG C 389 24.83 9.63 -17.71
CA ARG C 389 23.60 9.25 -18.40
C ARG C 389 23.51 9.84 -19.79
N ALA C 390 23.23 8.99 -20.77
CA ALA C 390 23.02 9.50 -22.12
C ALA C 390 21.76 10.34 -22.15
N GLY C 391 21.77 11.41 -22.93
CA GLY C 391 20.58 12.24 -23.10
C GLY C 391 20.44 13.31 -22.02
N GLN C 392 21.39 13.38 -21.08
CA GLN C 392 21.33 14.38 -20.03
C GLN C 392 22.62 15.20 -19.95
N ALA C 393 22.48 16.48 -19.62
CA ALA C 393 23.64 17.33 -19.35
C ALA C 393 23.21 18.56 -18.56
N MET C 394 24.14 19.11 -17.79
CA MET C 394 23.86 20.33 -17.03
C MET C 394 24.92 21.37 -17.32
N TYR C 395 24.50 22.63 -17.43
CA TYR C 395 25.44 23.74 -17.52
C TYR C 395 25.51 24.48 -16.20
N ALA C 396 26.64 24.42 -15.52
CA ALA C 396 26.77 25.19 -14.31
C ALA C 396 27.00 26.64 -14.69
N PRO C 397 26.38 27.61 -14.02
CA PRO C 397 26.67 29.01 -14.16
C PRO C 397 28.03 29.25 -13.53
N PRO C 398 28.80 30.22 -14.01
CA PRO C 398 30.06 30.62 -13.44
C PRO C 398 29.83 31.27 -12.10
N ILE C 399 30.75 31.05 -11.17
CA ILE C 399 30.66 31.69 -9.88
C ILE C 399 31.66 32.85 -9.84
N PRO C 400 31.21 34.09 -9.59
CA PRO C 400 31.98 35.32 -9.66
C PRO C 400 33.06 35.40 -8.60
N GLY C 401 34.11 36.17 -8.87
CA GLY C 401 35.18 36.37 -7.91
C GLY C 401 36.16 35.21 -7.90
N VAL C 402 36.92 35.08 -6.81
CA VAL C 402 37.94 34.04 -6.67
C VAL C 402 37.44 32.92 -5.78
N ILE C 403 37.54 31.68 -6.27
CA ILE C 403 36.97 30.54 -5.56
C ILE C 403 38.01 29.77 -4.78
N LYS C 404 37.77 29.61 -3.48
CA LYS C 404 38.69 28.87 -2.62
C LYS C 404 37.95 27.83 -1.79
N CYS C 405 38.59 26.68 -1.56
CA CYS C 405 38.08 25.72 -0.60
C CYS C 405 39.18 24.80 -0.10
N GLU C 406 38.88 24.07 0.97
CA GLU C 406 39.80 23.09 1.54
C GLU C 406 39.04 21.82 1.82
N SER C 407 39.64 20.67 1.52
CA SER C 407 38.94 19.41 1.74
C SER C 407 39.86 18.36 2.35
N ASN C 408 39.27 17.34 2.95
CA ASN C 408 40.04 16.27 3.57
C ASN C 408 40.02 15.00 2.76
N ILE C 409 41.19 14.52 2.35
CA ILE C 409 41.23 13.23 1.69
C ILE C 409 41.14 12.18 2.77
N THR C 410 40.07 11.40 2.75
CA THR C 410 39.83 10.43 3.81
C THR C 410 39.91 9.00 3.29
N GLY C 411 40.03 8.86 1.98
CA GLY C 411 40.17 7.53 1.40
C GLY C 411 40.52 7.58 -0.07
N LEU C 412 40.96 6.45 -0.61
CA LEU C 412 41.38 6.34 -2.00
C LEU C 412 40.57 5.29 -2.74
N LEU C 413 40.34 5.50 -4.03
CA LEU C 413 39.83 4.42 -4.88
C LEU C 413 40.95 3.94 -5.80
N LEU C 414 41.36 2.68 -5.64
CA LEU C 414 42.45 2.13 -6.44
C LEU C 414 41.99 0.90 -7.23
N THR C 415 42.63 0.66 -8.37
CA THR C 415 42.45 -0.60 -9.08
C THR C 415 43.82 -1.23 -9.31
N ARG C 416 43.86 -2.55 -9.37
CA ARG C 416 45.13 -3.22 -9.63
C ARG C 416 45.35 -3.36 -11.13
N ASP C 417 46.59 -3.19 -11.56
CA ASP C 417 46.93 -3.41 -12.96
C ASP C 417 47.29 -4.88 -13.17
N GLY C 418 46.34 -5.64 -13.71
CA GLY C 418 46.47 -7.09 -13.84
C GLY C 418 46.96 -7.53 -15.22
N GLY C 419 46.79 -8.83 -15.50
CA GLY C 419 47.24 -9.41 -16.77
C GLY C 419 48.71 -9.78 -16.72
N LYS C 420 49.32 -9.63 -15.55
CA LYS C 420 50.74 -9.87 -15.37
C LYS C 420 51.00 -10.96 -14.35
N ASP C 421 52.04 -11.75 -14.59
CA ASP C 421 52.44 -12.84 -13.71
C ASP C 421 53.65 -12.46 -12.85
N ASN C 422 53.99 -11.17 -12.84
CA ASN C 422 55.20 -10.72 -12.19
C ASN C 422 55.23 -11.06 -10.70
N ASN C 423 56.34 -11.64 -10.26
CA ASN C 423 56.53 -12.02 -8.87
C ASN C 423 57.40 -11.03 -8.10
N VAL C 424 57.72 -9.91 -8.73
CA VAL C 424 58.60 -8.91 -8.14
C VAL C 424 57.84 -7.75 -7.51
N ASN C 425 56.87 -7.23 -8.25
CA ASN C 425 56.17 -6.02 -7.82
C ASN C 425 54.73 -5.98 -8.34
N GLU C 426 53.92 -5.10 -7.78
CA GLU C 426 52.53 -4.89 -8.19
C GLU C 426 52.27 -3.42 -8.49
N THR C 427 51.38 -3.15 -9.44
CA THR C 427 51.05 -1.77 -9.80
C THR C 427 49.58 -1.44 -9.59
N PHE C 428 49.33 -0.27 -9.01
CA PHE C 428 47.96 0.19 -8.74
C PHE C 428 47.70 1.55 -9.39
N ARG C 429 46.47 1.76 -9.83
CA ARG C 429 46.10 3.03 -10.46
C ARG C 429 44.79 3.55 -9.85
N PRO C 430 44.63 4.87 -9.68
CA PRO C 430 43.49 5.52 -9.07
C PRO C 430 42.21 5.48 -9.90
N GLY C 431 41.08 5.54 -9.19
CA GLY C 431 39.77 5.80 -9.78
C GLY C 431 39.06 4.57 -10.30
N GLY C 432 37.86 4.80 -10.83
CA GLY C 432 37.01 3.76 -11.41
C GLY C 432 35.72 4.40 -11.90
N SER C 433 34.99 3.67 -12.74
CA SER C 433 33.77 4.21 -13.34
C SER C 433 32.52 4.12 -12.47
N ASP C 434 32.56 3.31 -11.42
CA ASP C 434 31.35 3.09 -10.64
C ASP C 434 31.20 4.08 -9.48
N MET C 435 30.29 5.02 -9.64
CA MET C 435 30.05 6.07 -8.66
C MET C 435 29.53 5.54 -7.32
N ARG C 436 28.90 4.38 -7.34
CA ARG C 436 28.27 3.83 -6.15
C ARG C 436 29.28 3.50 -5.06
N ASP C 437 30.54 3.32 -5.46
CA ASP C 437 31.58 2.98 -4.50
C ASP C 437 31.82 4.10 -3.49
N ASN C 438 31.44 5.31 -3.83
CA ASN C 438 31.61 6.38 -2.86
C ASN C 438 30.67 6.18 -1.67
N TRP C 439 29.47 5.66 -1.94
CA TRP C 439 28.49 5.49 -0.87
C TRP C 439 28.89 4.30 0.00
N ARG C 440 29.52 3.32 -0.63
CA ARG C 440 29.96 2.12 0.08
C ARG C 440 30.97 2.44 1.15
N SER C 441 31.74 3.50 0.96
CA SER C 441 32.77 3.85 1.93
C SER C 441 32.18 4.29 3.27
N GLU C 442 30.91 4.70 3.29
CA GLU C 442 30.27 5.09 4.54
C GLU C 442 29.22 4.07 4.99
N LEU C 443 28.65 3.33 4.04
CA LEU C 443 27.57 2.38 4.33
C LEU C 443 28.04 0.96 4.61
N TYR C 444 29.34 0.73 4.52
CA TYR C 444 29.89 -0.62 4.69
C TYR C 444 29.56 -1.24 6.04
N LYS C 445 29.37 -0.39 7.05
CA LYS C 445 29.14 -0.85 8.41
C LYS C 445 27.67 -1.11 8.72
N TYR C 446 26.76 -0.78 7.81
CA TYR C 446 25.34 -0.89 8.12
C TYR C 446 24.63 -2.01 7.38
N LYS C 447 23.68 -2.65 8.06
CA LYS C 447 22.84 -3.67 7.44
C LYS C 447 21.38 -3.50 7.85
N VAL C 448 20.47 -3.65 6.89
CA VAL C 448 19.04 -3.49 7.19
C VAL C 448 18.37 -4.84 7.41
N VAL C 449 17.68 -4.98 8.55
CA VAL C 449 16.99 -6.22 8.85
C VAL C 449 15.54 -5.97 9.27
N GLU C 450 14.67 -6.93 8.95
CA GLU C 450 13.27 -6.90 9.37
C GLU C 450 13.11 -7.53 10.73
N ILE C 451 12.34 -6.91 11.61
CA ILE C 451 12.10 -7.47 12.93
C ILE C 451 10.83 -8.29 12.94
N GLU C 452 10.91 -9.52 13.43
CA GLU C 452 9.78 -10.44 13.44
C GLU C 452 9.38 -10.83 14.86
N PRO C 453 8.61 -9.99 15.57
CA PRO C 453 8.36 -10.05 17.00
C PRO C 453 7.58 -11.29 17.44
N LEU C 454 6.88 -11.93 16.51
CA LEU C 454 6.12 -13.13 16.85
C LEU C 454 6.95 -14.39 16.72
N GLY C 455 6.71 -15.32 17.62
CA GLY C 455 7.30 -16.64 17.52
C GLY C 455 6.64 -17.60 18.49
N VAL C 456 6.92 -18.88 18.33
CA VAL C 456 6.31 -19.91 19.16
C VAL C 456 7.35 -20.86 19.72
N ALA C 457 7.09 -21.38 20.91
CA ALA C 457 7.95 -22.36 21.55
C ALA C 457 7.14 -23.16 22.55
N PRO C 458 7.49 -24.44 22.82
CA PRO C 458 6.81 -25.30 23.77
C PRO C 458 7.02 -24.85 25.21
N THR C 459 5.97 -24.94 26.01
CA THR C 459 6.06 -24.74 27.44
C THR C 459 5.17 -25.73 28.19
N ARG C 460 5.34 -25.80 29.50
CA ARG C 460 4.47 -26.62 30.34
C ARG C 460 3.05 -26.07 30.50
N CYS C 461 2.89 -24.75 30.37
CA CYS C 461 1.60 -24.13 30.65
C CYS C 461 0.54 -24.53 29.62
N LYS C 462 -0.68 -24.70 30.08
CA LYS C 462 -1.82 -24.95 29.21
C LYS C 462 -2.85 -23.85 29.39
N ARG C 463 -3.46 -23.43 28.32
CA ARG C 463 -4.48 -22.38 28.43
C ARG C 463 -5.67 -22.84 29.26
N ARG C 464 -6.12 -21.97 30.16
CA ARG C 464 -7.33 -22.25 30.94
C ARG C 464 -8.57 -22.06 30.08
N VAL C 465 -9.54 -22.95 30.21
CA VAL C 465 -10.76 -22.86 29.43
C VAL C 465 -11.98 -22.73 30.34
N VAL C 466 -12.81 -21.74 30.07
CA VAL C 466 -14.00 -21.49 30.86
C VAL C 466 -14.89 -22.73 30.88
N LEU D 9 18.22 -2.60 29.25
CA LEU D 9 18.95 -3.44 28.29
C LEU D 9 18.83 -2.85 26.88
N GLY D 10 17.62 -2.43 26.53
CA GLY D 10 17.35 -1.77 25.25
C GLY D 10 16.82 -2.70 24.16
N PHE D 11 16.42 -2.10 23.04
CA PHE D 11 15.78 -2.79 21.94
C PHE D 11 16.71 -3.83 21.31
N LEU D 12 16.20 -5.06 21.19
CA LEU D 12 16.94 -6.22 20.69
C LEU D 12 18.20 -6.56 21.48
N GLY D 13 18.36 -5.98 22.66
CA GLY D 13 19.57 -6.22 23.44
C GLY D 13 19.66 -7.66 23.93
N ALA D 14 18.53 -8.34 23.93
CA ALA D 14 18.43 -9.72 24.38
C ALA D 14 18.71 -10.72 23.26
N ALA D 15 18.98 -10.23 22.04
CA ALA D 15 19.06 -11.13 20.89
C ALA D 15 20.12 -12.22 21.03
N GLY D 16 21.23 -11.94 21.70
CA GLY D 16 22.25 -12.95 21.88
C GLY D 16 22.06 -13.79 23.15
N SER D 17 21.06 -13.44 23.94
CA SER D 17 20.78 -14.13 25.19
C SER D 17 19.98 -15.39 24.90
N THR D 18 19.81 -16.24 25.91
CA THR D 18 19.02 -17.44 25.71
C THR D 18 17.56 -17.09 25.61
N MET D 19 16.76 -18.00 25.07
CA MET D 19 15.33 -17.74 24.94
C MET D 19 14.68 -17.47 26.29
N GLY D 20 15.10 -18.19 27.32
CA GLY D 20 14.51 -17.98 28.62
C GLY D 20 14.82 -16.59 29.16
N ALA D 21 16.07 -16.16 28.99
CA ALA D 21 16.43 -14.82 29.45
C ALA D 21 15.70 -13.74 28.65
N ALA D 22 15.56 -13.99 27.35
CA ALA D 22 14.91 -13.04 26.45
C ALA D 22 13.45 -12.83 26.79
N SER D 23 12.80 -13.85 27.34
CA SER D 23 11.36 -13.78 27.62
C SER D 23 11.04 -12.71 28.66
N ILE D 24 12.03 -12.31 29.44
CA ILE D 24 11.88 -11.27 30.44
C ILE D 24 11.76 -9.88 29.80
N THR D 25 12.40 -9.70 28.64
CA THR D 25 12.60 -8.39 28.04
C THR D 25 11.56 -8.06 26.97
N LEU D 26 10.59 -8.94 26.78
CA LEU D 26 9.62 -8.78 25.70
C LEU D 26 8.86 -7.47 25.85
N THR D 27 8.67 -7.02 27.08
CA THR D 27 7.98 -5.78 27.36
C THR D 27 8.69 -4.60 26.72
N VAL D 28 10.02 -4.63 26.77
CA VAL D 28 10.84 -3.55 26.23
C VAL D 28 10.75 -3.51 24.71
N GLN D 29 10.80 -4.69 24.11
CA GLN D 29 10.87 -4.82 22.66
C GLN D 29 9.52 -4.76 21.97
N ALA D 30 8.44 -4.91 22.72
CA ALA D 30 7.10 -4.76 22.17
C ALA D 30 6.92 -3.33 21.67
N ARG D 31 7.61 -2.41 22.33
CA ARG D 31 7.62 -1.00 21.97
C ARG D 31 8.59 -0.79 20.82
N GLN D 32 8.40 0.27 20.04
CA GLN D 32 9.35 0.57 18.96
C GLN D 32 9.47 -0.62 18.01
N ILE D 62 7.85 11.77 -0.56
CA ILE D 62 7.04 10.61 -0.93
C ILE D 62 7.52 9.36 -0.23
N LYS D 63 8.82 9.21 -0.11
CA LYS D 63 9.39 8.01 0.50
C LYS D 63 8.96 7.90 1.95
N GLN D 64 8.76 9.03 2.61
CA GLN D 64 8.27 9.02 3.98
C GLN D 64 6.85 8.46 4.04
N LEU D 65 6.05 8.72 3.00
CA LEU D 65 4.70 8.20 2.99
C LEU D 65 4.73 6.69 2.88
N GLN D 66 5.62 6.18 2.03
CA GLN D 66 5.73 4.74 1.88
C GLN D 66 6.22 4.11 3.18
N ALA D 67 7.13 4.80 3.86
CA ALA D 67 7.63 4.33 5.14
C ALA D 67 6.54 4.28 6.19
N ARG D 68 5.66 5.28 6.19
CA ARG D 68 4.58 5.33 7.15
C ARG D 68 3.54 4.25 6.92
N VAL D 69 3.23 4.00 5.66
CA VAL D 69 2.27 2.96 5.34
C VAL D 69 2.83 1.60 5.70
N LEU D 70 4.10 1.38 5.39
CA LEU D 70 4.73 0.11 5.66
C LEU D 70 4.80 -0.16 7.15
N ALA D 71 5.12 0.86 7.94
CA ALA D 71 5.20 0.68 9.38
C ALA D 71 3.85 0.25 9.95
N VAL D 72 2.77 0.82 9.41
CA VAL D 72 1.43 0.45 9.84
C VAL D 72 1.08 -0.98 9.46
N GLU D 73 1.44 -1.39 8.25
CA GLU D 73 1.10 -2.74 7.82
C GLU D 73 1.77 -3.79 8.67
N HIS D 74 3.01 -3.54 9.08
CA HIS D 74 3.72 -4.51 9.90
C HIS D 74 3.13 -4.60 11.30
N TYR D 75 2.75 -3.46 11.86
CA TYR D 75 2.13 -3.47 13.17
C TYR D 75 0.84 -4.27 13.14
N LEU D 76 -0.01 -3.98 12.15
CA LEU D 76 -1.30 -4.62 12.07
C LEU D 76 -1.21 -6.08 11.70
N ARG D 77 -0.22 -6.45 10.90
CA ARG D 77 -0.05 -7.85 10.51
C ARG D 77 0.12 -8.72 11.73
N ASP D 78 0.97 -8.28 12.65
CA ASP D 78 1.25 -9.05 13.84
C ASP D 78 0.06 -9.04 14.80
N GLN D 79 -0.62 -7.90 14.89
CA GLN D 79 -1.78 -7.80 15.78
C GLN D 79 -2.95 -8.61 15.26
N GLN D 80 -3.07 -8.72 13.93
CA GLN D 80 -4.16 -9.51 13.36
C GLN D 80 -4.03 -10.95 13.78
N LEU D 81 -2.81 -11.48 13.76
CA LEU D 81 -2.63 -12.86 14.18
C LEU D 81 -2.92 -13.04 15.65
N LEU D 82 -2.48 -12.10 16.48
CA LEU D 82 -2.75 -12.23 17.92
C LEU D 82 -4.23 -12.16 18.22
N GLY D 83 -4.95 -11.31 17.50
CA GLY D 83 -6.38 -11.20 17.74
C GLY D 83 -7.09 -12.50 17.39
N ILE D 84 -6.70 -13.11 16.28
CA ILE D 84 -7.31 -14.35 15.83
C ILE D 84 -7.01 -15.49 16.80
N TRP D 85 -5.80 -15.48 17.35
CA TRP D 85 -5.35 -16.50 18.30
C TRP D 85 -5.94 -16.33 19.69
N GLY D 86 -6.56 -15.19 19.97
CA GLY D 86 -7.08 -14.91 21.31
C GLY D 86 -5.98 -14.42 22.25
N CYS D 87 -4.82 -14.10 21.69
CA CYS D 87 -3.65 -13.73 22.46
C CYS D 87 -3.47 -12.22 22.56
N SER D 88 -4.42 -11.46 22.02
CA SER D 88 -4.29 -10.02 22.00
C SER D 88 -4.16 -9.45 23.40
N GLY D 89 -3.29 -8.47 23.55
CA GLY D 89 -3.07 -7.79 24.82
C GLY D 89 -2.05 -8.50 25.71
N LYS D 90 -1.50 -9.63 25.25
CA LYS D 90 -0.53 -10.36 26.06
C LYS D 90 0.79 -10.57 25.33
N LEU D 91 1.89 -10.47 26.08
CA LEU D 91 3.22 -10.77 25.56
C LEU D 91 3.47 -12.27 25.53
N ILE D 92 2.90 -12.98 26.49
CA ILE D 92 3.03 -14.42 26.60
C ILE D 92 1.65 -15.05 26.61
N CYS D 93 1.37 -15.91 25.64
CA CYS D 93 0.06 -16.49 25.52
C CYS D 93 0.06 -18.01 25.37
N CYS D 94 -0.43 -18.70 26.40
CA CYS D 94 -0.53 -20.14 26.39
C CYS D 94 -1.68 -20.58 25.48
N THR D 95 -1.51 -21.71 24.79
CA THR D 95 -2.57 -22.25 23.93
C THR D 95 -2.90 -23.68 24.34
N ASN D 96 -3.89 -24.25 23.66
CA ASN D 96 -4.28 -25.64 23.88
C ASN D 96 -3.70 -26.59 22.83
N VAL D 97 -2.77 -26.10 22.00
CA VAL D 97 -2.20 -26.95 20.96
C VAL D 97 -1.02 -27.74 21.52
N PRO D 98 -1.04 -29.08 21.46
CA PRO D 98 0.03 -29.93 21.94
C PRO D 98 1.24 -29.81 21.03
N TRP D 99 2.43 -29.92 21.59
CA TRP D 99 3.64 -29.90 20.77
C TRP D 99 3.83 -31.21 20.02
N ASN D 100 4.09 -31.11 18.72
CA ASN D 100 4.45 -32.26 17.89
C ASN D 100 5.96 -32.49 17.93
N SER D 101 6.37 -33.69 18.33
CA SER D 101 7.78 -33.99 18.42
C SER D 101 8.47 -33.88 17.05
N SER D 102 7.69 -33.97 15.98
CA SER D 102 8.26 -33.80 14.65
C SER D 102 8.73 -32.37 14.41
N TRP D 103 8.11 -31.39 15.06
CA TRP D 103 8.53 -30.00 14.90
C TRP D 103 9.89 -29.80 15.54
N SER D 104 10.08 -30.43 16.69
CA SER D 104 11.37 -30.49 17.39
C SER D 104 11.35 -31.61 18.40
N ASN D 105 12.49 -32.30 18.55
CA ASN D 105 12.61 -33.34 19.56
C ASN D 105 13.35 -32.84 20.79
N LYS D 106 13.61 -31.54 20.86
CA LYS D 106 14.35 -30.97 21.98
C LYS D 106 13.53 -30.89 23.26
N SER D 107 14.20 -31.11 24.38
CA SER D 107 13.62 -30.91 25.70
C SER D 107 13.49 -29.42 26.00
N LEU D 108 12.68 -29.08 27.00
CA LEU D 108 12.52 -27.67 27.33
C LEU D 108 13.83 -27.03 27.71
N ASP D 109 14.67 -27.75 28.42
CA ASP D 109 15.95 -27.18 28.81
C ASP D 109 16.84 -26.93 27.60
N GLU D 110 16.81 -27.84 26.63
CA GLU D 110 17.57 -27.67 25.40
C GLU D 110 17.12 -26.46 24.60
N ILE D 111 15.85 -26.08 24.77
CA ILE D 111 15.33 -24.94 24.06
C ILE D 111 15.51 -23.64 24.86
N TRP D 112 14.99 -23.62 26.07
CA TRP D 112 14.92 -22.38 26.83
C TRP D 112 16.25 -21.92 27.41
N ASN D 113 17.14 -22.84 27.77
CA ASN D 113 18.40 -22.43 28.40
C ASN D 113 19.62 -22.60 27.50
N ASN D 114 19.43 -23.07 26.27
CA ASN D 114 20.57 -23.37 25.42
C ASN D 114 20.47 -22.74 24.04
N MET D 115 19.39 -22.02 23.76
CA MET D 115 19.21 -21.44 22.43
C MET D 115 18.90 -19.98 22.46
N THR D 116 19.31 -19.28 21.41
CA THR D 116 18.83 -17.95 21.14
C THR D 116 17.55 -18.07 20.36
N TRP D 117 16.73 -17.03 20.33
CA TRP D 117 15.52 -17.10 19.52
C TRP D 117 15.85 -17.17 18.03
N LEU D 118 16.99 -16.58 17.64
CA LEU D 118 17.40 -16.62 16.24
C LEU D 118 17.66 -18.06 15.78
N GLN D 119 18.31 -18.85 16.62
CA GLN D 119 18.55 -20.24 16.29
C GLN D 119 17.27 -21.03 16.27
N TRP D 120 16.37 -20.74 17.20
CA TRP D 120 15.11 -21.45 17.29
C TRP D 120 14.24 -21.21 16.07
N ASP D 121 14.20 -19.98 15.57
CA ASP D 121 13.38 -19.71 14.42
C ASP D 121 13.84 -20.49 13.20
N LYS D 122 15.14 -20.70 13.08
CA LYS D 122 15.62 -21.48 11.95
C LYS D 122 15.18 -22.94 12.06
N GLU D 123 15.18 -23.48 13.27
CA GLU D 123 14.80 -24.87 13.47
C GLU D 123 13.35 -25.16 13.10
N ILE D 124 12.46 -24.20 13.34
CA ILE D 124 11.04 -24.41 13.05
C ILE D 124 10.55 -23.53 11.91
N ASN D 125 11.46 -23.01 11.10
CA ASN D 125 11.07 -22.12 10.02
C ASN D 125 10.11 -22.79 9.05
N ASN D 126 10.21 -24.10 8.90
CA ASN D 126 9.36 -24.82 7.96
C ASN D 126 8.07 -25.33 8.60
N TYR D 127 7.92 -25.13 9.91
CA TYR D 127 6.73 -25.62 10.61
C TYR D 127 5.90 -24.48 11.16
N THR D 128 6.39 -23.26 11.05
CA THR D 128 5.74 -22.15 11.71
C THR D 128 4.33 -21.90 11.20
N GLN D 129 4.14 -21.97 9.88
CA GLN D 129 2.80 -21.75 9.35
C GLN D 129 1.82 -22.84 9.75
N LEU D 130 2.32 -24.07 9.87
CA LEU D 130 1.46 -25.16 10.31
C LEU D 130 1.00 -24.94 11.74
N ILE D 131 1.93 -24.49 12.58
CA ILE D 131 1.60 -24.24 13.97
C ILE D 131 0.57 -23.13 14.08
N TYR D 132 0.72 -22.10 13.26
CA TYR D 132 -0.22 -20.98 13.31
C TYR D 132 -1.62 -21.42 12.97
N ARG D 133 -1.78 -22.30 11.98
CA ARG D 133 -3.12 -22.73 11.62
C ARG D 133 -3.76 -23.53 12.73
N LEU D 134 -2.97 -24.34 13.42
CA LEU D 134 -3.50 -25.15 14.51
C LEU D 134 -3.95 -24.30 15.68
N ILE D 135 -3.23 -23.20 15.92
CA ILE D 135 -3.64 -22.30 16.99
C ILE D 135 -4.98 -21.67 16.65
N GLU D 136 -5.13 -21.26 15.39
CA GLU D 136 -6.36 -20.63 14.95
C GLU D 136 -7.55 -21.57 15.05
N GLU D 137 -7.37 -22.83 14.67
CA GLU D 137 -8.47 -23.78 14.78
C GLU D 137 -8.84 -24.02 16.23
N SER D 138 -7.84 -24.04 17.11
CA SER D 138 -8.11 -24.26 18.52
C SER D 138 -8.88 -23.11 19.12
N GLN D 139 -8.59 -21.88 18.68
CA GLN D 139 -9.31 -20.73 19.20
C GLN D 139 -10.76 -20.76 18.78
N ASN D 140 -11.01 -21.16 17.54
CA ASN D 140 -12.38 -21.15 17.06
C ASN D 140 -13.20 -22.23 17.76
N GLN D 141 -12.58 -23.38 18.02
CA GLN D 141 -13.28 -24.43 18.75
C GLN D 141 -13.52 -24.01 20.19
N GLN D 142 -12.58 -23.28 20.77
CA GLN D 142 -12.75 -22.83 22.15
C GLN D 142 -13.92 -21.88 22.27
N GLU D 143 -13.99 -20.90 21.37
CA GLU D 143 -15.07 -19.89 21.48
C GLU D 143 -16.42 -20.55 21.19
N LYS D 144 -16.46 -21.52 20.26
CA LYS D 144 -17.71 -22.20 19.99
C LYS D 144 -18.19 -22.91 21.26
N ASN D 145 -17.24 -23.50 21.99
CA ASN D 145 -17.59 -24.18 23.23
C ASN D 145 -18.01 -23.20 24.32
N GLU D 146 -17.39 -22.02 24.36
CA GLU D 146 -17.79 -21.01 25.34
C GLU D 146 -19.20 -20.54 25.06
N LYS D 147 -19.54 -20.41 23.79
CA LYS D 147 -20.90 -20.02 23.42
C LYS D 147 -21.91 -21.06 23.88
N GLU D 148 -21.62 -22.33 23.60
CA GLU D 148 -22.55 -23.40 23.95
C GLU D 148 -22.71 -23.52 25.46
N LEU D 149 -21.65 -23.23 26.20
CA LEU D 149 -21.73 -23.24 27.65
C LEU D 149 -22.66 -22.12 28.14
N LEU D 150 -22.51 -20.93 27.56
CA LEU D 150 -23.31 -19.78 27.94
C LEU D 150 -24.80 -19.93 27.58
N GLU D 151 -25.09 -20.74 26.57
CA GLU D 151 -26.49 -20.99 26.19
C GLU D 151 -27.25 -21.70 27.32
N LEU D 152 -26.52 -22.32 28.23
CA LEU D 152 -27.13 -23.06 29.34
C LEU D 152 -27.44 -22.16 30.54
N ASP D 153 -27.03 -20.89 30.48
CA ASP D 153 -27.26 -19.95 31.57
C ASP D 153 -28.49 -19.08 31.30
N GLU E 1 -9.55 10.90 50.28
CA GLU E 1 -9.81 9.50 49.96
C GLU E 1 -8.66 8.89 49.17
N ASN E 2 -8.64 7.57 49.10
CA ASN E 2 -7.66 6.88 48.29
C ASN E 2 -8.21 6.72 46.88
N LEU E 3 -7.64 7.50 45.95
CA LEU E 3 -8.12 7.51 44.57
C LEU E 3 -7.06 6.99 43.63
N TRP E 4 -7.49 6.44 42.50
CA TRP E 4 -6.58 5.92 41.49
C TRP E 4 -6.91 6.49 40.11
N VAL E 5 -5.90 6.55 39.26
CA VAL E 5 -6.07 7.05 37.89
C VAL E 5 -6.91 6.08 37.07
N THR E 6 -7.92 6.60 36.39
CA THR E 6 -8.73 5.81 35.49
C THR E 6 -8.67 6.40 34.08
N VAL E 7 -8.45 5.53 33.10
CA VAL E 7 -8.32 5.92 31.70
C VAL E 7 -9.66 5.88 30.99
N TYR E 8 -10.00 6.95 30.29
CA TYR E 8 -11.22 6.99 29.51
C TYR E 8 -10.92 7.18 28.04
N TYR E 9 -11.63 6.44 27.19
CA TYR E 9 -11.48 6.57 25.74
C TYR E 9 -12.79 6.97 25.10
N GLY E 10 -12.74 7.87 24.13
CA GLY E 10 -13.97 8.40 23.53
C GLY E 10 -14.40 9.70 24.21
N VAL E 11 -13.48 10.28 24.97
CA VAL E 11 -13.73 11.51 25.70
C VAL E 11 -13.93 12.70 24.73
N PRO E 12 -15.02 13.48 24.85
CA PRO E 12 -15.41 14.56 23.96
C PRO E 12 -14.62 15.86 24.16
N VAL E 13 -13.33 15.80 23.87
CA VAL E 13 -12.45 16.97 23.97
C VAL E 13 -11.66 17.20 22.72
N TRP E 14 -11.17 18.42 22.58
CA TRP E 14 -10.38 18.80 21.42
C TRP E 14 -9.31 19.83 21.75
N ARG E 15 -8.35 19.97 20.84
CA ARG E 15 -7.33 21.00 20.93
C ARG E 15 -7.14 21.64 19.56
N ASP E 16 -6.72 22.90 19.55
CA ASP E 16 -6.51 23.58 18.28
C ASP E 16 -5.44 22.87 17.46
N ALA E 17 -5.68 22.69 16.17
CA ALA E 17 -4.69 22.03 15.34
C ALA E 17 -4.83 22.41 13.87
N ASP E 18 -3.70 22.41 13.18
CA ASP E 18 -3.65 22.63 11.74
C ASP E 18 -3.46 21.31 11.00
N THR E 19 -4.43 20.91 10.20
CA THR E 19 -4.32 19.67 9.45
C THR E 19 -4.75 19.88 8.01
N THR E 20 -4.37 18.95 7.15
CA THR E 20 -4.71 19.05 5.74
C THR E 20 -6.22 18.96 5.53
N LEU E 21 -6.76 19.93 4.79
CA LEU E 21 -8.15 19.90 4.38
C LEU E 21 -8.25 19.47 2.94
N PHE E 22 -9.34 18.80 2.57
CA PHE E 22 -9.49 18.40 1.19
C PHE E 22 -10.72 19.01 0.54
N CYS E 23 -10.61 19.25 -0.76
CA CYS E 23 -11.70 19.83 -1.55
C CYS E 23 -12.85 18.85 -1.70
N ALA E 24 -14.06 19.37 -1.55
CA ALA E 24 -15.24 18.56 -1.80
C ALA E 24 -16.30 19.42 -2.49
N SER E 25 -17.16 18.79 -3.28
CA SER E 25 -18.19 19.54 -4.00
C SER E 25 -19.43 18.70 -4.27
N ASP E 26 -20.55 19.36 -4.52
CA ASP E 26 -21.79 18.68 -4.87
C ASP E 26 -21.66 17.93 -6.18
N ALA E 27 -22.27 16.75 -6.24
CA ALA E 27 -22.24 15.94 -7.45
C ALA E 27 -23.25 16.45 -8.47
N HIS E 35 -16.49 22.66 -19.10
CA HIS E 35 -16.11 22.51 -17.70
C HIS E 35 -15.80 23.84 -17.05
N ASN E 36 -15.81 23.88 -15.73
CA ASN E 36 -15.39 25.06 -14.98
C ASN E 36 -13.92 24.96 -14.61
N VAL E 37 -13.28 26.10 -14.37
CA VAL E 37 -11.94 26.09 -13.80
C VAL E 37 -11.93 25.44 -12.42
N TRP E 38 -12.95 25.76 -11.64
CA TRP E 38 -12.97 25.41 -10.24
C TRP E 38 -13.50 24.01 -9.97
N ALA E 39 -12.81 23.29 -9.09
CA ALA E 39 -13.28 22.01 -8.56
C ALA E 39 -13.69 21.00 -9.63
N THR E 40 -12.94 20.93 -10.73
CA THR E 40 -13.29 19.97 -11.78
C THR E 40 -12.43 18.72 -11.67
N HIS E 41 -13.09 17.62 -11.26
CA HIS E 41 -12.46 16.32 -11.04
C HIS E 41 -11.29 16.37 -10.06
N ALA E 42 -11.25 17.40 -9.23
CA ALA E 42 -10.19 17.57 -8.24
C ALA E 42 -10.73 17.37 -6.82
N CYS E 43 -12.02 17.07 -6.72
CA CYS E 43 -12.67 17.10 -5.42
C CYS E 43 -13.55 15.88 -5.14
N VAL E 44 -13.74 15.62 -3.85
CA VAL E 44 -14.56 14.52 -3.36
C VAL E 44 -16.05 14.89 -3.34
N PRO E 45 -16.96 14.07 -3.88
CA PRO E 45 -18.39 14.28 -3.82
C PRO E 45 -18.87 14.43 -2.38
N THR E 46 -19.78 15.38 -2.16
CA THR E 46 -20.31 15.63 -0.82
C THR E 46 -21.46 14.71 -0.43
N ASP E 47 -21.70 14.64 0.87
CA ASP E 47 -22.87 13.97 1.44
C ASP E 47 -24.13 14.73 1.00
N PRO E 48 -25.16 14.06 0.49
CA PRO E 48 -26.41 14.65 0.03
C PRO E 48 -27.18 15.37 1.13
N ASN E 49 -26.90 15.03 2.40
CA ASN E 49 -27.58 15.67 3.52
C ASN E 49 -26.63 15.87 4.71
N PRO E 50 -25.78 16.91 4.69
CA PRO E 50 -24.78 17.23 5.69
C PRO E 50 -25.41 17.43 7.06
N GLN E 51 -24.71 17.02 8.10
CA GLN E 51 -25.23 17.17 9.46
C GLN E 51 -24.41 18.12 10.30
N GLU E 52 -25.06 18.75 11.26
CA GLU E 52 -24.40 19.60 12.24
C GLU E 52 -24.80 19.19 13.64
N ILE E 53 -23.88 19.35 14.59
CA ILE E 53 -24.22 19.06 15.98
C ILE E 53 -24.09 20.32 16.83
N HIS E 54 -25.19 20.75 17.42
CA HIS E 54 -25.17 21.90 18.32
C HIS E 54 -24.51 21.52 19.63
N LEU E 55 -23.57 22.34 20.10
CA LEU E 55 -22.93 22.01 21.36
C LEU E 55 -23.44 22.90 22.49
N ASP E 56 -24.24 22.32 23.37
CA ASP E 56 -24.74 23.04 24.53
C ASP E 56 -23.61 23.31 25.51
N ASN E 57 -23.64 24.49 26.13
CA ASN E 57 -22.68 24.88 27.16
C ASN E 57 -21.23 24.84 26.66
N VAL E 58 -21.02 25.18 25.40
CA VAL E 58 -19.65 25.27 24.91
C VAL E 58 -19.34 26.68 24.46
N THR E 59 -18.32 27.25 25.07
CA THR E 59 -17.83 28.55 24.68
C THR E 59 -16.40 28.37 24.22
N GLU E 60 -16.09 28.88 23.04
CA GLU E 60 -14.76 28.65 22.48
C GLU E 60 -14.18 29.91 21.87
N LYS E 61 -12.85 30.03 21.92
CA LYS E 61 -12.17 31.18 21.36
C LYS E 61 -11.87 31.00 19.88
N PHE E 62 -12.26 31.99 19.10
CA PHE E 62 -12.01 32.00 17.67
C PHE E 62 -11.10 33.16 17.33
N ASN E 63 -10.32 33.01 16.27
CA ASN E 63 -9.52 34.13 15.77
C ASN E 63 -9.31 34.00 14.27
N MET E 64 -10.11 34.75 13.52
CA MET E 64 -10.10 34.68 12.06
C MET E 64 -8.76 35.09 11.44
N TRP E 65 -7.95 35.83 12.19
CA TRP E 65 -6.69 36.34 11.68
C TRP E 65 -5.54 35.34 11.86
N LYS E 66 -5.78 34.31 12.68
CA LYS E 66 -4.78 33.28 12.93
C LYS E 66 -5.22 31.96 12.30
N ASN E 67 -6.31 32.04 11.53
CA ASN E 67 -6.96 30.86 10.97
C ASN E 67 -6.19 30.30 9.77
N ASN E 68 -5.67 29.09 9.93
CA ASN E 68 -4.84 28.48 8.89
C ASN E 68 -5.65 27.87 7.76
N MET E 69 -6.98 27.90 7.90
CA MET E 69 -7.84 27.42 6.82
C MET E 69 -7.70 28.37 5.64
N VAL E 70 -7.38 29.62 5.93
CA VAL E 70 -7.23 30.64 4.92
C VAL E 70 -6.04 30.35 4.05
N GLU E 71 -4.93 29.93 4.66
CA GLU E 71 -3.74 29.64 3.91
C GLU E 71 -3.93 28.42 3.03
N GLN E 72 -4.61 27.41 3.55
CA GLN E 72 -4.84 26.22 2.74
C GLN E 72 -5.80 26.49 1.61
N MET E 73 -6.81 27.32 1.86
CA MET E 73 -7.74 27.64 0.79
C MET E 73 -7.01 28.39 -0.30
N HIS E 74 -6.14 29.31 0.09
CA HIS E 74 -5.45 30.10 -0.90
C HIS E 74 -4.57 29.24 -1.78
N GLU E 75 -3.84 28.30 -1.16
CA GLU E 75 -2.99 27.42 -1.94
C GLU E 75 -3.80 26.51 -2.87
N ASP E 76 -4.95 26.03 -2.39
CA ASP E 76 -5.80 25.19 -3.23
C ASP E 76 -6.43 25.96 -4.37
N ILE E 77 -6.80 27.21 -4.10
CA ILE E 77 -7.36 28.07 -5.14
C ILE E 77 -6.35 28.33 -6.24
N ILE E 78 -5.10 28.56 -5.86
CA ILE E 78 -4.06 28.74 -6.86
C ILE E 78 -3.80 27.45 -7.62
N SER E 79 -3.77 26.31 -6.91
CA SER E 79 -3.49 25.05 -7.57
C SER E 79 -4.57 24.68 -8.57
N LEU E 80 -5.84 24.96 -8.25
CA LEU E 80 -6.91 24.68 -9.19
C LEU E 80 -6.75 25.54 -10.43
N TRP E 81 -6.35 26.79 -10.23
CA TRP E 81 -6.14 27.69 -11.35
C TRP E 81 -5.06 27.18 -12.28
N ASP E 82 -3.93 26.74 -11.70
CA ASP E 82 -2.82 26.24 -12.49
C ASP E 82 -3.16 24.96 -13.24
N GLN E 83 -3.94 24.08 -12.62
CA GLN E 83 -4.29 22.82 -13.26
C GLN E 83 -5.11 23.06 -14.52
N SER E 84 -5.92 24.11 -14.50
CA SER E 84 -6.77 24.41 -15.65
C SER E 84 -5.98 24.93 -16.85
N LEU E 85 -4.74 25.39 -16.62
CA LEU E 85 -3.95 25.96 -17.71
C LEU E 85 -2.93 24.99 -18.30
N LYS E 86 -2.71 23.86 -17.64
CA LYS E 86 -1.70 22.93 -18.14
C LYS E 86 -1.93 22.33 -19.54
N PRO E 87 -3.17 21.98 -19.95
CA PRO E 87 -3.49 21.46 -21.27
C PRO E 87 -3.63 22.55 -22.32
N CYS E 88 -3.63 23.81 -21.88
CA CYS E 88 -4.00 24.91 -22.76
C CYS E 88 -2.81 25.42 -23.58
N VAL E 89 -3.13 26.15 -24.65
CA VAL E 89 -2.15 26.64 -25.61
C VAL E 89 -1.23 27.72 -25.05
N LYS E 90 0.08 27.50 -25.23
CA LYS E 90 1.06 28.50 -24.83
C LYS E 90 1.18 29.58 -25.90
N LEU E 91 1.33 30.83 -25.47
CA LEU E 91 1.42 31.95 -26.40
C LEU E 91 2.80 32.55 -26.50
N THR E 92 3.84 31.76 -26.21
CA THR E 92 5.19 32.31 -26.31
C THR E 92 5.48 32.93 -27.70
N PRO E 93 5.04 32.34 -28.83
CA PRO E 93 5.17 32.90 -30.17
C PRO E 93 4.50 34.27 -30.34
N LEU E 94 3.54 34.60 -29.47
CA LEU E 94 2.85 35.88 -29.56
C LEU E 94 3.72 37.04 -29.11
N CYS E 95 4.76 36.76 -28.33
CA CYS E 95 5.64 37.85 -27.92
C CYS E 95 6.64 38.14 -29.02
N VAL E 96 6.18 38.94 -29.97
CA VAL E 96 6.89 39.30 -31.18
C VAL E 96 6.67 40.78 -31.40
N THR E 97 7.60 41.45 -32.06
CA THR E 97 7.41 42.88 -32.26
C THR E 97 6.08 43.12 -32.95
N LEU E 98 5.28 44.02 -32.39
CA LEU E 98 3.98 44.36 -32.95
C LEU E 98 4.05 45.72 -33.60
N HIS E 99 3.34 45.90 -34.71
CA HIS E 99 3.19 47.22 -35.29
C HIS E 99 1.75 47.65 -35.12
N CYS E 100 1.50 48.87 -34.65
CA CYS E 100 0.11 49.21 -34.34
C CYS E 100 -0.29 50.59 -34.86
N THR E 101 -1.60 50.72 -35.09
CA THR E 101 -2.26 51.96 -35.47
C THR E 101 -3.56 52.11 -34.69
N ASN E 102 -4.15 53.29 -34.71
CA ASN E 102 -5.40 53.52 -33.99
C ASN E 102 -6.58 52.84 -34.67
N VAL E 103 -7.49 52.31 -33.86
CA VAL E 103 -8.67 51.62 -34.35
C VAL E 103 -9.60 52.54 -35.14
N THR E 104 -9.72 53.78 -34.70
CA THR E 104 -10.58 54.75 -35.36
C THR E 104 -10.21 54.89 -36.84
N ARG E 112 -11.61 53.76 -29.87
CA ARG E 112 -11.30 54.73 -28.83
C ARG E 112 -9.86 54.59 -28.36
N GLU E 113 -9.44 55.45 -27.45
CA GLU E 113 -8.07 55.49 -26.97
C GLU E 113 -7.65 54.21 -26.23
N GLY E 114 -8.63 53.47 -25.71
CA GLY E 114 -8.37 52.25 -24.97
C GLY E 114 -7.90 51.09 -25.85
N LEU E 115 -8.10 51.19 -27.16
CA LEU E 115 -7.73 50.11 -28.08
C LEU E 115 -6.68 50.50 -29.10
N LYS E 116 -5.87 49.52 -29.50
CA LYS E 116 -4.99 49.68 -30.64
C LYS E 116 -5.13 48.53 -31.62
N ASN E 117 -5.00 48.86 -32.89
CA ASN E 117 -5.04 47.88 -33.98
C ASN E 117 -3.65 47.42 -34.33
N CYS E 118 -3.30 46.20 -33.94
CA CYS E 118 -1.94 45.73 -34.08
C CYS E 118 -1.79 44.60 -35.08
N SER E 119 -0.59 44.49 -35.65
CA SER E 119 -0.31 43.41 -36.57
C SER E 119 0.99 42.69 -36.23
N PHE E 120 1.01 41.39 -36.54
CA PHE E 120 2.17 40.55 -36.28
C PHE E 120 2.30 39.38 -37.23
N ASN E 121 3.52 38.87 -37.38
CA ASN E 121 3.74 37.66 -38.17
C ASN E 121 3.71 36.43 -37.28
N MET E 122 2.59 35.73 -37.29
CA MET E 122 2.41 34.54 -36.47
C MET E 122 2.85 33.31 -37.23
N THR E 123 3.25 32.29 -36.49
CA THR E 123 3.64 31.02 -37.09
C THR E 123 2.39 30.29 -37.57
N THR E 124 2.60 29.23 -38.34
CA THR E 124 1.50 28.48 -38.95
C THR E 124 1.61 27.00 -38.64
N GLU E 125 0.65 26.23 -39.15
CA GLU E 125 0.65 24.78 -38.95
C GLU E 125 1.93 24.18 -39.50
N LEU E 126 2.48 24.80 -40.55
CA LEU E 126 3.73 24.37 -41.13
C LEU E 126 4.86 25.30 -40.69
N ARG E 127 5.98 24.71 -40.28
CA ARG E 127 7.13 25.44 -39.77
C ARG E 127 7.73 26.44 -40.76
N ASP E 128 7.66 26.12 -42.05
CA ASP E 128 8.28 26.99 -43.05
C ASP E 128 7.38 28.12 -43.53
N LYS E 129 6.15 28.19 -43.02
CA LYS E 129 5.23 29.23 -43.47
C LYS E 129 4.84 30.18 -42.34
N ARG E 130 4.53 31.42 -42.72
CA ARG E 130 4.14 32.46 -41.76
C ARG E 130 2.87 33.15 -42.25
N GLN E 131 2.11 33.73 -41.33
CA GLN E 131 0.93 34.46 -41.71
C GLN E 131 0.88 35.82 -41.04
N LYS E 132 0.35 36.81 -41.76
CA LYS E 132 0.19 38.12 -41.17
C LYS E 132 -1.17 38.21 -40.50
N VAL E 133 -1.16 38.64 -39.26
CA VAL E 133 -2.37 38.65 -38.45
C VAL E 133 -2.70 40.05 -37.98
N TYR E 134 -3.96 40.43 -38.10
CA TYR E 134 -4.40 41.71 -37.56
C TYR E 134 -5.32 41.43 -36.39
N SER E 135 -5.15 42.17 -35.30
CA SER E 135 -5.99 41.97 -34.12
C SER E 135 -6.07 43.23 -33.28
N LEU E 136 -7.10 43.33 -32.46
CA LEU E 136 -7.20 44.46 -31.56
C LEU E 136 -6.76 44.09 -30.15
N PHE E 137 -6.02 44.98 -29.51
CA PHE E 137 -5.61 44.79 -28.13
C PHE E 137 -5.98 45.99 -27.28
N TYR E 138 -6.21 45.75 -26.01
CA TYR E 138 -6.39 46.82 -25.05
C TYR E 138 -5.05 47.47 -24.76
N ARG E 139 -5.05 48.78 -24.60
CA ARG E 139 -3.82 49.51 -24.35
C ARG E 139 -3.08 49.00 -23.11
N LEU E 140 -3.82 48.49 -22.13
CA LEU E 140 -3.21 48.01 -20.90
C LEU E 140 -2.29 46.81 -21.13
N ASP E 141 -2.54 46.04 -22.18
CA ASP E 141 -1.75 44.85 -22.46
C ASP E 141 -0.55 45.14 -23.34
N ILE E 142 -0.43 46.39 -23.79
CA ILE E 142 0.57 46.76 -24.78
C ILE E 142 1.61 47.76 -24.26
N VAL E 143 2.89 47.44 -24.46
CA VAL E 143 3.99 48.32 -24.09
C VAL E 143 4.78 48.80 -25.32
N PRO E 144 5.01 50.11 -25.47
CA PRO E 144 5.85 50.72 -26.50
C PRO E 144 7.29 50.22 -26.44
N ILE E 145 7.89 50.14 -27.60
CA ILE E 145 9.31 49.82 -27.73
C ILE E 145 10.14 50.86 -26.99
N ASN E 146 11.25 50.44 -26.41
CA ASN E 146 12.10 51.30 -25.60
C ASN E 146 12.66 52.50 -26.37
N GLU E 147 12.64 52.42 -27.71
CA GLU E 147 13.06 53.51 -28.57
C GLU E 147 12.10 54.70 -28.42
N ASN E 148 10.88 54.41 -27.95
CA ASN E 148 9.81 55.38 -27.73
C ASN E 148 9.42 56.16 -28.98
N GLN E 149 9.45 55.49 -30.14
CA GLN E 149 9.02 56.14 -31.38
C GLN E 149 7.51 56.01 -31.57
N GLY E 150 6.91 55.05 -30.85
CA GLY E 150 5.48 54.80 -30.90
C GLY E 150 5.06 53.93 -32.08
N SER E 151 6.02 53.54 -32.91
CA SER E 151 5.73 52.71 -34.08
C SER E 151 5.76 51.22 -33.80
N GLU E 152 6.39 50.81 -32.69
CA GLU E 152 6.52 49.39 -32.37
C GLU E 152 6.16 49.11 -30.93
N TYR E 153 5.53 47.95 -30.71
CA TYR E 153 5.02 47.56 -29.39
C TYR E 153 5.27 46.09 -29.07
N ARG E 154 5.16 45.74 -27.79
CA ARG E 154 5.26 44.35 -27.33
C ARG E 154 4.26 44.08 -26.22
N LEU E 155 4.01 42.81 -25.93
CA LEU E 155 3.07 42.46 -24.86
C LEU E 155 3.65 42.87 -23.51
N ILE E 156 2.80 43.42 -22.64
CA ILE E 156 3.25 43.97 -21.36
C ILE E 156 3.91 42.99 -20.40
N ASN E 157 3.53 41.73 -20.41
CA ASN E 157 4.13 40.79 -19.49
C ASN E 157 5.18 39.87 -20.09
N CYS E 158 5.52 40.04 -21.37
CA CYS E 158 6.42 39.05 -21.94
C CYS E 158 7.90 39.32 -21.63
N ASN E 159 8.22 40.46 -21.00
CA ASN E 159 9.59 40.65 -20.53
C ASN E 159 9.74 40.13 -19.11
N THR E 160 8.66 39.60 -18.54
CA THR E 160 8.73 39.05 -17.19
C THR E 160 8.30 37.60 -17.11
N SER E 161 7.46 37.15 -18.05
CA SER E 161 6.90 35.80 -17.95
C SER E 161 6.40 35.21 -19.25
N ALA E 162 6.29 33.88 -19.27
CA ALA E 162 5.57 33.18 -20.33
C ALA E 162 4.09 33.47 -20.20
N ILE E 163 3.39 33.53 -21.31
CA ILE E 163 1.95 33.78 -21.30
C ILE E 163 1.19 32.58 -21.85
N THR E 164 0.20 32.09 -21.09
CA THR E 164 -0.60 30.95 -21.52
C THR E 164 -2.05 31.35 -21.78
N GLN E 165 -2.61 30.90 -22.89
CA GLN E 165 -4.00 31.20 -23.21
C GLN E 165 -4.94 30.34 -22.38
N ALA E 166 -5.95 30.94 -21.79
CA ALA E 166 -6.95 30.14 -21.09
C ALA E 166 -7.75 29.34 -22.10
N CYS E 167 -8.12 28.11 -21.77
CA CYS E 167 -8.91 27.33 -22.69
C CYS E 167 -10.31 27.93 -22.86
N PRO E 168 -10.78 28.14 -24.09
CA PRO E 168 -12.05 28.79 -24.44
C PRO E 168 -13.25 27.98 -23.99
N LYS E 169 -13.04 26.69 -23.76
CA LYS E 169 -14.09 25.78 -23.36
C LYS E 169 -14.24 25.69 -21.85
N VAL E 170 -13.37 26.38 -21.11
CA VAL E 170 -13.41 26.30 -19.66
C VAL E 170 -13.94 27.60 -19.04
N SER E 171 -15.03 27.46 -18.29
CA SER E 171 -15.70 28.60 -17.66
C SER E 171 -14.98 29.09 -16.42
N PHE E 172 -15.07 30.40 -16.17
CA PHE E 172 -14.50 30.97 -14.96
C PHE E 172 -15.56 31.16 -13.88
N GLU E 173 -16.78 30.72 -14.16
CA GLU E 173 -17.87 30.86 -13.19
C GLU E 173 -17.56 30.00 -11.96
N PRO E 174 -17.68 30.55 -10.74
CA PRO E 174 -17.41 29.85 -9.50
C PRO E 174 -18.41 28.76 -9.19
N ILE E 175 -17.90 27.70 -8.58
CA ILE E 175 -18.68 26.61 -8.03
C ILE E 175 -18.41 26.61 -6.53
N PRO E 176 -19.42 26.54 -5.67
CA PRO E 176 -19.23 26.47 -4.23
C PRO E 176 -18.32 25.32 -3.91
N ILE E 177 -17.33 25.56 -3.06
CA ILE E 177 -16.41 24.52 -2.64
C ILE E 177 -16.53 24.26 -1.17
N HIS E 178 -16.77 23.01 -0.80
CA HIS E 178 -16.82 22.63 0.59
C HIS E 178 -15.41 22.24 1.01
N TYR E 179 -15.00 22.64 2.20
CA TYR E 179 -13.69 22.21 2.68
C TYR E 179 -13.89 21.23 3.81
N CYS E 180 -13.43 20.01 3.61
CA CYS E 180 -13.70 18.94 4.55
C CYS E 180 -12.47 18.51 5.33
N THR E 181 -12.72 18.10 6.55
CA THR E 181 -11.67 17.69 7.46
C THR E 181 -11.61 16.15 7.59
N PRO E 182 -10.41 15.55 7.52
CA PRO E 182 -10.11 14.13 7.74
C PRO E 182 -10.52 13.63 9.12
N ALA E 183 -10.81 12.34 9.20
CA ALA E 183 -11.24 11.74 10.47
C ALA E 183 -10.18 11.92 11.53
N GLY E 184 -10.64 12.12 12.76
CA GLY E 184 -9.77 12.41 13.91
C GLY E 184 -9.66 13.91 14.14
N PHE E 185 -10.19 14.68 13.19
CA PHE E 185 -10.25 16.14 13.28
C PHE E 185 -11.67 16.61 12.98
N ALA E 186 -12.05 17.80 13.44
CA ALA E 186 -13.38 18.31 13.16
C ALA E 186 -13.39 19.83 13.06
N ILE E 187 -14.42 20.37 12.40
CA ILE E 187 -14.54 21.82 12.27
C ILE E 187 -15.60 22.38 13.21
N LEU E 188 -15.21 23.36 14.01
CA LEU E 188 -16.17 24.05 14.86
C LEU E 188 -16.67 25.28 14.13
N LYS E 189 -17.95 25.59 14.29
CA LYS E 189 -18.53 26.77 13.68
C LYS E 189 -19.15 27.70 14.70
N CYS E 190 -18.86 28.98 14.59
CA CYS E 190 -19.49 29.98 15.45
C CYS E 190 -20.82 30.45 14.87
N LYS E 191 -21.88 30.29 15.64
CA LYS E 191 -23.23 30.62 15.22
C LYS E 191 -23.82 31.88 15.87
N ASP E 192 -23.01 32.66 16.57
CA ASP E 192 -23.55 33.84 17.26
C ASP E 192 -24.22 34.78 16.25
N GLU E 193 -25.27 35.48 16.69
CA GLU E 193 -26.06 36.35 15.82
C GLU E 193 -25.21 37.44 15.20
N GLY E 194 -24.16 37.83 15.92
CA GLY E 194 -23.17 38.73 15.39
C GLY E 194 -21.84 38.34 15.98
N PHE E 195 -20.79 38.42 15.18
CA PHE E 195 -19.47 38.03 15.65
C PHE E 195 -18.39 38.74 14.85
N ASN E 196 -17.42 39.32 15.55
CA ASN E 196 -16.39 40.11 14.89
C ASN E 196 -15.18 39.26 14.51
N GLY E 197 -15.33 37.94 14.63
CA GLY E 197 -14.32 36.99 14.17
C GLY E 197 -13.26 36.68 15.21
N THR E 198 -13.30 37.39 16.34
CA THR E 198 -12.32 37.15 17.39
C THR E 198 -13.01 37.05 18.75
N GLY E 199 -12.29 36.55 19.73
CA GLY E 199 -12.82 36.46 21.09
C GLY E 199 -13.71 35.24 21.26
N LEU E 200 -14.41 35.18 22.37
CA LEU E 200 -15.23 34.01 22.69
C LEU E 200 -16.55 34.00 21.93
N CYS E 201 -16.89 32.83 21.39
CA CYS E 201 -18.18 32.60 20.73
C CYS E 201 -19.08 31.76 21.64
N LYS E 202 -20.25 32.29 21.97
CA LYS E 202 -21.15 31.60 22.90
C LYS E 202 -21.92 30.44 22.27
N ASN E 203 -22.24 30.56 20.99
CA ASN E 203 -23.00 29.55 20.27
C ASN E 203 -22.10 28.76 19.31
N VAL E 204 -21.73 27.54 19.70
CA VAL E 204 -20.77 26.75 18.94
C VAL E 204 -21.36 25.42 18.49
N SER E 205 -21.08 25.03 17.25
CA SER E 205 -21.54 23.75 16.71
C SER E 205 -20.43 23.03 15.97
N THR E 206 -20.57 21.71 15.79
CA THR E 206 -19.58 20.91 15.08
C THR E 206 -20.08 20.43 13.73
N VAL E 207 -19.25 20.58 12.71
CA VAL E 207 -19.58 20.11 11.37
C VAL E 207 -18.35 19.43 10.74
N GLN E 208 -18.58 18.38 9.93
CA GLN E 208 -17.47 17.69 9.27
C GLN E 208 -16.83 18.54 8.15
N CYS E 209 -17.64 19.38 7.51
CA CYS E 209 -17.20 20.20 6.39
C CYS E 209 -17.78 21.60 6.47
N THR E 210 -17.17 22.54 5.76
CA THR E 210 -17.72 23.89 5.70
C THR E 210 -18.89 23.91 4.74
N HIS E 211 -19.71 24.94 4.82
CA HIS E 211 -20.73 25.14 3.79
C HIS E 211 -20.01 25.48 2.52
N GLY E 212 -20.61 25.25 1.37
CA GLY E 212 -19.89 25.54 0.15
C GLY E 212 -19.59 27.03 0.05
N ILE E 213 -18.37 27.35 -0.34
CA ILE E 213 -17.94 28.72 -0.51
C ILE E 213 -17.58 28.98 -1.97
N LYS E 214 -18.24 29.93 -2.60
CA LYS E 214 -17.83 30.28 -3.95
C LYS E 214 -16.54 31.07 -3.87
N PRO E 215 -15.51 30.72 -4.65
CA PRO E 215 -14.32 31.53 -4.76
C PRO E 215 -14.62 32.76 -5.58
N VAL E 216 -14.38 33.92 -4.99
CA VAL E 216 -14.54 35.18 -5.70
C VAL E 216 -13.30 36.01 -5.47
N VAL E 217 -12.69 36.48 -6.55
CA VAL E 217 -11.48 37.26 -6.41
C VAL E 217 -11.71 38.70 -6.82
N SER E 218 -11.58 39.60 -5.85
CA SER E 218 -11.76 41.02 -6.07
C SER E 218 -10.82 41.83 -5.18
N THR E 219 -10.40 42.98 -5.68
CA THR E 219 -9.47 43.81 -4.93
C THR E 219 -10.12 44.66 -3.82
N GLN E 220 -11.30 45.24 -4.07
CA GLN E 220 -11.85 46.19 -3.10
C GLN E 220 -13.21 45.83 -2.53
N LEU E 221 -14.15 45.40 -3.39
CA LEU E 221 -15.47 45.06 -2.90
C LEU E 221 -15.63 43.55 -2.87
N LEU E 222 -16.32 43.03 -1.87
CA LEU E 222 -16.55 41.61 -1.79
C LEU E 222 -17.87 41.27 -2.45
N LEU E 223 -17.83 40.45 -3.49
CA LEU E 223 -19.04 40.14 -4.24
C LEU E 223 -19.53 38.72 -3.97
N ASN E 224 -20.85 38.56 -3.96
CA ASN E 224 -21.50 37.26 -3.87
C ASN E 224 -21.07 36.48 -2.63
N GLY E 225 -20.82 37.19 -1.53
CA GLY E 225 -20.43 36.58 -0.27
C GLY E 225 -21.62 36.41 0.66
N SER E 226 -21.35 36.04 1.90
CA SER E 226 -22.39 35.93 2.91
C SER E 226 -22.81 37.30 3.43
N LEU E 227 -24.09 37.43 3.76
CA LEU E 227 -24.63 38.64 4.37
C LEU E 227 -24.69 38.53 5.89
N ALA E 228 -24.51 39.66 6.59
CA ALA E 228 -24.67 39.66 8.04
C ALA E 228 -26.15 39.42 8.37
N GLU E 229 -26.41 38.60 9.37
CA GLU E 229 -27.79 38.30 9.75
C GLU E 229 -28.52 39.40 10.51
N LYS E 230 -27.80 40.15 11.34
CA LYS E 230 -28.46 41.08 12.26
C LYS E 230 -28.07 42.54 12.06
N ASN E 231 -26.78 42.81 11.89
CA ASN E 231 -26.30 44.18 11.80
C ASN E 231 -24.95 44.21 11.08
N ILE E 232 -24.45 45.40 10.79
CA ILE E 232 -23.16 45.51 10.12
C ILE E 232 -22.04 45.17 11.08
N ILE E 233 -21.14 44.32 10.62
CA ILE E 233 -20.06 43.87 11.46
C ILE E 233 -18.72 44.35 10.93
N ILE E 234 -17.95 45.01 11.78
CA ILE E 234 -16.63 45.49 11.40
C ILE E 234 -15.55 44.67 12.07
N ARG E 235 -14.66 44.09 11.27
CA ARG E 235 -13.67 43.16 11.81
C ARG E 235 -12.24 43.61 11.52
N SER E 236 -11.38 43.50 12.54
CA SER E 236 -9.96 43.77 12.38
C SER E 236 -9.15 43.08 13.46
N GLU E 237 -7.92 42.70 13.12
CA GLU E 237 -6.99 42.16 14.12
C GLU E 237 -6.69 43.21 15.18
N ASN E 238 -6.71 44.46 14.77
CA ASN E 238 -6.51 45.62 15.62
C ASN E 238 -7.13 46.85 14.98
N ILE E 239 -8.33 47.20 15.40
CA ILE E 239 -9.11 48.24 14.74
C ILE E 239 -8.43 49.60 14.76
N THR E 240 -7.54 49.82 15.71
CA THR E 240 -6.87 51.11 15.83
C THR E 240 -5.58 51.17 15.01
N ASN E 241 -5.11 50.02 14.51
CA ASN E 241 -3.87 49.96 13.77
C ASN E 241 -4.12 50.17 12.28
N ASN E 242 -3.60 51.26 11.74
CA ASN E 242 -3.86 51.62 10.35
C ASN E 242 -3.28 50.62 9.36
N ALA E 243 -2.28 49.86 9.79
CA ALA E 243 -1.66 48.84 8.95
C ALA E 243 -2.63 47.70 8.63
N LYS E 244 -3.58 47.46 9.52
CA LYS E 244 -4.48 46.32 9.40
C LYS E 244 -5.65 46.60 8.46
N ILE E 245 -6.05 45.57 7.72
CA ILE E 245 -7.18 45.65 6.81
C ILE E 245 -8.48 45.39 7.54
N ILE E 246 -9.41 46.30 7.41
CA ILE E 246 -10.70 46.22 8.08
C ILE E 246 -11.73 45.58 7.16
N ILE E 247 -12.35 44.51 7.62
CA ILE E 247 -13.37 43.83 6.82
C ILE E 247 -14.75 44.19 7.32
N VAL E 248 -15.57 44.75 6.45
CA VAL E 248 -16.91 45.17 6.83
C VAL E 248 -17.95 44.31 6.14
N GLN E 249 -18.81 43.65 6.92
CA GLN E 249 -19.86 42.81 6.33
C GLN E 249 -21.21 43.51 6.38
N LEU E 250 -21.92 43.50 5.26
CA LEU E 250 -23.19 44.20 5.14
C LEU E 250 -24.39 43.29 5.36
N VAL E 251 -25.44 43.85 5.98
CA VAL E 251 -26.69 43.13 6.21
C VAL E 251 -27.46 42.87 4.94
N GLN E 252 -27.51 43.89 4.09
CA GLN E 252 -28.24 43.78 2.84
C GLN E 252 -27.26 44.03 1.70
N PRO E 253 -27.44 43.36 0.56
CA PRO E 253 -26.61 43.47 -0.60
C PRO E 253 -26.81 44.82 -1.28
N VAL E 254 -25.77 45.33 -1.90
CA VAL E 254 -25.93 46.46 -2.80
C VAL E 254 -25.70 45.96 -4.21
N THR E 255 -26.70 46.10 -5.05
CA THR E 255 -26.57 45.54 -6.39
C THR E 255 -25.64 46.38 -7.24
N ILE E 256 -24.69 45.72 -7.88
CA ILE E 256 -23.80 46.36 -8.84
C ILE E 256 -23.96 45.67 -10.17
N LYS E 257 -24.14 46.46 -11.22
CA LYS E 257 -24.28 45.86 -12.54
C LYS E 257 -23.24 46.40 -13.48
N CYS E 258 -22.68 45.52 -14.31
CA CYS E 258 -21.59 45.93 -15.19
C CYS E 258 -21.76 45.41 -16.61
N ILE E 259 -21.46 46.27 -17.58
CA ILE E 259 -21.59 45.88 -18.98
C ILE E 259 -20.38 46.24 -19.84
N ARG E 260 -20.25 45.51 -20.95
CA ARG E 260 -19.33 45.84 -22.03
C ARG E 260 -20.14 45.98 -23.33
N PRO E 261 -20.52 47.21 -23.72
CA PRO E 261 -21.42 47.53 -24.83
C PRO E 261 -20.98 47.02 -26.20
N ASN E 262 -19.68 46.80 -26.37
CA ASN E 262 -19.12 46.39 -27.66
C ASN E 262 -19.52 44.98 -28.06
N ASN E 263 -19.88 44.78 -29.34
CA ASN E 263 -20.06 43.42 -29.84
C ASN E 263 -18.79 42.95 -30.54
N ASN E 264 -17.94 42.25 -29.81
CA ASN E 264 -16.68 41.82 -30.39
C ASN E 264 -16.87 40.66 -31.36
N THR E 265 -16.16 40.72 -32.48
CA THR E 265 -16.10 39.61 -33.40
C THR E 265 -14.80 38.87 -33.17
N VAL E 266 -14.90 37.61 -32.79
CA VAL E 266 -13.73 36.83 -32.45
C VAL E 266 -13.31 35.92 -33.59
N LYS E 267 -12.04 36.02 -33.95
CA LYS E 267 -11.46 35.23 -35.02
C LYS E 267 -10.36 34.35 -34.46
N SER E 268 -10.04 33.28 -35.16
CA SER E 268 -8.98 32.43 -34.66
C SER E 268 -8.03 31.95 -35.75
N ILE E 269 -6.79 31.74 -35.35
CA ILE E 269 -5.74 31.25 -36.22
C ILE E 269 -4.99 30.12 -35.56
N ARG E 270 -4.35 29.27 -36.35
CA ARG E 270 -3.55 28.21 -35.78
C ARG E 270 -2.11 28.69 -35.57
N ILE E 271 -1.60 28.55 -34.34
CA ILE E 271 -0.20 28.86 -34.08
C ILE E 271 0.69 27.76 -34.63
N GLY E 272 0.24 26.54 -34.47
CA GLY E 272 0.98 25.35 -34.86
C GLY E 272 0.11 24.14 -34.56
N PRO E 273 0.62 22.93 -34.78
CA PRO E 273 -0.11 21.70 -34.59
C PRO E 273 -0.63 21.60 -33.17
N GLY E 274 -1.90 21.28 -33.03
CA GLY E 274 -2.52 21.10 -31.71
C GLY E 274 -2.86 22.42 -31.02
N GLN E 275 -2.63 23.55 -31.69
CA GLN E 275 -2.82 24.85 -31.06
C GLN E 275 -3.73 25.79 -31.85
N ALA E 276 -4.38 26.71 -31.15
CA ALA E 276 -5.15 27.78 -31.77
C ALA E 276 -5.16 29.01 -30.88
N PHE E 277 -5.21 30.19 -31.50
CA PHE E 277 -5.21 31.46 -30.81
C PHE E 277 -6.45 32.27 -31.11
N TYR E 278 -7.06 32.83 -30.07
CA TYR E 278 -8.28 33.62 -30.23
C TYR E 278 -8.04 35.09 -29.96
N TYR E 279 -8.58 35.93 -30.85
CA TYR E 279 -8.40 37.37 -30.75
C TYR E 279 -9.60 38.13 -31.31
N THR E 280 -9.74 39.39 -30.91
CA THR E 280 -10.81 40.20 -31.47
C THR E 280 -10.39 40.70 -32.84
N GLY E 281 -11.12 40.29 -33.87
CA GLY E 281 -10.80 40.71 -35.23
C GLY E 281 -11.44 42.04 -35.58
N ASP E 282 -12.55 42.35 -34.94
CA ASP E 282 -13.27 43.60 -35.20
C ASP E 282 -14.30 43.88 -34.11
N ILE E 283 -14.84 45.09 -34.12
CA ILE E 283 -15.95 45.46 -33.24
C ILE E 283 -17.16 45.91 -34.04
N ILE E 284 -18.30 45.27 -33.78
CA ILE E 284 -19.55 45.65 -34.41
C ILE E 284 -20.24 46.75 -33.60
N GLY E 285 -20.61 47.82 -34.29
CA GLY E 285 -21.25 48.96 -33.67
C GLY E 285 -20.24 49.91 -33.04
N ASP E 286 -20.73 50.87 -32.27
CA ASP E 286 -19.89 51.88 -31.65
C ASP E 286 -18.95 51.26 -30.63
N ILE E 287 -17.82 51.92 -30.41
CA ILE E 287 -16.86 51.47 -29.42
C ILE E 287 -16.99 52.33 -28.17
N ARG E 288 -17.34 51.70 -27.05
CA ARG E 288 -17.60 52.46 -25.83
C ARG E 288 -16.89 51.87 -24.62
N GLN E 289 -16.57 52.72 -23.66
CA GLN E 289 -15.90 52.31 -22.43
C GLN E 289 -16.80 51.47 -21.54
N ALA E 290 -16.25 50.39 -21.00
CA ALA E 290 -16.97 49.54 -20.05
C ALA E 290 -17.26 50.31 -18.78
N HIS E 291 -18.39 49.99 -18.13
CA HIS E 291 -18.73 50.69 -16.90
C HIS E 291 -19.67 49.90 -15.99
N CYS E 292 -19.69 50.29 -14.71
CA CYS E 292 -20.59 49.69 -13.73
C CYS E 292 -21.49 50.70 -13.05
N ASN E 293 -22.69 50.28 -12.64
CA ASN E 293 -23.61 51.13 -11.91
C ASN E 293 -23.92 50.60 -10.52
N VAL E 294 -23.72 51.45 -9.53
CA VAL E 294 -24.12 51.14 -8.15
C VAL E 294 -25.23 52.11 -7.75
N THR E 295 -26.37 51.59 -7.30
CA THR E 295 -27.48 52.48 -6.98
C THR E 295 -27.08 53.46 -5.88
N ARG E 296 -27.28 54.75 -6.15
CA ARG E 296 -26.81 55.79 -5.23
C ARG E 296 -27.54 55.78 -3.91
N SER E 297 -28.85 55.58 -3.93
CA SER E 297 -29.61 55.62 -2.69
C SER E 297 -29.30 54.43 -1.80
N ARG E 298 -28.97 53.30 -2.41
CA ARG E 298 -28.62 52.12 -1.63
C ARG E 298 -27.23 52.26 -1.05
N TRP E 299 -26.33 52.81 -1.86
CA TRP E 299 -24.96 53.01 -1.44
C TRP E 299 -24.85 54.04 -0.34
N ASN E 300 -25.66 55.09 -0.42
CA ASN E 300 -25.62 56.13 0.60
C ASN E 300 -26.06 55.58 1.94
N LYS E 301 -27.13 54.79 1.93
CA LYS E 301 -27.62 54.18 3.16
C LYS E 301 -26.57 53.23 3.71
N THR E 302 -25.92 52.51 2.81
CA THR E 302 -24.91 51.55 3.21
C THR E 302 -23.75 52.21 3.92
N LEU E 303 -23.19 53.28 3.35
CA LEU E 303 -22.06 53.92 4.00
C LEU E 303 -22.47 54.68 5.24
N GLN E 304 -23.69 55.20 5.28
CA GLN E 304 -24.11 55.91 6.46
C GLN E 304 -24.12 54.96 7.65
N GLU E 305 -24.63 53.75 7.44
CA GLU E 305 -24.67 52.75 8.50
C GLU E 305 -23.27 52.26 8.87
N VAL E 306 -22.37 52.17 7.89
CA VAL E 306 -20.99 51.80 8.19
C VAL E 306 -20.33 52.85 9.05
N ALA E 307 -20.59 54.12 8.73
CA ALA E 307 -20.04 55.21 9.51
C ALA E 307 -20.54 55.16 10.94
N GLU E 308 -21.80 54.77 11.12
CA GLU E 308 -22.33 54.70 12.48
C GLU E 308 -21.58 53.68 13.32
N LYS E 309 -21.19 52.57 12.70
CA LYS E 309 -20.41 51.56 13.42
C LYS E 309 -18.96 51.97 13.65
N LEU E 310 -18.36 52.66 12.67
CA LEU E 310 -16.97 53.10 12.82
C LEU E 310 -16.82 54.09 13.97
N ARG E 311 -17.85 54.89 14.18
CA ARG E 311 -17.84 55.88 15.24
C ARG E 311 -17.70 55.27 16.63
N THR E 312 -18.09 54.00 16.78
CA THR E 312 -18.05 53.36 18.09
C THR E 312 -16.62 52.93 18.45
N TYR E 313 -15.72 52.91 17.46
CA TYR E 313 -14.35 52.50 17.71
C TYR E 313 -13.42 53.71 17.72
N PHE E 314 -13.83 54.77 17.04
CA PHE E 314 -12.96 55.92 16.85
C PHE E 314 -13.37 57.19 17.59
N GLY E 315 -14.20 57.07 18.62
CA GLY E 315 -14.52 58.24 19.45
C GLY E 315 -15.53 59.21 18.86
N ASN E 316 -16.41 58.73 17.98
CA ASN E 316 -17.42 59.56 17.33
C ASN E 316 -16.86 60.70 16.49
N LYS E 317 -15.75 60.42 15.80
CA LYS E 317 -15.17 61.37 14.86
C LYS E 317 -15.93 61.34 13.53
N THR E 318 -15.95 62.46 12.82
CA THR E 318 -16.59 62.51 11.51
C THR E 318 -15.92 61.52 10.56
N ILE E 319 -16.72 60.73 9.84
CA ILE E 319 -16.17 59.66 9.00
C ILE E 319 -16.11 60.06 7.53
N ILE E 320 -14.91 60.02 6.97
CA ILE E 320 -14.68 60.33 5.57
C ILE E 320 -14.07 59.18 4.82
N PHE E 321 -14.61 58.91 3.64
CA PHE E 321 -14.04 57.90 2.79
C PHE E 321 -13.24 58.59 1.69
N ALA E 322 -12.20 57.93 1.20
CA ALA E 322 -11.37 58.51 0.14
C ALA E 322 -10.82 57.43 -0.77
N GLN E 323 -10.41 57.83 -1.98
CA GLN E 323 -9.85 56.90 -2.96
C GLN E 323 -8.45 56.44 -2.55
N SER E 324 -8.00 55.32 -3.12
CA SER E 324 -6.66 54.83 -2.79
C SER E 324 -5.58 55.84 -3.14
N SER E 325 -4.57 55.91 -2.30
CA SER E 325 -3.47 56.86 -2.45
C SER E 325 -2.56 56.58 -3.65
N GLY E 326 -2.62 55.36 -4.19
CA GLY E 326 -1.72 55.05 -5.31
C GLY E 326 -1.37 53.57 -5.40
N GLY E 327 -0.39 53.25 -6.24
CA GLY E 327 0.00 51.87 -6.49
C GLY E 327 -0.55 51.35 -7.81
N ASP E 328 -0.32 50.06 -8.07
CA ASP E 328 -0.68 49.43 -9.35
C ASP E 328 -2.16 49.47 -9.64
N LEU E 329 -2.52 49.42 -10.91
CA LEU E 329 -3.91 49.41 -11.34
C LEU E 329 -4.70 48.28 -10.66
N GLU E 330 -4.06 47.14 -10.47
CA GLU E 330 -4.73 45.99 -9.86
C GLU E 330 -5.08 46.23 -8.39
N ILE E 331 -4.37 47.17 -7.76
CA ILE E 331 -4.55 47.52 -6.36
C ILE E 331 -5.54 48.68 -6.18
N THR E 332 -5.39 49.69 -7.03
CA THR E 332 -6.15 50.93 -6.90
C THR E 332 -7.57 50.84 -7.44
N THR E 333 -7.89 49.75 -8.12
CA THR E 333 -9.23 49.58 -8.69
C THR E 333 -9.86 48.28 -8.25
N HIS E 334 -11.19 48.23 -8.32
CA HIS E 334 -11.96 47.04 -8.02
C HIS E 334 -11.91 46.08 -9.18
N SER E 335 -11.78 44.78 -8.90
CA SER E 335 -11.65 43.81 -9.96
C SER E 335 -12.66 42.67 -9.85
N PHE E 336 -13.13 42.21 -11.01
CA PHE E 336 -14.05 41.07 -11.06
C PHE E 336 -14.06 40.42 -12.44
N ASN E 337 -14.57 39.20 -12.51
CA ASN E 337 -14.70 38.48 -13.77
C ASN E 337 -16.16 38.28 -14.20
N CYS E 338 -16.57 38.96 -15.27
CA CYS E 338 -17.91 38.81 -15.83
C CYS E 338 -17.88 38.39 -17.29
N GLY E 339 -18.47 37.25 -17.60
CA GLY E 339 -18.53 36.77 -18.97
C GLY E 339 -17.21 36.14 -19.39
N GLY E 340 -16.29 36.04 -18.44
CA GLY E 340 -14.94 35.57 -18.68
C GLY E 340 -13.98 36.73 -18.92
N GLU E 341 -14.51 37.95 -19.06
CA GLU E 341 -13.65 39.12 -19.23
C GLU E 341 -13.22 39.66 -17.87
N PHE E 342 -11.98 40.09 -17.78
CA PHE E 342 -11.47 40.65 -16.54
C PHE E 342 -11.57 42.17 -16.53
N PHE E 343 -12.35 42.68 -15.58
CA PHE E 343 -12.63 44.10 -15.47
C PHE E 343 -11.87 44.74 -14.33
N TYR E 344 -11.46 45.99 -14.53
CA TYR E 344 -10.89 46.82 -13.48
C TYR E 344 -11.67 48.12 -13.41
N CYS E 345 -12.23 48.44 -12.25
CA CYS E 345 -13.15 49.57 -12.18
C CYS E 345 -12.77 50.60 -11.12
N ASN E 346 -12.97 51.86 -11.47
CA ASN E 346 -12.63 52.99 -10.62
C ASN E 346 -13.72 53.29 -9.61
N THR E 347 -13.42 53.04 -8.34
CA THR E 347 -14.38 53.14 -7.25
C THR E 347 -14.36 54.49 -6.54
N SER E 348 -13.62 55.45 -7.06
CA SER E 348 -13.50 56.71 -6.36
C SER E 348 -14.84 57.41 -6.21
N GLY E 349 -15.79 57.10 -7.10
CA GLY E 349 -17.13 57.66 -7.00
C GLY E 349 -17.91 57.09 -5.82
N LEU E 350 -17.49 55.92 -5.34
CA LEU E 350 -18.17 55.27 -4.23
C LEU E 350 -17.63 55.75 -2.89
N PHE E 351 -16.36 56.09 -2.88
CA PHE E 351 -15.65 56.39 -1.64
C PHE E 351 -15.30 57.87 -1.51
N ASN E 352 -16.10 58.73 -2.12
CA ASN E 352 -15.88 60.17 -2.08
C ASN E 352 -16.77 60.84 -1.04
N SER E 353 -17.55 60.05 -0.30
CA SER E 353 -18.53 60.59 0.64
C SER E 353 -17.95 61.04 1.98
N THR E 354 -18.67 61.97 2.62
CA THR E 354 -18.40 62.41 3.99
C THR E 354 -19.66 62.24 4.84
N TRP E 355 -19.52 61.69 6.04
CA TRP E 355 -20.67 61.50 6.90
C TRP E 355 -20.47 62.11 8.29
N TYR E 356 -21.48 62.83 8.75
CA TYR E 356 -21.41 63.55 10.02
C TYR E 356 -22.24 62.90 11.11
N VAL E 357 -21.81 63.08 12.35
CA VAL E 357 -22.52 62.54 13.50
C VAL E 357 -23.93 63.13 13.58
N ASN E 358 -24.05 64.40 13.22
CA ASN E 358 -25.33 65.10 13.22
C ASN E 358 -26.42 64.22 12.62
N ASP E 372 -31.27 57.36 -8.49
CA ASP E 372 -30.05 57.73 -9.18
C ASP E 372 -28.97 56.67 -8.98
N THR E 373 -27.93 56.72 -9.81
CA THR E 373 -26.84 55.75 -9.75
C THR E 373 -25.48 56.41 -9.75
N ILE E 374 -24.48 55.67 -9.28
CA ILE E 374 -23.09 56.07 -9.38
C ILE E 374 -22.43 55.23 -10.47
N THR E 375 -21.94 55.87 -11.52
CA THR E 375 -21.32 55.12 -12.60
C THR E 375 -19.82 55.07 -12.44
N LEU E 376 -19.27 53.86 -12.47
CA LEU E 376 -17.85 53.65 -12.34
C LEU E 376 -17.25 53.40 -13.72
N PRO E 377 -16.22 54.14 -14.14
CA PRO E 377 -15.41 53.85 -15.30
C PRO E 377 -14.73 52.52 -15.14
N CYS E 378 -14.63 51.74 -16.22
CA CYS E 378 -13.92 50.47 -16.15
C CYS E 378 -13.01 50.25 -17.34
N ARG E 379 -12.03 49.38 -17.13
CA ARG E 379 -11.09 48.99 -18.17
C ARG E 379 -11.02 47.47 -18.23
N ILE E 380 -10.73 46.94 -19.40
CA ILE E 380 -10.60 45.49 -19.57
C ILE E 380 -9.17 45.14 -19.96
N LYS E 381 -8.60 44.16 -19.27
CA LYS E 381 -7.24 43.74 -19.56
C LYS E 381 -7.22 42.24 -19.86
N GLN E 382 -6.58 41.84 -20.96
CA GLN E 382 -6.57 40.43 -21.35
C GLN E 382 -5.42 39.63 -20.76
N ILE E 383 -4.34 40.28 -20.33
CA ILE E 383 -3.24 39.52 -19.72
C ILE E 383 -3.22 39.76 -18.22
N ILE E 384 -3.46 38.71 -17.46
CA ILE E 384 -3.69 38.87 -16.02
C ILE E 384 -2.68 38.10 -15.16
N ASN E 385 -2.04 38.82 -14.23
CA ASN E 385 -1.21 38.20 -13.22
C ASN E 385 -2.06 38.01 -11.96
N MET E 386 -2.98 37.05 -12.00
CA MET E 386 -4.08 37.03 -11.06
C MET E 386 -3.67 36.90 -9.59
N TRP E 387 -2.59 36.17 -9.34
CA TRP E 387 -2.14 35.96 -7.98
C TRP E 387 -0.89 36.79 -7.70
N GLN E 388 -0.57 37.68 -8.64
CA GLN E 388 0.61 38.55 -8.60
C GLN E 388 1.93 37.77 -8.47
N ARG E 389 1.96 36.54 -9.00
CA ARG E 389 3.18 35.76 -8.98
C ARG E 389 4.12 36.15 -10.11
N ALA E 390 5.40 36.28 -9.79
CA ALA E 390 6.40 36.50 -10.82
C ALA E 390 6.59 35.25 -11.67
N GLY E 391 6.87 35.44 -12.96
CA GLY E 391 7.22 34.33 -13.84
C GLY E 391 6.03 33.62 -14.47
N GLN E 392 4.81 34.03 -14.13
CA GLN E 392 3.61 33.43 -14.72
C GLN E 392 2.58 34.49 -15.12
N ALA E 393 1.85 34.22 -16.20
CA ALA E 393 0.78 35.11 -16.65
C ALA E 393 -0.23 34.34 -17.50
N MET E 394 -1.47 34.81 -17.51
CA MET E 394 -2.51 34.19 -18.35
C MET E 394 -3.12 35.18 -19.32
N TYR E 395 -3.36 34.73 -20.55
CA TYR E 395 -4.10 35.52 -21.52
C TYR E 395 -5.53 35.01 -21.63
N ALA E 396 -6.50 35.85 -21.30
CA ALA E 396 -7.88 35.44 -21.49
C ALA E 396 -8.24 35.63 -22.96
N PRO E 397 -8.93 34.67 -23.59
CA PRO E 397 -9.49 34.80 -24.92
C PRO E 397 -10.64 35.76 -24.81
N PRO E 398 -10.93 36.55 -25.83
CA PRO E 398 -12.06 37.43 -25.90
C PRO E 398 -13.34 36.64 -26.01
N ILE E 399 -14.39 37.14 -25.40
CA ILE E 399 -15.70 36.52 -25.50
C ILE E 399 -16.59 37.36 -26.42
N PRO E 400 -17.14 36.78 -27.51
CA PRO E 400 -17.90 37.45 -28.54
C PRO E 400 -19.23 37.97 -28.04
N GLY E 401 -19.72 39.03 -28.66
CA GLY E 401 -21.03 39.59 -28.33
C GLY E 401 -20.98 40.56 -27.16
N VAL E 402 -22.13 41.09 -26.78
CA VAL E 402 -22.26 42.06 -25.70
C VAL E 402 -22.33 41.33 -24.36
N ILE E 403 -21.52 41.76 -23.40
CA ILE E 403 -21.46 41.09 -22.10
C ILE E 403 -22.09 41.91 -20.99
N LYS E 404 -23.02 41.27 -20.26
CA LYS E 404 -23.67 41.91 -19.14
C LYS E 404 -23.66 40.99 -17.93
N CYS E 405 -23.56 41.57 -16.73
CA CYS E 405 -23.66 40.79 -15.50
C CYS E 405 -24.15 41.63 -14.33
N GLU E 406 -24.55 40.97 -13.26
CA GLU E 406 -24.91 41.65 -12.02
C GLU E 406 -24.34 40.89 -10.84
N SER E 407 -23.99 41.60 -9.78
CA SER E 407 -23.46 40.97 -8.58
C SER E 407 -23.96 41.67 -7.32
N ASN E 408 -23.91 40.96 -6.20
CA ASN E 408 -24.28 41.53 -4.91
C ASN E 408 -23.04 41.95 -4.11
N ILE E 409 -22.93 43.24 -3.78
CA ILE E 409 -21.84 43.65 -2.90
C ILE E 409 -22.23 43.29 -1.48
N THR E 410 -21.44 42.45 -0.83
CA THR E 410 -21.79 41.96 0.49
C THR E 410 -20.85 42.44 1.58
N GLY E 411 -19.80 43.15 1.18
CA GLY E 411 -18.83 43.63 2.15
C GLY E 411 -17.73 44.47 1.52
N LEU E 412 -17.00 45.17 2.38
CA LEU E 412 -15.96 46.09 1.92
C LEU E 412 -14.60 45.75 2.56
N LEU E 413 -13.52 46.01 1.83
CA LEU E 413 -12.19 46.01 2.42
C LEU E 413 -11.70 47.43 2.58
N LEU E 414 -11.51 47.87 3.82
CA LEU E 414 -11.08 49.23 4.11
C LEU E 414 -9.77 49.28 4.90
N THR E 415 -9.01 50.35 4.73
CA THR E 415 -7.87 50.61 5.61
C THR E 415 -7.99 52.01 6.17
N ARG E 416 -7.45 52.23 7.36
CA ARG E 416 -7.46 53.57 7.95
C ARG E 416 -6.27 54.36 7.45
N ASP E 417 -6.48 55.65 7.18
CA ASP E 417 -5.36 56.51 6.80
C ASP E 417 -4.74 57.09 8.06
N GLY E 418 -3.65 56.47 8.52
CA GLY E 418 -3.05 56.82 9.80
C GLY E 418 -1.99 57.91 9.69
N GLY E 419 -1.28 58.14 10.80
CA GLY E 419 -0.25 59.17 10.86
C GLY E 419 -0.83 60.54 11.20
N LYS E 420 -2.13 60.59 11.45
CA LYS E 420 -2.82 61.84 11.76
C LYS E 420 -3.23 61.90 13.22
N ASP E 421 -3.10 63.07 13.82
CA ASP E 421 -3.48 63.30 15.21
C ASP E 421 -4.83 64.00 15.32
N ASN E 422 -5.53 64.12 14.20
CA ASN E 422 -6.77 64.88 14.16
C ASN E 422 -7.84 64.29 15.07
N ASN E 423 -8.45 65.14 15.88
CA ASN E 423 -9.56 64.72 16.74
C ASN E 423 -10.90 65.15 16.17
N VAL E 424 -10.86 65.77 14.99
CA VAL E 424 -12.07 66.27 14.34
C VAL E 424 -12.74 65.18 13.51
N ASN E 425 -11.94 64.49 12.72
CA ASN E 425 -12.46 63.53 11.76
C ASN E 425 -11.45 62.43 11.48
N GLU E 426 -11.88 61.40 10.75
CA GLU E 426 -11.01 60.30 10.38
C GLU E 426 -11.25 59.89 8.92
N THR E 427 -10.20 59.39 8.26
CA THR E 427 -10.30 59.02 6.84
C THR E 427 -9.98 57.55 6.58
N PHE E 428 -10.80 56.92 5.74
CA PHE E 428 -10.62 55.52 5.36
C PHE E 428 -10.52 55.36 3.84
N ARG E 429 -9.75 54.37 3.39
CA ARG E 429 -9.56 54.12 1.97
C ARG E 429 -9.77 52.64 1.65
N PRO E 430 -10.32 52.30 0.47
CA PRO E 430 -10.65 50.96 0.00
C PRO E 430 -9.44 50.10 -0.35
N GLY E 431 -9.64 48.79 -0.33
CA GLY E 431 -8.66 47.82 -0.80
C GLY E 431 -7.71 47.35 0.28
N GLY E 432 -6.71 46.58 -0.13
CA GLY E 432 -5.77 45.99 0.81
C GLY E 432 -4.62 45.31 0.08
N SER E 433 -3.65 44.83 0.85
CA SER E 433 -2.43 44.24 0.32
C SER E 433 -2.55 42.81 -0.20
N ASP E 434 -3.63 42.10 0.11
CA ASP E 434 -3.67 40.68 -0.24
C ASP E 434 -5.08 40.12 -0.45
N MET E 435 -5.20 39.21 -1.43
CA MET E 435 -6.44 38.54 -1.76
C MET E 435 -6.92 37.57 -0.68
N ARG E 436 -6.02 37.13 0.20
CA ARG E 436 -6.40 36.18 1.24
C ARG E 436 -7.51 36.70 2.15
N ASP E 437 -7.62 38.01 2.28
CA ASP E 437 -8.64 38.58 3.14
C ASP E 437 -10.04 38.31 2.61
N ASN E 438 -10.15 37.98 1.31
CA ASN E 438 -11.44 37.65 0.76
C ASN E 438 -11.94 36.33 1.33
N TRP E 439 -11.01 35.40 1.59
CA TRP E 439 -11.39 34.10 2.10
C TRP E 439 -11.84 34.22 3.55
N ARG E 440 -11.22 35.16 4.26
CA ARG E 440 -11.51 35.37 5.67
C ARG E 440 -12.96 35.77 5.88
N SER E 441 -13.54 36.44 4.90
CA SER E 441 -14.91 36.91 5.03
C SER E 441 -15.92 35.76 5.10
N GLU E 442 -15.52 34.58 4.62
CA GLU E 442 -16.40 33.41 4.70
C GLU E 442 -15.92 32.42 5.76
N LEU E 443 -14.61 32.41 6.02
CA LEU E 443 -14.02 31.45 6.95
C LEU E 443 -13.89 31.93 8.38
N TYR E 444 -14.26 33.18 8.65
CA TYR E 444 -14.11 33.75 10.00
C TYR E 444 -14.83 32.95 11.07
N LYS E 445 -15.93 32.32 10.70
CA LYS E 445 -16.73 31.56 11.64
C LYS E 445 -16.24 30.13 11.87
N TYR E 446 -15.27 29.67 11.07
CA TYR E 446 -14.81 28.29 11.17
C TYR E 446 -13.47 28.13 11.87
N LYS E 447 -13.34 27.04 12.62
CA LYS E 447 -12.08 26.69 13.28
C LYS E 447 -11.81 25.18 13.21
N VAL E 448 -10.56 24.79 13.00
CA VAL E 448 -10.21 23.37 12.94
C VAL E 448 -9.54 22.89 14.22
N VAL E 449 -10.07 21.80 14.79
CA VAL E 449 -9.52 21.25 16.01
C VAL E 449 -9.26 19.74 15.89
N GLU E 450 -8.26 19.25 16.62
CA GLU E 450 -7.96 17.83 16.70
C GLU E 450 -8.78 17.19 17.80
N ILE E 451 -9.33 16.01 17.53
CA ILE E 451 -10.09 15.30 18.54
C ILE E 451 -9.20 14.34 19.31
N GLU E 452 -9.18 14.48 20.63
CA GLU E 452 -8.33 13.64 21.46
C GLU E 452 -9.17 12.74 22.38
N PRO E 453 -9.47 11.49 21.98
CA PRO E 453 -10.40 10.59 22.63
C PRO E 453 -9.89 10.11 23.98
N LEU E 454 -8.59 10.17 24.21
CA LEU E 454 -8.04 9.73 25.50
C LEU E 454 -8.05 10.84 26.53
N GLY E 455 -8.30 10.44 27.78
CA GLY E 455 -8.16 11.34 28.91
C GLY E 455 -8.14 10.55 30.21
N VAL E 456 -7.73 11.21 31.29
CA VAL E 456 -7.61 10.53 32.58
C VAL E 456 -8.27 11.35 33.68
N ALA E 457 -8.80 10.65 34.69
CA ALA E 457 -9.41 11.29 35.84
C ALA E 457 -9.38 10.33 37.02
N PRO E 458 -9.32 10.80 38.27
CA PRO E 458 -9.34 10.00 39.48
C PRO E 458 -10.69 9.35 39.73
N THR E 459 -10.66 8.11 40.21
CA THR E 459 -11.84 7.41 40.70
C THR E 459 -11.49 6.60 41.94
N ARG E 460 -12.50 6.13 42.66
CA ARG E 460 -12.27 5.19 43.77
C ARG E 460 -11.85 3.81 43.24
N CYS E 461 -12.15 3.55 41.98
CA CYS E 461 -11.90 2.27 41.33
C CYS E 461 -10.42 1.93 41.27
N LYS E 462 -10.08 0.69 41.60
CA LYS E 462 -8.72 0.18 41.47
C LYS E 462 -8.74 -1.09 40.63
N ARG E 463 -7.73 -1.25 39.79
CA ARG E 463 -7.63 -2.47 38.98
C ARG E 463 -7.46 -3.71 39.86
N ARG E 464 -8.18 -4.78 39.54
CA ARG E 464 -8.02 -6.05 40.25
C ARG E 464 -6.70 -6.70 39.91
N VAL E 465 -6.08 -7.34 40.90
CA VAL E 465 -4.84 -8.06 40.69
C VAL E 465 -5.07 -9.38 39.97
N VAL E 466 -4.29 -9.62 38.93
CA VAL E 466 -4.41 -10.86 38.15
C VAL E 466 -4.37 -12.08 39.07
N LEU F 9 -27.97 12.76 20.41
CA LEU F 9 -27.08 13.80 20.94
C LEU F 9 -26.08 14.26 19.88
N GLY F 10 -25.44 13.29 19.24
CA GLY F 10 -24.50 13.58 18.15
C GLY F 10 -23.05 13.71 18.62
N PHE F 11 -22.15 13.78 17.64
CA PHE F 11 -20.72 13.81 17.88
C PHE F 11 -20.30 15.05 18.67
N LEU F 12 -19.62 14.82 19.78
CA LEU F 12 -19.15 15.86 20.71
C LEU F 12 -20.27 16.67 21.36
N GLY F 13 -21.51 16.21 21.27
CA GLY F 13 -22.61 16.95 21.88
C GLY F 13 -22.48 16.99 23.39
N ALA F 14 -21.72 16.04 23.91
CA ALA F 14 -21.44 15.90 25.34
C ALA F 14 -20.36 16.85 25.83
N ALA F 15 -19.69 17.55 24.92
CA ALA F 15 -18.51 18.32 25.28
C ALA F 15 -18.76 19.36 26.36
N GLY F 16 -19.96 19.95 26.39
CA GLY F 16 -20.26 20.95 27.40
C GLY F 16 -20.87 20.36 28.67
N SER F 17 -21.11 19.06 28.67
CA SER F 17 -21.74 18.39 29.81
C SER F 17 -20.70 18.09 30.87
N THR F 18 -21.15 17.75 32.07
CA THR F 18 -20.23 17.41 33.14
C THR F 18 -19.50 16.13 32.79
N MET F 19 -18.34 15.93 33.39
CA MET F 19 -17.57 14.73 33.08
C MET F 19 -18.35 13.46 33.38
N GLY F 20 -19.11 13.47 34.47
CA GLY F 20 -19.90 12.29 34.79
C GLY F 20 -20.97 12.04 33.73
N ALA F 21 -21.64 13.10 33.30
CA ALA F 21 -22.66 12.94 32.27
C ALA F 21 -22.05 12.51 30.94
N ALA F 22 -20.89 13.05 30.63
CA ALA F 22 -20.20 12.78 29.37
C ALA F 22 -19.78 11.33 29.24
N SER F 23 -19.52 10.68 30.37
CA SER F 23 -19.01 9.32 30.38
C SER F 23 -20.01 8.32 29.78
N ILE F 24 -21.29 8.70 29.70
CA ILE F 24 -22.27 7.80 29.12
C ILE F 24 -22.22 7.79 27.59
N THR F 25 -21.52 8.78 27.00
CA THR F 25 -21.54 9.00 25.55
C THR F 25 -20.25 8.57 24.85
N LEU F 26 -19.36 7.90 25.54
CA LEU F 26 -18.01 7.68 25.02
C LEU F 26 -18.00 6.98 23.66
N THR F 27 -18.96 6.10 23.41
CA THR F 27 -18.97 5.36 22.15
C THR F 27 -19.30 6.25 20.96
N VAL F 28 -19.93 7.39 21.22
CA VAL F 28 -20.31 8.31 20.14
C VAL F 28 -19.07 8.89 19.50
N GLN F 29 -18.07 9.20 20.32
CA GLN F 29 -16.83 9.78 19.83
C GLN F 29 -15.80 8.73 19.49
N ALA F 30 -16.00 7.52 19.97
CA ALA F 30 -15.10 6.42 19.66
C ALA F 30 -15.10 6.12 18.17
N ARG F 31 -16.26 6.34 17.52
CA ARG F 31 -16.40 6.15 16.09
C ARG F 31 -15.70 7.29 15.34
N GLN F 32 -15.12 7.00 14.19
CA GLN F 32 -14.41 8.02 13.41
C GLN F 32 -13.38 8.73 14.27
N ILE F 62 -2.38 13.88 -4.13
CA ILE F 62 -1.75 13.04 -3.12
C ILE F 62 -2.22 13.42 -1.73
N LYS F 63 -2.80 14.61 -1.61
CA LYS F 63 -3.23 15.11 -0.32
C LYS F 63 -4.25 14.19 0.32
N GLN F 64 -5.13 13.61 -0.51
CA GLN F 64 -6.16 12.72 0.00
C GLN F 64 -5.54 11.45 0.56
N LEU F 65 -4.50 10.96 -0.10
CA LEU F 65 -3.87 9.72 0.34
C LEU F 65 -3.13 9.96 1.65
N GLN F 66 -2.46 11.09 1.74
CA GLN F 66 -1.72 11.42 2.95
C GLN F 66 -2.66 11.62 4.12
N ALA F 67 -3.81 12.25 3.85
CA ALA F 67 -4.81 12.46 4.89
C ALA F 67 -5.36 11.15 5.42
N ARG F 68 -5.55 10.18 4.53
CA ARG F 68 -6.07 8.88 4.92
C ARG F 68 -5.08 8.13 5.80
N VAL F 69 -3.80 8.22 5.45
CA VAL F 69 -2.76 7.59 6.25
C VAL F 69 -2.67 8.26 7.61
N LEU F 70 -2.75 9.59 7.64
CA LEU F 70 -2.68 10.32 8.88
C LEU F 70 -3.82 9.95 9.82
N ALA F 71 -5.03 9.83 9.28
CA ALA F 71 -6.17 9.47 10.11
C ALA F 71 -5.96 8.11 10.76
N VAL F 72 -5.37 7.19 10.00
CA VAL F 72 -5.05 5.87 10.54
C VAL F 72 -4.01 5.94 11.64
N GLU F 73 -2.98 6.75 11.45
CA GLU F 73 -1.94 6.87 12.45
C GLU F 73 -2.47 7.42 13.77
N HIS F 74 -3.40 8.37 13.71
CA HIS F 74 -3.95 8.91 14.94
C HIS F 74 -4.79 7.87 15.66
N TYR F 75 -5.56 7.10 14.91
CA TYR F 75 -6.34 6.04 15.52
C TYR F 75 -5.43 5.04 16.22
N LEU F 76 -4.40 4.59 15.50
CA LEU F 76 -3.50 3.60 16.05
C LEU F 76 -2.64 4.15 17.16
N ARG F 77 -2.32 5.44 17.12
CA ARG F 77 -1.52 6.02 18.18
C ARG F 77 -2.19 5.82 19.52
N ASP F 78 -3.49 6.11 19.56
CA ASP F 78 -4.23 5.96 20.81
C ASP F 78 -4.43 4.50 21.18
N GLN F 79 -4.61 3.63 20.19
CA GLN F 79 -4.77 2.22 20.48
C GLN F 79 -3.49 1.60 21.01
N GLN F 80 -2.35 2.07 20.51
CA GLN F 80 -1.08 1.57 21.02
C GLN F 80 -0.90 1.95 22.48
N LEU F 81 -1.34 3.16 22.84
CA LEU F 81 -1.22 3.57 24.23
C LEU F 81 -2.08 2.69 25.11
N LEU F 82 -3.29 2.36 24.66
CA LEU F 82 -4.14 1.49 25.45
C LEU F 82 -3.53 0.11 25.58
N GLY F 83 -2.89 -0.38 24.51
CA GLY F 83 -2.24 -1.69 24.57
C GLY F 83 -1.05 -1.68 25.53
N ILE F 84 -0.32 -0.56 25.56
CA ILE F 84 0.80 -0.38 26.47
C ILE F 84 0.33 -0.34 27.91
N TRP F 85 -0.82 0.28 28.13
CA TRP F 85 -1.41 0.42 29.46
C TRP F 85 -2.18 -0.82 29.91
N GLY F 86 -2.42 -1.76 29.00
CA GLY F 86 -3.19 -2.96 29.31
C GLY F 86 -4.69 -2.70 29.25
N CYS F 87 -5.06 -1.55 28.71
CA CYS F 87 -6.45 -1.10 28.67
C CYS F 87 -7.13 -1.37 27.33
N SER F 88 -6.44 -2.07 26.43
CA SER F 88 -6.99 -2.29 25.11
C SER F 88 -8.32 -3.03 25.17
N GLY F 89 -9.26 -2.60 24.34
CA GLY F 89 -10.58 -3.21 24.27
C GLY F 89 -11.57 -2.65 25.30
N LYS F 90 -11.11 -1.70 26.12
CA LYS F 90 -11.98 -1.12 27.15
C LYS F 90 -12.21 0.36 26.91
N LEU F 91 -13.44 0.82 27.15
CA LEU F 91 -13.74 2.25 27.08
C LEU F 91 -13.35 2.94 28.38
N ILE F 92 -13.51 2.22 29.49
CA ILE F 92 -13.10 2.72 30.80
C ILE F 92 -12.14 1.73 31.43
N CYS F 93 -10.94 2.19 31.77
CA CYS F 93 -9.94 1.29 32.31
C CYS F 93 -9.30 1.78 33.59
N CYS F 94 -9.55 1.08 34.68
CA CYS F 94 -8.97 1.41 35.97
C CYS F 94 -7.52 0.94 36.01
N THR F 95 -6.66 1.72 36.67
CA THR F 95 -5.25 1.37 36.78
C THR F 95 -4.87 1.22 38.25
N ASN F 96 -3.61 0.84 38.48
CA ASN F 96 -3.09 0.73 39.84
C ASN F 96 -2.30 1.97 40.24
N VAL F 97 -2.34 3.02 39.43
CA VAL F 97 -1.60 4.24 39.76
C VAL F 97 -2.43 5.12 40.68
N PRO F 98 -1.95 5.46 41.88
CA PRO F 98 -2.65 6.28 42.84
C PRO F 98 -2.78 7.68 42.31
N TRP F 99 -3.89 8.35 42.61
CA TRP F 99 -3.98 9.73 42.21
C TRP F 99 -3.01 10.53 43.05
N ASN F 100 -2.25 11.34 42.37
CA ASN F 100 -1.27 12.20 43.01
C ASN F 100 -1.86 13.58 43.22
N SER F 101 -2.07 13.96 44.47
CA SER F 101 -2.82 15.16 44.81
C SER F 101 -2.19 16.45 44.30
N SER F 102 -0.90 16.42 43.96
CA SER F 102 -0.28 17.63 43.44
C SER F 102 -0.80 17.97 42.04
N TRP F 103 -1.33 16.97 41.33
CA TRP F 103 -1.89 17.21 40.00
C TRP F 103 -3.18 18.02 40.10
N SER F 104 -3.98 17.69 41.12
CA SER F 104 -5.21 18.41 41.45
C SER F 104 -5.61 18.10 42.88
N ASN F 105 -6.12 19.09 43.58
CA ASN F 105 -6.60 18.89 44.95
C ASN F 105 -8.13 18.79 45.01
N LYS F 106 -8.78 18.70 43.86
CA LYS F 106 -10.23 18.64 43.83
C LYS F 106 -10.78 17.29 44.28
N SER F 107 -11.92 17.34 44.98
CA SER F 107 -12.64 16.13 45.37
C SER F 107 -13.34 15.54 44.18
N LEU F 108 -13.77 14.28 44.29
CA LEU F 108 -14.43 13.65 43.15
C LEU F 108 -15.69 14.40 42.74
N ASP F 109 -16.45 14.92 43.69
CA ASP F 109 -17.63 15.68 43.32
C ASP F 109 -17.25 16.95 42.58
N GLU F 110 -16.16 17.59 43.01
CA GLU F 110 -15.67 18.79 42.35
C GLU F 110 -15.14 18.51 40.95
N ILE F 111 -14.75 17.27 40.68
CA ILE F 111 -14.28 16.93 39.35
C ILE F 111 -15.41 16.39 38.47
N TRP F 112 -16.09 15.36 38.94
CA TRP F 112 -17.07 14.67 38.12
C TRP F 112 -18.37 15.42 37.89
N ASN F 113 -18.80 16.23 38.87
CA ASN F 113 -20.08 16.92 38.70
C ASN F 113 -19.95 18.43 38.50
N ASN F 114 -18.75 18.98 38.73
CA ASN F 114 -18.59 20.42 38.63
C ASN F 114 -17.73 20.85 37.44
N MET F 115 -17.28 19.90 36.64
CA MET F 115 -16.40 20.23 35.52
C MET F 115 -16.76 19.48 34.24
N THR F 116 -16.43 20.10 33.12
CA THR F 116 -16.46 19.47 31.81
C THR F 116 -15.11 18.79 31.56
N TRP F 117 -15.05 17.88 30.59
CA TRP F 117 -13.76 17.28 30.26
C TRP F 117 -12.79 18.29 29.66
N LEU F 118 -13.32 19.30 28.96
CA LEU F 118 -12.46 20.32 28.38
C LEU F 118 -11.75 21.10 29.47
N GLN F 119 -12.48 21.45 30.53
CA GLN F 119 -11.87 22.17 31.64
C GLN F 119 -10.87 21.30 32.38
N TRP F 120 -11.20 20.03 32.53
CA TRP F 120 -10.33 19.11 33.24
C TRP F 120 -9.01 18.91 32.53
N ASP F 121 -9.05 18.79 31.21
CA ASP F 121 -7.80 18.61 30.48
C ASP F 121 -6.90 19.81 30.64
N LYS F 122 -7.47 20.99 30.70
CA LYS F 122 -6.66 22.19 30.88
C LYS F 122 -6.02 22.22 32.27
N GLU F 123 -6.77 21.81 33.28
CA GLU F 123 -6.26 21.84 34.65
C GLU F 123 -5.04 20.95 34.86
N ILE F 124 -5.00 19.80 34.19
CA ILE F 124 -3.88 18.89 34.36
C ILE F 124 -3.06 18.73 33.09
N ASN F 125 -3.16 19.70 32.19
CA ASN F 125 -2.51 19.58 30.88
C ASN F 125 -1.01 19.36 30.98
N ASN F 126 -0.38 19.89 32.03
CA ASN F 126 1.06 19.80 32.17
C ASN F 126 1.50 18.52 32.87
N TYR F 127 0.54 17.70 33.31
CA TYR F 127 0.88 16.49 34.04
C TYR F 127 0.51 15.23 33.28
N THR F 128 -0.04 15.37 32.08
CA THR F 128 -0.54 14.19 31.38
C THR F 128 0.58 13.23 31.01
N GLN F 129 1.77 13.76 30.72
CA GLN F 129 2.87 12.89 30.38
C GLN F 129 3.35 12.11 31.59
N LEU F 130 3.27 12.72 32.76
CA LEU F 130 3.69 12.02 33.97
C LEU F 130 2.74 10.87 34.26
N ILE F 131 1.46 11.12 34.03
CA ILE F 131 0.45 10.11 34.29
C ILE F 131 0.61 8.93 33.34
N TYR F 132 0.84 9.23 32.07
CA TYR F 132 0.98 8.16 31.09
C TYR F 132 2.18 7.29 31.39
N ARG F 133 3.28 7.90 31.80
CA ARG F 133 4.47 7.13 32.14
C ARG F 133 4.26 6.23 33.34
N LEU F 134 3.55 6.74 34.34
CA LEU F 134 3.28 5.95 35.54
C LEU F 134 2.38 4.75 35.24
N ILE F 135 1.43 4.93 34.32
CA ILE F 135 0.55 3.84 33.97
C ILE F 135 1.35 2.73 33.30
N GLU F 136 2.27 3.12 32.41
CA GLU F 136 3.11 2.14 31.75
C GLU F 136 3.99 1.40 32.75
N GLU F 137 4.54 2.11 33.73
CA GLU F 137 5.37 1.45 34.73
C GLU F 137 4.58 0.45 35.57
N SER F 138 3.33 0.80 35.88
CA SER F 138 2.50 -0.11 36.66
C SER F 138 2.17 -1.36 35.87
N GLN F 139 1.96 -1.20 34.56
CA GLN F 139 1.69 -2.35 33.71
C GLN F 139 2.90 -3.25 33.60
N ASN F 140 4.09 -2.67 33.61
CA ASN F 140 5.29 -3.47 33.49
C ASN F 140 5.43 -4.39 34.70
N GLN F 141 5.08 -3.89 35.87
CA GLN F 141 5.14 -4.71 37.07
C GLN F 141 4.10 -5.82 37.03
N GLN F 142 2.92 -5.49 36.50
CA GLN F 142 1.86 -6.48 36.40
C GLN F 142 2.25 -7.62 35.47
N GLU F 143 2.90 -7.29 34.36
CA GLU F 143 3.32 -8.31 33.40
C GLU F 143 4.37 -9.24 33.98
N LYS F 144 5.26 -8.71 34.81
CA LYS F 144 6.25 -9.56 35.45
C LYS F 144 5.57 -10.53 36.41
N ASN F 145 4.54 -10.06 37.10
CA ASN F 145 3.81 -10.93 38.01
C ASN F 145 2.99 -11.97 37.26
N GLU F 146 2.41 -11.57 36.12
CA GLU F 146 1.64 -12.52 35.33
C GLU F 146 2.52 -13.63 34.80
N LYS F 147 3.75 -13.30 34.42
CA LYS F 147 4.67 -14.30 33.90
C LYS F 147 4.93 -15.39 34.94
N GLU F 148 5.13 -14.99 36.19
CA GLU F 148 5.34 -15.98 37.23
C GLU F 148 4.12 -16.86 37.41
N LEU F 149 2.94 -16.25 37.35
CA LEU F 149 1.70 -17.00 37.54
C LEU F 149 1.48 -18.02 36.43
N LEU F 150 1.86 -17.68 35.19
CA LEU F 150 1.68 -18.60 34.09
C LEU F 150 2.50 -19.87 34.28
N GLU F 151 3.71 -19.74 34.80
CA GLU F 151 4.53 -20.92 35.06
C GLU F 151 4.00 -21.74 36.24
N LEU F 152 3.46 -21.06 37.25
CA LEU F 152 2.93 -21.75 38.42
C LEU F 152 1.67 -22.56 38.13
N ASP F 153 0.84 -22.06 37.21
CA ASP F 153 -0.42 -22.71 36.87
C ASP F 153 -0.95 -22.26 35.52
N GLY G 2 31.07 -30.67 17.64
CA GLY G 2 32.04 -29.95 18.46
C GLY G 2 33.19 -30.85 18.86
N GLN G 3 34.40 -30.30 18.85
CA GLN G 3 35.59 -31.06 19.21
C GLN G 3 36.56 -30.23 20.03
N LEU G 4 37.15 -30.88 21.04
CA LEU G 4 38.21 -30.27 21.83
C LEU G 4 39.52 -31.00 21.54
N VAL G 5 40.61 -30.26 21.38
CA VAL G 5 41.93 -30.84 21.10
C VAL G 5 42.98 -30.34 22.08
N GLN G 6 43.70 -31.25 22.73
CA GLN G 6 44.68 -30.87 23.74
C GLN G 6 46.13 -31.07 23.33
N SER G 7 47.03 -30.34 23.99
CA SER G 7 48.46 -30.50 23.80
C SER G 7 48.89 -31.92 24.10
N GLY G 8 49.84 -32.44 23.35
CA GLY G 8 50.28 -33.83 23.49
C GLY G 8 51.03 -34.04 24.79
N ALA G 9 51.29 -35.32 25.09
CA ALA G 9 51.93 -35.70 26.34
C ALA G 9 53.32 -35.09 26.46
N GLU G 10 53.70 -34.73 27.68
CA GLU G 10 55.00 -34.11 27.92
C GLU G 10 55.62 -34.59 29.22
N LEU G 11 56.95 -34.76 29.20
CA LEU G 11 57.73 -35.17 30.37
C LEU G 11 58.38 -33.98 31.06
N LYS G 12 58.22 -33.88 32.36
CA LYS G 12 58.80 -32.80 33.14
C LYS G 12 59.62 -33.26 34.34
N LYS G 13 60.58 -32.42 34.74
CA LYS G 13 61.31 -32.64 35.98
C LYS G 13 60.47 -32.10 37.14
N PRO G 14 60.59 -32.64 38.36
CA PRO G 14 59.93 -32.16 39.55
C PRO G 14 60.24 -30.68 39.78
N GLY G 15 59.20 -29.93 40.17
CA GLY G 15 59.31 -28.51 40.44
C GLY G 15 59.09 -27.65 39.18
N ALA G 16 59.04 -28.31 38.02
CA ALA G 16 58.85 -27.63 36.74
C ALA G 16 57.42 -27.13 36.57
N SER G 17 57.26 -26.07 35.80
CA SER G 17 55.93 -25.64 35.38
C SER G 17 55.57 -26.24 34.02
N VAL G 18 54.30 -26.51 33.79
CA VAL G 18 53.84 -26.99 32.48
C VAL G 18 52.58 -26.24 32.03
N LYS G 19 52.48 -25.97 30.73
CA LYS G 19 51.26 -25.38 30.19
C LYS G 19 50.59 -26.34 29.21
N ILE G 20 49.29 -26.54 29.38
CA ILE G 20 48.51 -27.42 28.52
C ILE G 20 47.45 -26.62 27.76
N SER G 21 47.48 -26.68 26.43
CA SER G 21 46.48 -25.97 25.63
C SER G 21 45.24 -26.83 25.41
N CYS G 22 44.14 -26.17 25.05
CA CYS G 22 42.93 -26.86 24.60
C CYS G 22 42.26 -26.10 23.46
N LYS G 23 42.57 -26.50 22.23
CA LYS G 23 42.00 -25.86 21.06
C LYS G 23 40.58 -26.34 20.83
N THR G 24 39.69 -25.45 20.41
CA THR G 24 38.30 -25.84 20.25
C THR G 24 37.75 -25.41 18.91
N SER G 25 36.70 -26.11 18.46
CA SER G 25 35.97 -25.73 17.26
C SER G 25 34.54 -26.27 17.26
N GLY G 26 33.71 -25.73 16.37
CA GLY G 26 32.34 -26.19 16.18
C GLY G 26 31.29 -25.44 17.01
N TYR G 27 31.71 -24.46 17.79
CA TYR G 27 30.76 -23.69 18.60
C TYR G 27 31.26 -22.32 18.94
N ARG G 28 30.38 -21.47 19.44
CA ARG G 28 30.87 -20.19 19.92
C ARG G 28 31.62 -20.46 21.20
N PHE G 29 32.91 -20.21 21.18
CA PHE G 29 33.78 -20.50 22.30
C PHE G 29 33.34 -19.75 23.54
N ASN G 30 32.91 -18.51 23.35
CA ASN G 30 32.49 -17.67 24.46
C ASN G 30 31.21 -18.13 25.16
N PHE G 31 30.42 -18.98 24.52
CA PHE G 31 29.13 -19.36 25.09
C PHE G 31 29.19 -20.30 26.29
N TYR G 32 30.28 -21.05 26.45
CA TYR G 32 30.31 -22.09 27.49
C TYR G 32 31.57 -22.06 28.34
N HIS G 33 31.46 -22.49 29.60
CA HIS G 33 32.60 -22.60 30.51
C HIS G 33 33.55 -23.69 30.04
N ILE G 34 34.85 -23.47 30.24
CA ILE G 34 35.84 -24.52 30.00
C ILE G 34 36.39 -25.06 31.30
N ASN G 35 36.18 -26.36 31.52
CA ASN G 35 36.62 -27.06 32.72
C ASN G 35 37.95 -27.74 32.51
N TRP G 36 38.73 -27.85 33.58
CA TRP G 36 39.90 -28.71 33.56
C TRP G 36 39.79 -29.75 34.67
N ILE G 37 39.93 -31.00 34.29
CA ILE G 37 39.78 -32.12 35.22
C ILE G 37 40.95 -33.10 35.13
N ARG G 38 41.49 -33.47 36.28
CA ARG G 38 42.62 -34.39 36.36
C ARG G 38 42.19 -35.81 36.71
N GLN G 39 42.85 -36.80 36.12
CA GLN G 39 42.65 -38.17 36.57
C GLN G 39 43.98 -38.84 36.91
N THR G 40 44.07 -39.38 38.12
CA THR G 40 45.25 -40.12 38.57
C THR G 40 44.81 -41.47 39.12
N ALA G 41 45.56 -42.51 38.81
CA ALA G 41 45.12 -43.87 39.16
C ALA G 41 44.93 -44.04 40.67
N GLY G 42 45.75 -43.36 41.47
CA GLY G 42 45.65 -43.47 42.92
C GLY G 42 44.64 -42.53 43.56
N ARG G 43 44.10 -41.58 42.78
CA ARG G 43 43.19 -40.59 43.36
C ARG G 43 41.81 -40.56 42.69
N GLY G 44 41.74 -41.11 41.48
CA GLY G 44 40.52 -41.01 40.68
C GLY G 44 40.48 -39.62 40.05
N PRO G 45 39.36 -39.27 39.39
CA PRO G 45 39.07 -37.97 38.83
C PRO G 45 39.04 -36.89 39.89
N GLU G 46 39.55 -35.71 39.55
CA GLU G 46 39.51 -34.56 40.45
C GLU G 46 39.30 -33.26 39.67
N TRP G 47 38.31 -32.48 40.08
CA TRP G 47 38.02 -31.21 39.43
C TRP G 47 39.08 -30.16 39.80
N MET G 48 39.65 -29.49 38.80
CA MET G 48 40.68 -28.49 39.08
C MET G 48 40.11 -27.08 39.09
N GLY G 49 39.02 -26.87 38.37
CA GLY G 49 38.48 -25.54 38.20
C GLY G 49 37.98 -25.28 36.78
N TRP G 50 37.31 -24.14 36.59
CA TRP G 50 36.89 -23.70 35.27
C TRP G 50 37.13 -22.23 35.07
N ILE G 51 37.24 -21.84 33.80
CA ILE G 51 37.33 -20.43 33.44
C ILE G 51 36.33 -20.07 32.37
N SER G 52 35.64 -18.94 32.56
CA SER G 52 34.75 -18.46 31.52
C SER G 52 35.57 -17.82 30.40
N PRO G 53 35.37 -18.19 29.15
CA PRO G 53 35.96 -17.60 27.97
C PRO G 53 35.35 -16.24 27.66
N TYR G 54 34.19 -15.96 28.27
CA TYR G 54 33.48 -14.73 27.98
C TYR G 54 33.90 -13.60 28.90
N SER G 55 33.90 -13.87 30.20
CA SER G 55 34.23 -12.83 31.18
C SER G 55 35.64 -12.94 31.75
N GLY G 56 36.26 -14.11 31.61
CA GLY G 56 37.54 -14.36 32.24
C GLY G 56 37.39 -14.80 33.69
N ASP G 57 36.15 -14.90 34.17
CA ASP G 57 35.90 -15.32 35.55
C ASP G 57 36.38 -16.73 35.76
N LYS G 58 36.98 -17.00 36.90
CA LYS G 58 37.46 -18.35 37.18
C LYS G 58 37.06 -18.82 38.56
N ASN G 59 36.89 -20.13 38.69
CA ASN G 59 36.63 -20.77 39.96
C ASN G 59 37.52 -21.97 40.11
N LEU G 60 38.55 -21.84 40.95
CA LEU G 60 39.54 -22.90 41.13
C LEU G 60 39.28 -23.67 42.42
N ALA G 61 39.54 -24.97 42.40
CA ALA G 61 39.43 -25.76 43.62
C ALA G 61 40.49 -25.28 44.61
N PRO G 62 40.20 -25.25 45.92
CA PRO G 62 41.12 -24.88 46.99
C PRO G 62 42.44 -25.62 46.89
N ALA G 63 42.41 -26.84 46.40
CA ALA G 63 43.61 -27.63 46.22
C ALA G 63 44.57 -27.00 45.21
N PHE G 64 44.00 -26.33 44.20
CA PHE G 64 44.80 -25.78 43.10
C PHE G 64 44.88 -24.26 43.05
N GLN G 65 44.24 -23.57 44.01
CA GLN G 65 44.23 -22.10 43.95
C GLN G 65 45.62 -21.48 44.01
N ASP G 66 46.55 -22.15 44.68
CA ASP G 66 47.90 -21.61 44.81
C ASP G 66 48.86 -22.09 43.71
N ARG G 67 48.41 -23.01 42.85
CA ARG G 67 49.33 -23.58 41.86
C ARG G 67 48.87 -23.50 40.41
N VAL G 68 47.58 -23.23 40.19
CA VAL G 68 47.04 -23.29 38.84
C VAL G 68 46.49 -21.97 38.32
N ILE G 69 46.93 -21.61 37.12
CA ILE G 69 46.53 -20.39 36.45
C ILE G 69 45.84 -20.70 35.11
N MET G 70 44.65 -20.13 34.91
CA MET G 70 43.92 -20.36 33.68
C MET G 70 43.74 -19.08 32.87
N THR G 71 43.83 -19.21 31.55
CA THR G 71 43.61 -18.09 30.63
C THR G 71 43.03 -18.59 29.31
N THR G 72 42.35 -17.70 28.57
CA THR G 72 41.81 -18.09 27.27
C THR G 72 42.13 -17.08 26.17
N ASP G 73 42.15 -17.55 24.93
CA ASP G 73 42.24 -16.68 23.75
C ASP G 73 40.91 -16.06 23.39
N THR G 74 40.95 -14.90 22.76
CA THR G 74 39.76 -14.31 22.16
C THR G 74 39.32 -15.19 20.99
N GLU G 75 38.02 -15.49 20.92
CA GLU G 75 37.51 -16.37 19.87
C GLU G 75 37.60 -15.76 18.49
N VAL G 76 37.83 -16.61 17.50
CA VAL G 76 37.83 -16.21 16.10
C VAL G 76 36.66 -16.87 15.36
N PRO G 77 35.68 -16.11 14.87
CA PRO G 77 34.44 -16.59 14.30
C PRO G 77 34.62 -17.34 12.99
N VAL G 78 33.77 -18.34 12.77
CA VAL G 78 33.72 -19.09 11.51
C VAL G 78 32.39 -18.88 10.83
N THR G 79 31.32 -19.04 11.61
CA THR G 79 29.95 -18.78 11.18
C THR G 79 29.33 -17.91 12.26
N SER G 80 28.12 -17.42 12.04
CA SER G 80 27.50 -16.59 13.06
C SER G 80 27.25 -17.36 14.37
N PHE G 81 27.21 -18.69 14.30
CA PHE G 81 27.01 -19.51 15.50
C PHE G 81 28.19 -20.44 15.80
N THR G 82 29.32 -20.23 15.13
CA THR G 82 30.51 -21.06 15.35
C THR G 82 31.78 -20.22 15.42
N SER G 83 32.70 -20.61 16.29
CA SER G 83 34.00 -19.94 16.38
C SER G 83 35.07 -20.92 16.81
N THR G 84 36.32 -20.50 16.69
CA THR G 84 37.44 -21.30 17.17
C THR G 84 38.20 -20.51 18.22
N GLY G 85 38.95 -21.20 19.04
CA GLY G 85 39.72 -20.54 20.09
C GLY G 85 40.41 -21.58 20.95
N ALA G 86 41.08 -21.12 22.01
CA ALA G 86 41.77 -22.08 22.86
C ALA G 86 41.79 -21.64 24.31
N ALA G 87 41.79 -22.62 25.19
CA ALA G 87 41.98 -22.40 26.61
C ALA G 87 43.34 -22.92 27.02
N TYR G 88 43.95 -22.30 28.01
CA TYR G 88 45.24 -22.76 28.49
C TYR G 88 45.22 -22.90 29.99
N MET G 89 45.96 -23.88 30.49
CA MET G 89 46.15 -24.02 31.92
C MET G 89 47.62 -24.20 32.26
N GLU G 90 48.08 -23.49 33.28
CA GLU G 90 49.44 -23.65 33.77
C GLU G 90 49.46 -24.30 35.13
N ILE G 91 50.29 -25.33 35.29
CA ILE G 91 50.46 -25.96 36.60
C ILE G 91 51.87 -25.69 37.11
N ARG G 92 51.96 -25.03 38.25
CA ARG G 92 53.27 -24.72 38.85
C ARG G 92 53.72 -25.78 39.85
N ASN G 93 55.03 -25.89 40.05
CA ASN G 93 55.59 -26.74 41.09
C ASN G 93 55.16 -28.19 41.00
N LEU G 94 55.34 -28.82 39.85
CA LEU G 94 54.89 -30.20 39.67
C LEU G 94 55.54 -31.18 40.63
N LYS G 95 54.73 -32.08 41.14
CA LYS G 95 55.15 -33.17 42.02
C LYS G 95 54.84 -34.51 41.38
N PHE G 96 55.44 -35.58 41.89
CA PHE G 96 55.14 -36.91 41.36
C PHE G 96 53.67 -37.25 41.57
N ASP G 97 53.07 -36.66 42.60
CA ASP G 97 51.66 -36.85 42.91
C ASP G 97 50.74 -36.23 41.85
N ASP G 98 51.29 -35.36 41.01
CA ASP G 98 50.52 -34.67 39.98
C ASP G 98 50.50 -35.44 38.67
N THR G 99 51.15 -36.59 38.63
CA THR G 99 51.15 -37.38 37.40
C THR G 99 49.75 -37.89 37.10
N GLY G 100 49.39 -37.91 35.83
CA GLY G 100 48.08 -38.39 35.44
C GLY G 100 47.61 -37.77 34.13
N THR G 101 46.38 -38.07 33.76
CA THR G 101 45.80 -37.57 32.53
C THR G 101 45.02 -36.30 32.81
N TYR G 102 45.26 -35.27 32.01
CA TYR G 102 44.55 -34.01 32.18
C TYR G 102 43.57 -33.79 31.05
N PHE G 103 42.34 -33.41 31.39
CA PHE G 103 41.29 -33.25 30.41
C PHE G 103 40.74 -31.83 30.32
N CYS G 104 40.41 -31.46 29.09
CA CYS G 104 39.66 -30.24 28.79
C CYS G 104 38.20 -30.59 28.56
N ALA G 105 37.28 -29.80 29.11
CA ALA G 105 35.87 -30.11 28.88
C ALA G 105 34.97 -28.87 28.79
N LYS G 106 33.87 -29.01 28.05
CA LYS G 106 32.90 -27.94 27.79
C LYS G 106 31.60 -28.14 28.57
N GLY G 107 31.00 -27.02 29.02
CA GLY G 107 29.78 -27.05 29.84
C GLY G 107 28.46 -27.35 29.09
N LEU G 108 27.38 -27.39 29.88
CA LEU G 108 26.00 -27.69 29.46
C LEU G 108 25.23 -26.43 29.06
N LEU G 109 23.95 -26.36 29.44
CA LEU G 109 23.01 -25.33 29.03
C LEU G 109 23.50 -23.97 29.44
N ARG G 110 23.43 -22.99 28.56
CA ARG G 110 24.02 -21.69 28.85
C ARG G 110 23.46 -21.01 30.11
N ASP G 111 22.17 -21.15 30.37
CA ASP G 111 21.58 -20.58 31.59
C ASP G 111 21.18 -21.59 32.66
N GLY G 112 21.65 -22.83 32.53
CA GLY G 112 21.20 -23.85 33.48
C GLY G 112 21.94 -23.75 34.80
N SER G 113 21.38 -24.38 35.84
CA SER G 113 22.06 -24.45 37.13
C SER G 113 23.30 -25.33 37.03
N SER G 114 23.34 -26.15 35.98
CA SER G 114 24.41 -27.07 35.67
C SER G 114 25.30 -26.58 34.54
N THR G 115 25.20 -25.29 34.19
CA THR G 115 25.85 -24.77 32.98
C THR G 115 27.30 -25.20 32.81
N TRP G 116 28.07 -25.15 33.87
CA TRP G 116 29.50 -25.44 33.77
C TRP G 116 29.82 -26.93 33.72
N LEU G 117 28.85 -27.78 34.01
CA LEU G 117 29.14 -29.21 34.15
C LEU G 117 29.68 -29.77 32.81
N PRO G 118 30.81 -30.48 32.82
CA PRO G 118 31.60 -30.89 31.66
C PRO G 118 30.93 -31.91 30.75
N TYR G 119 30.03 -31.45 29.89
CA TYR G 119 29.34 -32.29 28.92
C TYR G 119 30.25 -32.94 27.88
N LEU G 120 31.11 -32.14 27.25
CA LEU G 120 31.96 -32.62 26.15
C LEU G 120 33.40 -32.64 26.60
N TRP G 121 34.09 -33.74 26.33
CA TRP G 121 35.47 -33.90 26.78
C TRP G 121 36.43 -34.09 25.62
N GLY G 122 37.66 -33.59 25.79
CA GLY G 122 38.74 -33.87 24.86
C GLY G 122 39.30 -35.25 25.15
N GLN G 123 40.20 -35.73 24.30
CA GLN G 123 40.75 -37.07 24.50
C GLN G 123 41.58 -37.19 25.77
N GLY G 124 42.12 -36.07 26.23
CA GLY G 124 42.97 -36.01 27.41
C GLY G 124 44.39 -36.38 27.03
N THR G 125 45.37 -35.85 27.75
CA THR G 125 46.75 -36.25 27.50
C THR G 125 47.53 -36.48 28.78
N LEU G 126 48.58 -37.29 28.69
CA LEU G 126 49.37 -37.66 29.85
C LEU G 126 50.46 -36.67 30.23
N LEU G 127 50.50 -36.33 31.52
CA LEU G 127 51.60 -35.58 32.08
C LEU G 127 52.44 -36.50 32.94
N THR G 128 53.75 -36.52 32.70
CA THR G 128 54.64 -37.40 33.44
C THR G 128 55.73 -36.61 34.16
N VAL G 129 56.02 -37.01 35.39
CA VAL G 129 57.08 -36.39 36.18
C VAL G 129 58.15 -37.41 36.54
N SER G 130 59.40 -37.09 36.23
CA SER G 130 60.52 -37.99 36.54
C SER G 130 61.81 -37.21 36.73
N SER G 131 62.68 -37.73 37.58
CA SER G 131 63.98 -37.10 37.85
C SER G 131 65.10 -37.77 37.07
N SER H 2 38.44 -39.25 47.88
CA SER H 2 37.18 -38.76 47.36
C SER H 2 36.11 -38.69 48.44
N VAL H 3 35.45 -37.54 48.56
CA VAL H 3 34.46 -37.32 49.59
C VAL H 3 33.22 -38.23 49.43
N LEU H 4 32.75 -38.35 48.19
CA LEU H 4 31.65 -39.25 47.90
C LEU H 4 32.15 -40.67 47.73
N THR H 5 31.36 -41.65 48.16
CA THR H 5 31.78 -43.03 48.00
C THR H 5 30.72 -43.86 47.31
N GLN H 6 31.18 -44.90 46.64
CA GLN H 6 30.31 -45.83 45.92
C GLN H 6 30.74 -47.27 46.18
N SER H 7 29.82 -48.22 46.00
CA SER H 7 30.18 -49.62 46.15
C SER H 7 31.27 -49.97 45.16
N ALA H 8 32.19 -50.85 45.55
CA ALA H 8 33.31 -51.18 44.68
C ALA H 8 32.83 -51.75 43.35
N SER H 9 31.75 -52.52 43.39
CA SER H 9 31.21 -53.07 42.16
C SER H 9 29.74 -53.46 42.28
N VAL H 10 29.06 -53.52 41.14
CA VAL H 10 27.71 -54.04 41.01
C VAL H 10 27.66 -54.99 39.83
N SER H 11 26.67 -55.86 39.79
CA SER H 11 26.57 -56.80 38.68
C SER H 11 25.15 -57.27 38.40
N GLY H 12 24.95 -57.81 37.21
CA GLY H 12 23.68 -58.44 36.86
C GLY H 12 23.73 -59.09 35.50
N SER H 13 22.69 -59.86 35.19
CA SER H 13 22.57 -60.58 33.93
C SER H 13 22.09 -59.67 32.80
N LEU H 14 22.22 -60.13 31.56
CA LEU H 14 21.76 -59.32 30.45
C LEU H 14 20.26 -59.12 30.53
N GLY H 15 19.83 -57.89 30.31
CA GLY H 15 18.42 -57.52 30.36
C GLY H 15 17.95 -57.19 31.77
N GLN H 16 18.82 -57.40 32.76
CA GLN H 16 18.53 -57.15 34.16
C GLN H 16 18.73 -55.69 34.49
N SER H 17 17.93 -55.16 35.41
CA SER H 17 18.21 -53.81 35.89
C SER H 17 19.37 -53.84 36.88
N VAL H 18 20.22 -52.81 36.82
CA VAL H 18 21.32 -52.66 37.77
C VAL H 18 21.28 -51.28 38.42
N THR H 19 21.41 -51.22 39.74
CA THR H 19 21.37 -49.93 40.42
C THR H 19 22.67 -49.62 41.16
N ILE H 20 23.16 -48.39 40.98
CA ILE H 20 24.38 -47.90 41.60
C ILE H 20 24.12 -46.78 42.59
N SER H 21 24.51 -46.96 43.84
CA SER H 21 24.33 -45.92 44.85
C SER H 21 25.46 -44.88 44.84
N CYS H 22 25.15 -43.68 45.33
CA CYS H 22 26.14 -42.65 45.61
C CYS H 22 25.89 -42.03 46.98
N THR H 23 26.89 -42.10 47.86
CA THR H 23 26.72 -41.66 49.24
C THR H 23 27.83 -40.73 49.71
N GLY H 24 27.58 -40.03 50.81
CA GLY H 24 28.55 -39.12 51.40
C GLY H 24 27.93 -38.36 52.57
N PRO H 25 28.61 -37.34 53.09
CA PRO H 25 28.15 -36.44 54.13
C PRO H 25 26.87 -35.78 53.66
N ASN H 26 25.95 -35.48 54.57
CA ASN H 26 24.64 -34.95 54.19
C ASN H 26 24.73 -33.63 53.42
N SER H 27 25.77 -32.85 53.71
CA SER H 27 25.99 -31.56 53.06
C SER H 27 26.55 -31.70 51.64
N VAL H 28 27.06 -32.90 51.32
CA VAL H 28 27.66 -33.16 50.01
C VAL H 28 26.71 -34.01 49.19
N CYS H 29 26.08 -34.98 49.84
CA CYS H 29 25.01 -35.75 49.24
C CYS H 29 23.88 -36.02 50.26
N CYS H 30 22.61 -35.74 49.93
CA CYS H 30 22.12 -35.00 48.77
C CYS H 30 21.30 -33.78 49.16
N SER H 31 21.41 -33.35 50.42
CA SER H 31 20.66 -32.18 50.84
C SER H 31 21.21 -30.93 50.16
N HIS H 32 20.33 -30.18 49.50
CA HIS H 32 20.70 -28.96 48.77
C HIS H 32 21.79 -29.19 47.72
N LYS H 33 21.87 -30.40 47.15
CA LYS H 33 22.86 -30.71 46.13
C LYS H 33 22.25 -31.42 44.92
N SER H 34 22.86 -31.22 43.76
CA SER H 34 22.48 -31.96 42.57
C SER H 34 23.53 -33.01 42.24
N ILE H 35 23.09 -34.17 41.75
CA ILE H 35 24.00 -35.27 41.43
C ILE H 35 24.02 -35.57 39.93
N SER H 36 25.23 -35.70 39.38
CA SER H 36 25.39 -36.09 37.98
C SER H 36 26.14 -37.39 37.87
N TRP H 37 25.95 -38.09 36.75
CA TRP H 37 26.59 -39.39 36.57
C TRP H 37 27.36 -39.47 35.27
N TYR H 38 28.54 -40.09 35.34
CA TYR H 38 29.44 -40.24 34.18
C TYR H 38 29.91 -41.68 33.98
N GLN H 39 30.15 -42.04 32.73
CA GLN H 39 30.94 -43.23 32.41
C GLN H 39 32.41 -42.84 32.29
N TRP H 40 33.31 -43.67 32.81
CA TRP H 40 34.75 -43.45 32.66
C TRP H 40 35.52 -44.72 32.28
N PRO H 41 35.48 -45.19 31.04
CA PRO H 41 36.26 -46.32 30.57
C PRO H 41 37.74 -45.95 30.72
N PRO H 42 38.61 -46.88 31.13
CA PRO H 42 40.04 -46.69 31.18
C PRO H 42 40.58 -46.33 29.80
N GLY H 43 41.48 -45.35 29.76
CA GLY H 43 42.16 -44.99 28.52
C GLY H 43 41.31 -44.09 27.60
N ARG H 44 40.11 -43.74 28.02
CA ARG H 44 39.21 -42.95 27.17
C ARG H 44 38.58 -41.79 27.89
N ALA H 45 38.19 -40.78 27.14
CA ALA H 45 37.44 -39.67 27.70
C ALA H 45 36.07 -40.18 28.16
N PRO H 46 35.56 -39.68 29.30
CA PRO H 46 34.28 -40.01 29.90
C PRO H 46 33.10 -39.39 29.17
N THR H 47 31.92 -39.94 29.44
CA THR H 47 30.66 -39.41 28.89
C THR H 47 29.66 -39.08 30.00
N LEU H 48 29.05 -37.92 29.91
CA LEU H 48 27.98 -37.54 30.86
C LEU H 48 26.70 -38.27 30.52
N ILE H 49 26.09 -38.91 31.51
CA ILE H 49 24.85 -39.65 31.29
C ILE H 49 23.64 -38.89 31.84
N ILE H 50 23.70 -38.57 33.13
CA ILE H 50 22.59 -37.93 33.84
C ILE H 50 23.03 -36.62 34.49
N TYR H 51 22.19 -35.58 34.39
CA TYR H 51 22.48 -34.34 35.11
C TYR H 51 21.25 -33.91 35.93
N GLU H 52 21.49 -33.16 37.01
CA GLU H 52 20.47 -32.80 38.00
C GLU H 52 19.75 -34.02 38.60
N ASP H 53 20.39 -35.18 38.45
CA ASP H 53 19.93 -36.48 38.95
C ASP H 53 18.52 -36.85 38.45
N ASN H 54 18.05 -36.18 37.41
CA ASN H 54 16.72 -36.45 36.88
C ASN H 54 16.63 -36.39 35.36
N GLU H 55 17.62 -35.76 34.73
CA GLU H 55 17.53 -35.51 33.30
C GLU H 55 18.67 -36.15 32.53
N ARG H 56 18.34 -36.71 31.38
CA ARG H 56 19.35 -37.33 30.54
C ARG H 56 20.10 -36.30 29.72
N ALA H 57 21.39 -36.49 29.57
CA ALA H 57 22.17 -35.71 28.62
C ALA H 57 21.69 -36.10 27.22
N PRO H 58 21.71 -35.19 26.24
CA PRO H 58 21.27 -35.47 24.90
C PRO H 58 22.12 -36.58 24.28
N GLY H 59 21.48 -37.43 23.50
CA GLY H 59 22.15 -38.57 22.85
C GLY H 59 22.19 -39.81 23.74
N ILE H 60 21.70 -39.70 24.97
CA ILE H 60 21.70 -40.81 25.92
C ILE H 60 20.45 -41.68 25.81
N SER H 61 20.68 -42.98 25.73
CA SER H 61 19.62 -43.98 25.63
C SER H 61 18.66 -43.92 26.82
N PRO H 62 17.35 -44.12 26.59
CA PRO H 62 16.29 -44.08 27.58
C PRO H 62 16.47 -45.10 28.69
N ARG H 63 17.28 -46.13 28.46
CA ARG H 63 17.48 -47.15 29.48
C ARG H 63 18.16 -46.60 30.75
N PHE H 64 18.84 -45.46 30.63
CA PHE H 64 19.49 -44.84 31.79
C PHE H 64 18.56 -43.85 32.49
N SER H 65 18.46 -43.94 33.81
CA SER H 65 17.68 -42.96 34.57
C SER H 65 18.18 -42.81 35.99
N GLY H 66 18.12 -41.58 36.51
CA GLY H 66 18.51 -41.32 37.89
C GLY H 66 17.34 -41.48 38.86
N TYR H 67 17.66 -41.56 40.16
CA TYR H 67 16.69 -41.52 41.23
C TYR H 67 17.31 -40.84 42.45
N LYS H 68 16.52 -40.02 43.15
CA LYS H 68 17.05 -39.24 44.25
C LYS H 68 16.34 -39.47 45.58
N SER H 69 17.11 -39.47 46.65
CA SER H 69 16.59 -39.50 48.02
C SER H 69 17.47 -38.62 48.90
N TYR H 70 16.97 -38.24 50.07
CA TYR H 70 17.74 -37.40 50.97
C TYR H 70 19.08 -38.02 51.33
N TRP H 71 19.06 -39.29 51.71
CA TRP H 71 20.25 -39.98 52.16
C TRP H 71 21.23 -40.35 51.04
N SER H 72 20.71 -40.62 49.84
CA SER H 72 21.59 -41.05 48.76
C SER H 72 20.98 -40.84 47.37
N ALA H 73 21.84 -40.84 46.36
CA ALA H 73 21.38 -40.80 44.98
C ALA H 73 21.67 -42.12 44.28
N TYR H 74 20.85 -42.47 43.30
CA TYR H 74 21.03 -43.72 42.59
C TYR H 74 20.97 -43.55 41.08
N LEU H 75 21.74 -44.37 40.38
CA LEU H 75 21.61 -44.52 38.93
C LEU H 75 21.11 -45.91 38.61
N THR H 76 20.08 -46.01 37.79
CA THR H 76 19.59 -47.31 37.38
C THR H 76 19.78 -47.52 35.89
N ILE H 77 20.34 -48.67 35.55
CA ILE H 77 20.52 -49.04 34.15
C ILE H 77 19.53 -50.14 33.81
N SER H 78 18.55 -49.84 32.98
CA SER H 78 17.59 -50.83 32.54
C SER H 78 18.19 -51.62 31.39
N ASP H 79 17.68 -52.81 31.13
CA ASP H 79 18.11 -53.53 29.94
C ASP H 79 19.63 -53.63 29.84
N LEU H 80 20.30 -54.17 30.86
CA LEU H 80 21.76 -54.18 30.86
C LEU H 80 22.32 -54.85 29.61
N ARG H 81 23.31 -54.18 29.00
CA ARG H 81 23.95 -54.65 27.78
C ARG H 81 25.47 -54.75 27.98
N PRO H 82 26.22 -55.52 27.16
CA PRO H 82 27.67 -55.64 27.23
C PRO H 82 28.36 -54.29 27.10
N GLU H 83 27.67 -53.35 26.45
CA GLU H 83 28.17 -52.01 26.24
C GLU H 83 28.29 -51.24 27.55
N ASP H 84 27.56 -51.69 28.56
CA ASP H 84 27.50 -51.01 29.85
C ASP H 84 28.56 -51.52 30.81
N GLU H 85 29.40 -52.45 30.37
CA GLU H 85 30.39 -53.03 31.26
C GLU H 85 31.59 -52.10 31.41
N THR H 86 31.39 -51.01 32.15
CA THR H 86 32.42 -50.00 32.36
C THR H 86 32.39 -49.43 33.77
N THR H 87 33.34 -48.55 34.06
CA THR H 87 33.42 -47.87 35.35
C THR H 87 32.52 -46.63 35.35
N TYR H 88 31.78 -46.43 36.45
CA TYR H 88 30.90 -45.28 36.59
C TYR H 88 31.30 -44.41 37.78
N TYR H 89 31.09 -43.10 37.64
CA TYR H 89 31.32 -42.16 38.74
C TYR H 89 30.13 -41.23 38.97
N CYS H 90 29.81 -40.98 40.23
CA CYS H 90 28.84 -39.94 40.57
C CYS H 90 29.56 -38.64 40.90
N CYS H 91 28.84 -37.53 40.76
CA CYS H 91 29.39 -36.22 41.10
C CYS H 91 28.36 -35.31 41.77
N SER H 92 28.74 -34.70 42.89
CA SER H 92 27.88 -33.70 43.53
C SER H 92 28.28 -32.30 43.09
N TYR H 93 27.29 -31.45 42.87
CA TYR H 93 27.59 -30.08 42.45
C TYR H 93 26.47 -29.08 42.77
N THR H 94 26.85 -27.80 42.76
CA THR H 94 25.90 -26.69 42.82
C THR H 94 26.27 -25.65 41.78
N HIS H 95 25.40 -24.68 41.55
CA HIS H 95 25.72 -23.61 40.63
C HIS H 95 26.86 -22.71 41.11
N ASN H 96 27.12 -22.71 42.42
CA ASN H 96 28.19 -21.90 42.99
C ASN H 96 29.43 -22.71 43.38
N SER H 97 29.51 -23.98 42.98
CA SER H 97 30.63 -24.81 43.40
C SER H 97 31.00 -25.80 42.32
N GLY H 98 32.19 -26.38 42.43
CA GLY H 98 32.66 -27.33 41.43
C GLY H 98 32.16 -28.74 41.66
N CYS H 99 32.57 -29.62 40.76
CA CYS H 99 32.22 -31.02 40.83
C CYS H 99 33.02 -31.78 41.86
N VAL H 100 32.32 -32.52 42.72
CA VAL H 100 33.00 -33.41 43.66
C VAL H 100 32.80 -34.85 43.21
N PHE H 101 33.88 -35.50 42.79
CA PHE H 101 33.80 -36.87 42.29
C PHE H 101 33.87 -37.89 43.40
N GLY H 102 33.15 -39.00 43.23
CA GLY H 102 33.22 -40.11 44.17
C GLY H 102 34.31 -41.11 43.83
N THR H 103 34.36 -42.21 44.59
CA THR H 103 35.34 -43.27 44.38
C THR H 103 35.06 -44.08 43.11
N GLY H 104 33.82 -44.05 42.66
CA GLY H 104 33.41 -44.76 41.46
C GLY H 104 33.08 -46.22 41.74
N THR H 105 32.51 -46.89 40.75
CA THR H 105 32.16 -48.30 40.87
C THR H 105 32.38 -49.01 39.54
N LYS H 106 32.57 -50.32 39.58
CA LYS H 106 32.63 -51.09 38.34
C LYS H 106 31.33 -51.84 38.11
N VAL H 107 30.90 -51.90 36.84
CA VAL H 107 29.72 -52.67 36.49
C VAL H 107 30.11 -53.92 35.71
N SER H 108 29.71 -55.09 36.21
CA SER H 108 29.98 -56.33 35.51
C SER H 108 28.72 -56.82 34.80
N VAL H 109 28.89 -57.38 33.61
CA VAL H 109 27.77 -57.95 32.87
C VAL H 109 27.88 -59.46 32.83
N LEU H 110 26.86 -60.13 33.34
CA LEU H 110 26.89 -61.57 33.46
C LEU H 110 26.12 -62.24 32.32
N GLY H 111 26.59 -63.39 31.88
CA GLY H 111 25.92 -64.12 30.80
C GLY H 111 25.63 -63.21 29.61
N GLY I 2 -42.59 -21.53 -2.29
CA GLY I 2 -42.15 -22.90 -2.56
C GLY I 2 -43.31 -23.79 -2.96
N GLN I 3 -43.25 -24.38 -4.16
CA GLN I 3 -44.32 -25.24 -4.65
C GLN I 3 -43.81 -26.48 -5.37
N LEU I 4 -44.50 -27.61 -5.16
CA LEU I 4 -44.23 -28.85 -5.87
C LEU I 4 -45.43 -29.22 -6.76
N VAL I 5 -45.16 -29.66 -7.99
CA VAL I 5 -46.22 -30.08 -8.92
C VAL I 5 -45.97 -31.48 -9.46
N GLN I 6 -46.97 -32.35 -9.37
CA GLN I 6 -46.82 -33.74 -9.79
C GLN I 6 -47.56 -34.11 -11.07
N SER I 7 -47.10 -35.18 -11.73
CA SER I 7 -47.76 -35.72 -12.91
C SER I 7 -49.19 -36.14 -12.58
N GLY I 8 -50.10 -35.95 -13.52
CA GLY I 8 -51.51 -36.23 -13.29
C GLY I 8 -51.77 -37.73 -13.18
N ALA I 9 -52.98 -38.07 -12.76
CA ALA I 9 -53.34 -39.47 -12.52
C ALA I 9 -53.27 -40.29 -13.80
N GLU I 10 -52.87 -41.56 -13.65
CA GLU I 10 -52.74 -42.44 -14.80
C GLU I 10 -53.23 -43.86 -14.50
N LEU I 11 -53.86 -44.49 -15.50
CA LEU I 11 -54.35 -45.86 -15.40
C LEU I 11 -53.36 -46.87 -16.01
N LYS I 12 -53.05 -47.91 -15.25
CA LYS I 12 -52.11 -48.94 -15.69
C LYS I 12 -52.67 -50.36 -15.58
N LYS I 13 -52.15 -51.25 -16.41
CA LYS I 13 -52.42 -52.67 -16.26
C LYS I 13 -51.41 -53.27 -15.28
N PRO I 14 -51.73 -54.34 -14.54
CA PRO I 14 -50.82 -55.04 -13.65
C PRO I 14 -49.55 -55.45 -14.37
N GLY I 15 -48.43 -55.27 -13.68
CA GLY I 15 -47.10 -55.61 -14.19
C GLY I 15 -46.47 -54.46 -14.97
N ALA I 16 -47.26 -53.42 -15.26
CA ALA I 16 -46.78 -52.26 -16.00
C ALA I 16 -45.88 -51.41 -15.13
N SER I 17 -44.93 -50.70 -15.75
CA SER I 17 -44.18 -49.69 -15.03
C SER I 17 -44.87 -48.34 -15.14
N VAL I 18 -44.64 -47.47 -14.16
CA VAL I 18 -45.13 -46.09 -14.21
C VAL I 18 -44.05 -45.10 -13.80
N LYS I 19 -44.03 -43.94 -14.43
CA LYS I 19 -43.09 -42.89 -14.05
C LYS I 19 -43.84 -41.64 -13.61
N ILE I 20 -43.49 -41.12 -12.43
CA ILE I 20 -44.15 -39.95 -11.87
C ILE I 20 -43.17 -38.79 -11.70
N SER I 21 -43.47 -37.65 -12.32
CA SER I 21 -42.60 -36.48 -12.17
C SER I 21 -42.98 -35.64 -10.96
N CYS I 22 -42.04 -34.83 -10.50
CA CYS I 22 -42.29 -33.83 -9.48
C CYS I 22 -41.55 -32.54 -9.76
N LYS I 23 -42.21 -31.61 -10.45
CA LYS I 23 -41.61 -30.34 -10.81
C LYS I 23 -41.54 -29.44 -9.60
N THR I 24 -40.46 -28.67 -9.48
CA THR I 24 -40.32 -27.81 -8.32
C THR I 24 -40.04 -26.37 -8.71
N SER I 25 -40.43 -25.44 -7.86
CA SER I 25 -40.10 -24.03 -8.04
C SER I 25 -40.16 -23.24 -6.75
N GLY I 26 -39.52 -22.07 -6.75
CA GLY I 26 -39.61 -21.11 -5.64
C GLY I 26 -38.55 -21.31 -4.56
N TYR I 27 -37.74 -22.36 -4.68
CA TYR I 27 -36.69 -22.66 -3.70
C TYR I 27 -35.54 -23.33 -4.40
N ARG I 28 -34.36 -23.41 -3.77
CA ARG I 28 -33.28 -24.12 -4.45
C ARG I 28 -33.50 -25.61 -4.43
N PHE I 29 -33.54 -26.21 -5.61
CA PHE I 29 -33.81 -27.63 -5.72
C PHE I 29 -32.75 -28.45 -5.01
N ASN I 30 -31.49 -28.09 -5.19
CA ASN I 30 -30.40 -28.87 -4.62
C ASN I 30 -30.27 -28.74 -3.11
N PHE I 31 -30.91 -27.75 -2.52
CA PHE I 31 -30.72 -27.51 -1.10
C PHE I 31 -31.46 -28.49 -0.19
N TYR I 32 -32.49 -29.17 -0.70
CA TYR I 32 -33.32 -30.01 0.16
C TYR I 32 -33.54 -31.40 -0.42
N HIS I 33 -33.71 -32.38 0.47
CA HIS I 33 -33.99 -33.77 0.07
C HIS I 33 -35.35 -33.87 -0.60
N ILE I 34 -35.47 -34.72 -1.61
CA ILE I 34 -36.79 -34.98 -2.19
C ILE I 34 -37.31 -36.33 -1.73
N ASN I 35 -38.43 -36.31 -1.02
CA ASN I 35 -39.04 -37.49 -0.44
C ASN I 35 -40.20 -37.99 -1.29
N TRP I 36 -40.43 -39.29 -1.26
CA TRP I 36 -41.65 -39.84 -1.87
C TRP I 36 -42.44 -40.64 -0.85
N ILE I 37 -43.74 -40.37 -0.78
CA ILE I 37 -44.63 -41.01 0.18
C ILE I 37 -45.87 -41.59 -0.50
N ARG I 38 -46.18 -42.84 -0.19
CA ARG I 38 -47.38 -43.49 -0.72
C ARG I 38 -48.50 -43.50 0.29
N GLN I 39 -49.74 -43.35 -0.17
CA GLN I 39 -50.89 -43.57 0.70
C GLN I 39 -51.89 -44.53 0.06
N THR I 40 -52.19 -45.62 0.75
CA THR I 40 -53.17 -46.59 0.30
C THR I 40 -54.14 -46.88 1.43
N ALA I 41 -55.43 -47.00 1.13
CA ALA I 41 -56.43 -47.13 2.18
C ALA I 41 -56.20 -48.36 3.05
N GLY I 42 -55.70 -49.44 2.45
CA GLY I 42 -55.46 -50.67 3.19
C GLY I 42 -54.16 -50.69 3.99
N ARG I 43 -53.27 -49.72 3.74
CA ARG I 43 -51.97 -49.71 4.39
C ARG I 43 -51.71 -48.45 5.22
N GLY I 44 -52.43 -47.38 4.92
CA GLY I 44 -52.11 -46.09 5.50
C GLY I 44 -50.91 -45.53 4.73
N PRO I 45 -50.32 -44.43 5.20
CA PRO I 45 -49.11 -43.84 4.67
C PRO I 45 -47.92 -44.80 4.75
N GLU I 46 -47.09 -44.79 3.71
CA GLU I 46 -45.86 -45.57 3.69
C GLU I 46 -44.71 -44.74 3.14
N TRP I 47 -43.53 -44.90 3.73
CA TRP I 47 -42.34 -44.22 3.24
C TRP I 47 -41.76 -44.97 2.05
N MET I 48 -41.50 -44.27 0.94
CA MET I 48 -40.90 -44.90 -0.22
C MET I 48 -39.43 -44.59 -0.33
N GLY I 49 -38.92 -43.85 0.64
CA GLY I 49 -37.53 -43.42 0.60
C GLY I 49 -37.38 -42.03 0.01
N TRP I 50 -36.13 -41.59 -0.07
CA TRP I 50 -35.81 -40.26 -0.56
C TRP I 50 -34.54 -40.22 -1.40
N ILE I 51 -34.43 -39.19 -2.23
CA ILE I 51 -33.22 -38.98 -3.03
C ILE I 51 -32.67 -37.56 -2.86
N SER I 52 -31.37 -37.46 -2.61
CA SER I 52 -30.74 -36.16 -2.57
C SER I 52 -30.54 -35.66 -3.99
N PRO I 53 -30.95 -34.43 -4.31
CA PRO I 53 -30.73 -33.76 -5.58
C PRO I 53 -29.29 -33.27 -5.71
N TYR I 54 -28.55 -33.25 -4.60
CA TYR I 54 -27.22 -32.68 -4.59
C TYR I 54 -26.14 -33.73 -4.79
N SER I 55 -26.16 -34.78 -3.96
CA SER I 55 -25.15 -35.82 -4.07
C SER I 55 -25.60 -36.98 -4.96
N GLY I 56 -26.91 -37.07 -5.18
CA GLY I 56 -27.49 -38.19 -5.92
C GLY I 56 -27.73 -39.40 -5.01
N ASP I 57 -27.36 -39.29 -3.73
CA ASP I 57 -27.55 -40.38 -2.78
C ASP I 57 -29.02 -40.66 -2.56
N LYS I 58 -29.38 -41.93 -2.43
CA LYS I 58 -30.77 -42.25 -2.18
C LYS I 58 -30.92 -43.31 -1.10
N ASN I 59 -32.04 -43.24 -0.39
CA ASN I 59 -32.35 -44.19 0.65
C ASN I 59 -33.74 -44.77 0.47
N LEU I 60 -33.81 -45.95 -0.13
CA LEU I 60 -35.09 -46.59 -0.35
C LEU I 60 -35.46 -47.45 0.85
N ALA I 61 -36.74 -47.40 1.26
CA ALA I 61 -37.21 -48.25 2.33
C ALA I 61 -37.14 -49.70 1.85
N PRO I 62 -36.82 -50.69 2.72
CA PRO I 62 -36.64 -52.09 2.38
C PRO I 62 -37.76 -52.68 1.54
N ALA I 63 -38.98 -52.20 1.74
CA ALA I 63 -40.13 -52.67 0.99
C ALA I 63 -40.01 -52.36 -0.50
N PHE I 64 -39.35 -51.25 -0.82
CA PHE I 64 -39.31 -50.74 -2.18
C PHE I 64 -37.95 -50.85 -2.88
N GLN I 65 -36.96 -51.41 -2.21
CA GLN I 65 -35.60 -51.41 -2.75
C GLN I 65 -35.49 -52.15 -4.09
N ASP I 66 -36.29 -53.18 -4.28
CA ASP I 66 -36.23 -53.95 -5.52
C ASP I 66 -37.19 -53.46 -6.60
N ARG I 67 -38.02 -52.47 -6.30
CA ARG I 67 -39.03 -52.07 -7.29
C ARG I 67 -39.02 -50.58 -7.64
N VAL I 68 -38.35 -49.76 -6.85
CA VAL I 68 -38.42 -48.32 -7.07
C VAL I 68 -37.08 -47.68 -7.42
N ILE I 69 -37.09 -46.91 -8.50
CA ILE I 69 -35.92 -46.20 -8.99
C ILE I 69 -36.14 -44.68 -8.92
N MET I 70 -35.20 -43.97 -8.31
CA MET I 70 -35.32 -42.52 -8.22
C MET I 70 -34.18 -41.80 -8.93
N THR I 71 -34.52 -40.70 -9.61
CA THR I 71 -33.54 -39.87 -10.30
C THR I 71 -33.98 -38.41 -10.29
N THR I 72 -33.05 -37.48 -10.49
CA THR I 72 -33.40 -36.07 -10.56
C THR I 72 -32.77 -35.35 -11.76
N ASP I 73 -33.41 -34.28 -12.20
CA ASP I 73 -32.84 -33.37 -13.20
C ASP I 73 -31.84 -32.42 -12.59
N THR I 74 -30.91 -31.97 -13.42
CA THR I 74 -30.02 -30.88 -13.04
C THR I 74 -30.84 -29.61 -12.87
N GLU I 75 -30.63 -28.89 -11.76
CA GLU I 75 -31.39 -27.68 -11.49
C GLU I 75 -31.06 -26.55 -12.47
N VAL I 76 -32.07 -25.76 -12.78
CA VAL I 76 -31.90 -24.55 -13.58
C VAL I 76 -32.26 -23.32 -12.74
N PRO I 77 -31.31 -22.45 -12.43
CA PRO I 77 -31.45 -21.32 -11.53
C PRO I 77 -32.38 -20.26 -12.08
N VAL I 78 -33.11 -19.59 -11.20
CA VAL I 78 -33.96 -18.47 -11.56
C VAL I 78 -33.43 -17.20 -10.91
N THR I 79 -33.14 -17.29 -9.62
CA THR I 79 -32.54 -16.22 -8.86
C THR I 79 -31.33 -16.81 -8.17
N SER I 80 -30.54 -15.97 -7.52
CA SER I 80 -29.40 -16.51 -6.80
C SER I 80 -29.82 -17.42 -5.64
N PHE I 81 -31.07 -17.29 -5.17
CA PHE I 81 -31.52 -18.10 -4.06
C PHE I 81 -32.69 -19.04 -4.39
N THR I 82 -33.14 -19.05 -5.64
CA THR I 82 -34.19 -20.00 -6.04
C THR I 82 -33.87 -20.67 -7.37
N SER I 83 -34.45 -21.85 -7.60
CA SER I 83 -34.23 -22.55 -8.85
C SER I 83 -35.40 -23.45 -9.20
N THR I 84 -35.38 -23.99 -10.41
CA THR I 84 -36.38 -24.95 -10.82
C THR I 84 -35.73 -26.25 -11.21
N GLY I 85 -36.51 -27.32 -11.19
CA GLY I 85 -36.01 -28.63 -11.54
C GLY I 85 -37.07 -29.67 -11.29
N ALA I 86 -36.75 -30.93 -11.48
CA ALA I 86 -37.75 -31.95 -11.23
C ALA I 86 -37.14 -33.24 -10.73
N ALA I 87 -37.89 -33.94 -9.91
CA ALA I 87 -37.53 -35.28 -9.47
C ALA I 87 -38.43 -36.28 -10.15
N TYR I 88 -37.92 -37.48 -10.39
CA TYR I 88 -38.73 -38.52 -10.98
C TYR I 88 -38.63 -39.79 -10.18
N MET I 89 -39.73 -40.54 -10.17
CA MET I 89 -39.73 -41.86 -9.56
C MET I 89 -40.35 -42.86 -10.50
N GLU I 90 -39.75 -44.03 -10.59
CA GLU I 90 -40.31 -45.11 -11.39
C GLU I 90 -40.66 -46.29 -10.51
N ILE I 91 -41.83 -46.88 -10.76
CA ILE I 91 -42.23 -48.07 -10.01
C ILE I 91 -42.37 -49.23 -10.99
N ARG I 92 -41.63 -50.30 -10.74
CA ARG I 92 -41.68 -51.47 -11.61
C ARG I 92 -42.69 -52.50 -11.10
N ASN I 93 -43.26 -53.28 -12.02
CA ASN I 93 -44.10 -54.41 -11.66
C ASN I 93 -45.30 -54.05 -10.78
N LEU I 94 -46.13 -53.10 -11.24
CA LEU I 94 -47.26 -52.65 -10.43
C LEU I 94 -48.26 -53.74 -10.11
N LYS I 95 -48.75 -53.69 -8.87
CA LYS I 95 -49.77 -54.60 -8.34
C LYS I 95 -51.01 -53.81 -7.94
N PHE I 96 -52.11 -54.49 -7.70
CA PHE I 96 -53.33 -53.81 -7.25
C PHE I 96 -53.12 -53.16 -5.88
N ASP I 97 -52.18 -53.71 -5.11
CA ASP I 97 -51.84 -53.19 -3.80
C ASP I 97 -51.07 -51.87 -3.87
N ASP I 98 -50.62 -51.52 -5.08
CA ASP I 98 -49.85 -50.30 -5.29
C ASP I 98 -50.72 -49.12 -5.67
N THR I 99 -52.03 -49.31 -5.67
CA THR I 99 -52.94 -48.23 -6.02
C THR I 99 -53.05 -47.21 -4.90
N GLY I 100 -53.59 -46.03 -5.22
CA GLY I 100 -53.75 -44.98 -4.24
C GLY I 100 -52.90 -43.75 -4.60
N THR I 101 -52.93 -42.75 -3.73
CA THR I 101 -52.28 -41.48 -3.99
C THR I 101 -50.78 -41.55 -3.74
N TYR I 102 -50.00 -40.97 -4.65
CA TYR I 102 -48.56 -40.85 -4.47
C TYR I 102 -48.17 -39.39 -4.29
N PHE I 103 -47.30 -39.12 -3.32
CA PHE I 103 -46.91 -37.74 -3.02
C PHE I 103 -45.43 -37.47 -3.17
N CYS I 104 -45.13 -36.27 -3.64
CA CYS I 104 -43.80 -35.71 -3.65
C CYS I 104 -43.66 -34.73 -2.49
N ALA I 105 -42.53 -34.74 -1.80
CA ALA I 105 -42.34 -33.78 -0.71
C ALA I 105 -40.88 -33.39 -0.57
N LYS I 106 -40.61 -32.23 0.05
CA LYS I 106 -39.23 -31.77 0.19
C LYS I 106 -38.81 -31.63 1.66
N GLY I 107 -37.51 -31.75 1.90
CA GLY I 107 -36.92 -31.67 3.23
C GLY I 107 -37.14 -30.31 3.92
N LEU I 108 -37.29 -30.37 5.24
CA LEU I 108 -37.53 -29.23 6.11
C LEU I 108 -36.35 -28.24 6.23
N LEU I 109 -35.16 -28.78 6.50
CA LEU I 109 -33.98 -27.94 6.80
C LEU I 109 -32.82 -28.30 5.90
N ARG I 110 -31.85 -27.40 5.76
CA ARG I 110 -30.62 -27.75 5.06
C ARG I 110 -29.70 -28.59 5.93
N ASP I 111 -29.88 -28.49 7.25
CA ASP I 111 -29.03 -29.21 8.21
C ASP I 111 -29.81 -29.59 9.46
N GLY I 112 -29.15 -30.27 10.38
CA GLY I 112 -29.79 -30.73 11.62
C GLY I 112 -30.42 -32.11 11.43
N SER I 113 -30.88 -32.71 12.52
CA SER I 113 -31.39 -34.07 12.51
C SER I 113 -32.71 -34.24 11.75
N SER I 114 -33.40 -33.13 11.53
CA SER I 114 -34.71 -33.12 10.89
C SER I 114 -34.64 -32.73 9.40
N THR I 115 -33.44 -32.65 8.85
CA THR I 115 -33.26 -32.07 7.52
C THR I 115 -34.09 -32.69 6.41
N TRP I 116 -34.34 -33.98 6.46
CA TRP I 116 -35.06 -34.62 5.37
C TRP I 116 -36.57 -34.66 5.56
N LEU I 117 -37.09 -34.17 6.68
CA LEU I 117 -38.53 -34.32 6.90
C LEU I 117 -39.32 -33.62 5.81
N PRO I 118 -40.41 -34.25 5.32
CA PRO I 118 -41.26 -33.79 4.23
C PRO I 118 -42.11 -32.60 4.64
N TYR I 119 -41.48 -31.45 4.74
CA TYR I 119 -42.16 -30.21 5.12
C TYR I 119 -43.19 -29.75 4.11
N LEU I 120 -42.80 -29.72 2.84
CA LEU I 120 -43.69 -29.23 1.79
C LEU I 120 -44.14 -30.40 0.94
N TRP I 121 -45.43 -30.46 0.66
CA TRP I 121 -45.99 -31.57 -0.11
C TRP I 121 -46.65 -31.08 -1.39
N GLY I 122 -46.58 -31.90 -2.44
CA GLY I 122 -47.32 -31.63 -3.65
C GLY I 122 -48.76 -32.04 -3.43
N GLN I 123 -49.65 -31.73 -4.37
CA GLN I 123 -51.06 -32.05 -4.18
C GLN I 123 -51.31 -33.56 -4.12
N GLY I 124 -50.42 -34.31 -4.76
CA GLY I 124 -50.52 -35.77 -4.84
C GLY I 124 -51.41 -36.15 -5.99
N THR I 125 -51.14 -37.30 -6.61
CA THR I 125 -52.03 -37.77 -7.67
C THR I 125 -52.27 -39.26 -7.58
N LEU I 126 -53.40 -39.70 -8.15
CA LEU I 126 -53.80 -41.09 -8.07
C LEU I 126 -53.14 -42.00 -9.08
N LEU I 127 -52.80 -43.20 -8.63
CA LEU I 127 -52.42 -44.28 -9.52
C LEU I 127 -53.49 -45.36 -9.46
N THR I 128 -53.95 -45.81 -10.62
CA THR I 128 -54.98 -46.85 -10.65
C THR I 128 -54.51 -48.05 -11.45
N VAL I 129 -54.80 -49.23 -10.93
CA VAL I 129 -54.47 -50.47 -11.60
C VAL I 129 -55.73 -51.27 -11.88
N SER I 130 -55.92 -51.68 -13.13
CA SER I 130 -57.09 -52.45 -13.52
C SER I 130 -56.76 -53.55 -14.53
N SER I 131 -57.52 -54.62 -14.50
CA SER I 131 -57.30 -55.74 -15.42
C SER I 131 -57.61 -55.36 -16.86
N SER J 2 -48.51 -51.36 11.33
CA SER J 2 -47.31 -50.63 11.73
C SER J 2 -46.90 -50.97 13.16
N VAL J 3 -45.61 -50.89 13.42
CA VAL J 3 -45.06 -51.09 14.75
C VAL J 3 -45.54 -50.01 15.72
N LEU J 4 -45.82 -48.82 15.19
CA LEU J 4 -46.37 -47.74 16.00
C LEU J 4 -47.89 -47.84 16.03
N THR J 5 -48.48 -47.51 17.19
CA THR J 5 -49.92 -47.49 17.28
C THR J 5 -50.44 -46.19 17.87
N GLN J 6 -51.66 -45.83 17.49
CA GLN J 6 -52.35 -44.67 18.01
C GLN J 6 -53.79 -45.01 18.37
N SER J 7 -54.39 -44.26 19.28
CA SER J 7 -55.79 -44.47 19.62
C SER J 7 -56.64 -44.22 18.38
N ALA J 8 -57.72 -44.99 18.22
CA ALA J 8 -58.56 -44.85 17.03
C ALA J 8 -59.14 -43.45 16.92
N SER J 9 -59.50 -42.85 18.06
CA SER J 9 -60.04 -41.52 18.04
C SER J 9 -59.91 -40.80 19.38
N VAL J 10 -59.94 -39.47 19.31
CA VAL J 10 -60.02 -38.61 20.48
C VAL J 10 -61.09 -37.56 20.25
N SER J 11 -61.60 -36.97 21.31
CA SER J 11 -62.63 -35.94 21.14
C SER J 11 -62.67 -34.94 22.28
N GLY J 12 -63.32 -33.82 22.03
CA GLY J 12 -63.57 -32.83 23.06
C GLY J 12 -64.44 -31.70 22.53
N SER J 13 -64.89 -30.83 23.43
CA SER J 13 -65.73 -29.71 23.07
C SER J 13 -64.94 -28.59 22.42
N LEU J 14 -65.62 -27.70 21.73
CA LEU J 14 -64.96 -26.56 21.12
C LEU J 14 -64.30 -25.73 22.21
N GLY J 15 -63.03 -25.40 22.02
CA GLY J 15 -62.23 -24.62 22.97
C GLY J 15 -61.52 -25.50 24.01
N GLN J 16 -61.84 -26.79 24.01
CA GLN J 16 -61.26 -27.77 24.94
C GLN J 16 -59.89 -28.23 24.47
N SER J 17 -59.00 -28.54 25.41
CA SER J 17 -57.74 -29.16 25.02
C SER J 17 -57.94 -30.63 24.66
N VAL J 18 -57.23 -31.11 23.64
CA VAL J 18 -57.25 -32.51 23.23
C VAL J 18 -55.85 -33.08 23.13
N THR J 19 -55.63 -34.28 23.65
CA THR J 19 -54.30 -34.91 23.56
C THR J 19 -54.31 -36.23 22.80
N ILE J 20 -53.34 -36.38 21.90
CA ILE J 20 -53.19 -37.58 21.07
C ILE J 20 -51.89 -38.31 21.38
N SER J 21 -51.98 -39.58 21.74
CA SER J 21 -50.80 -40.38 22.04
C SER J 21 -50.19 -41.05 20.80
N CYS J 22 -48.89 -41.33 20.86
CA CYS J 22 -48.20 -42.18 19.89
C CYS J 22 -47.21 -43.11 20.58
N THR J 23 -47.41 -44.41 20.45
CA THR J 23 -46.56 -45.37 21.15
C THR J 23 -46.15 -46.55 20.29
N GLY J 24 -45.29 -47.40 20.84
CA GLY J 24 -44.76 -48.56 20.13
C GLY J 24 -43.66 -49.20 20.96
N PRO J 25 -42.89 -50.14 20.39
CA PRO J 25 -41.73 -50.77 20.99
C PRO J 25 -40.73 -49.70 21.33
N ASN J 26 -39.95 -49.90 22.39
CA ASN J 26 -39.02 -48.86 22.86
C ASN J 26 -37.98 -48.51 21.80
N SER J 27 -37.69 -49.47 20.92
CA SER J 27 -36.74 -49.30 19.83
C SER J 27 -37.29 -48.42 18.70
N VAL J 28 -38.60 -48.20 18.70
CA VAL J 28 -39.27 -47.40 17.67
C VAL J 28 -39.76 -46.09 18.28
N CYS J 29 -40.38 -46.19 19.45
CA CYS J 29 -40.80 -45.04 20.24
C CYS J 29 -40.57 -45.27 21.74
N CYS J 30 -39.94 -44.34 22.47
CA CYS J 30 -39.22 -43.16 22.00
C CYS J 30 -37.78 -43.11 22.47
N SER J 31 -37.21 -44.24 22.86
CA SER J 31 -35.82 -44.20 23.29
C SER J 31 -34.93 -43.94 22.08
N HIS J 32 -34.12 -42.90 22.17
CA HIS J 32 -33.21 -42.49 21.10
C HIS J 32 -33.94 -42.21 19.78
N LYS J 33 -35.19 -41.77 19.85
CA LYS J 33 -35.99 -41.46 18.66
C LYS J 33 -36.69 -40.11 18.79
N SER J 34 -36.97 -39.48 17.65
CA SER J 34 -37.78 -38.26 17.62
C SER J 34 -39.10 -38.53 16.93
N ILE J 35 -40.18 -37.92 17.42
CA ILE J 35 -41.48 -38.09 16.79
C ILE J 35 -41.99 -36.79 16.17
N SER J 36 -42.33 -36.82 14.89
CA SER J 36 -42.96 -35.68 14.24
C SER J 36 -44.46 -35.91 14.08
N TRP J 37 -45.21 -34.83 13.94
CA TRP J 37 -46.67 -34.94 13.80
C TRP J 37 -47.21 -34.25 12.57
N TYR J 38 -48.21 -34.86 11.94
CA TYR J 38 -48.84 -34.31 10.73
C TYR J 38 -50.36 -34.27 10.82
N GLN J 39 -50.97 -33.25 10.21
CA GLN J 39 -52.39 -33.29 9.88
C GLN J 39 -52.51 -33.95 8.53
N TRP J 40 -53.45 -34.87 8.35
CA TRP J 40 -53.59 -35.53 7.06
C TRP J 40 -55.04 -35.80 6.68
N PRO J 41 -55.80 -34.79 6.22
CA PRO J 41 -57.17 -34.92 5.78
C PRO J 41 -57.20 -35.89 4.60
N PRO J 42 -58.23 -36.73 4.48
CA PRO J 42 -58.35 -37.69 3.41
C PRO J 42 -58.49 -36.97 2.08
N GLY J 43 -57.81 -37.49 1.06
CA GLY J 43 -57.90 -36.94 -0.28
C GLY J 43 -57.02 -35.70 -0.48
N ARG J 44 -56.29 -35.30 0.55
CA ARG J 44 -55.46 -34.09 0.48
C ARG J 44 -54.06 -34.31 1.02
N ALA J 45 -53.13 -33.48 0.57
CA ALA J 45 -51.78 -33.52 1.11
C ALA J 45 -51.78 -33.09 2.58
N PRO J 46 -50.96 -33.72 3.44
CA PRO J 46 -50.74 -33.41 4.84
C PRO J 46 -49.89 -32.17 5.09
N THR J 47 -49.97 -31.66 6.31
CA THR J 47 -49.13 -30.56 6.77
C THR J 47 -48.35 -30.93 8.02
N LEU J 48 -47.05 -30.62 8.03
CA LEU J 48 -46.21 -30.86 9.21
C LEU J 48 -46.57 -29.91 10.34
N ILE J 49 -46.78 -30.44 11.54
CA ILE J 49 -47.13 -29.60 12.67
C ILE J 49 -45.96 -29.47 13.64
N ILE J 50 -45.46 -30.62 14.11
CA ILE J 50 -44.39 -30.66 15.12
C ILE J 50 -43.19 -31.49 14.65
N TYR J 51 -41.98 -31.01 14.92
CA TYR J 51 -40.78 -31.80 14.67
C TYR J 51 -39.87 -31.78 15.91
N GLU J 52 -39.05 -32.81 16.06
CA GLU J 52 -38.21 -33.01 17.26
C GLU J 52 -39.02 -32.93 18.55
N ASP J 53 -40.29 -33.31 18.48
CA ASP J 53 -41.23 -33.39 19.61
C ASP J 53 -41.48 -32.08 20.36
N ASN J 54 -40.90 -30.97 19.90
CA ASN J 54 -41.05 -29.72 20.62
C ASN J 54 -41.19 -28.51 19.71
N GLU J 55 -40.66 -28.60 18.50
CA GLU J 55 -40.57 -27.44 17.64
C GLU J 55 -41.74 -27.35 16.69
N ARG J 56 -42.34 -26.19 16.61
CA ARG J 56 -43.43 -25.99 15.67
C ARG J 56 -42.89 -25.73 14.28
N ALA J 57 -43.53 -26.32 13.28
CA ALA J 57 -43.23 -25.99 11.90
C ALA J 57 -43.69 -24.56 11.63
N PRO J 58 -43.09 -23.83 10.69
CA PRO J 58 -43.52 -22.51 10.27
C PRO J 58 -44.98 -22.52 9.84
N GLY J 59 -45.69 -21.46 10.20
CA GLY J 59 -47.10 -21.31 9.83
C GLY J 59 -48.04 -22.01 10.81
N ILE J 60 -47.48 -22.67 11.82
CA ILE J 60 -48.28 -23.39 12.80
C ILE J 60 -48.63 -22.54 14.01
N SER J 61 -49.92 -22.53 14.33
CA SER J 61 -50.45 -21.77 15.45
C SER J 61 -49.87 -22.24 16.78
N PRO J 62 -49.67 -21.34 17.75
CA PRO J 62 -49.26 -21.60 19.12
C PRO J 62 -50.14 -22.62 19.83
N ARG J 63 -51.37 -22.82 19.37
CA ARG J 63 -52.26 -23.76 20.04
C ARG J 63 -51.75 -25.22 19.95
N PHE J 64 -50.87 -25.50 18.99
CA PHE J 64 -50.31 -26.84 18.88
C PHE J 64 -49.00 -26.96 19.65
N SER J 65 -48.86 -28.00 20.46
CA SER J 65 -47.60 -28.23 21.17
C SER J 65 -47.36 -29.71 21.47
N GLY J 66 -46.11 -30.14 21.38
CA GLY J 66 -45.76 -31.51 21.70
C GLY J 66 -45.38 -31.70 23.17
N TYR J 67 -45.48 -32.94 23.63
CA TYR J 67 -44.99 -33.39 24.94
C TYR J 67 -44.35 -34.76 24.75
N LYS J 68 -43.41 -35.13 25.62
CA LYS J 68 -42.71 -36.39 25.40
C LYS J 68 -42.46 -37.22 26.67
N SER J 69 -42.54 -38.53 26.49
CA SER J 69 -42.12 -39.51 27.48
C SER J 69 -41.52 -40.70 26.75
N TYR J 70 -40.72 -41.51 27.44
CA TYR J 70 -40.13 -42.67 26.77
C TYR J 70 -41.18 -43.64 26.27
N TRP J 71 -42.25 -43.81 27.04
CA TRP J 71 -43.31 -44.74 26.65
C TRP J 71 -44.14 -44.22 25.49
N SER J 72 -44.32 -42.91 25.41
CA SER J 72 -45.13 -42.34 24.33
C SER J 72 -44.87 -40.87 24.08
N ALA J 73 -44.94 -40.47 22.82
CA ALA J 73 -44.98 -39.05 22.45
C ALA J 73 -46.42 -38.57 22.47
N TYR J 74 -46.61 -37.29 22.76
CA TYR J 74 -47.96 -36.75 22.72
C TYR J 74 -48.05 -35.45 21.93
N LEU J 75 -49.18 -35.26 21.26
CA LEU J 75 -49.53 -33.97 20.68
C LEU J 75 -50.73 -33.41 21.40
N THR J 76 -50.64 -32.15 21.81
CA THR J 76 -51.79 -31.51 22.46
C THR J 76 -52.27 -30.34 21.64
N ILE J 77 -53.58 -30.28 21.45
CA ILE J 77 -54.20 -29.18 20.73
C ILE J 77 -55.01 -28.34 21.68
N SER J 78 -54.56 -27.11 21.92
CA SER J 78 -55.30 -26.18 22.78
C SER J 78 -56.39 -25.52 21.95
N ASP J 79 -57.42 -25.01 22.60
CA ASP J 79 -58.42 -24.24 21.87
C ASP J 79 -58.97 -25.00 20.67
N LEU J 80 -59.50 -26.20 20.88
CA LEU J 80 -59.96 -27.02 19.77
C LEU J 80 -61.00 -26.30 18.92
N ARG J 81 -60.81 -26.37 17.61
CA ARG J 81 -61.70 -25.73 16.65
C ARG J 81 -62.16 -26.74 15.59
N PRO J 82 -63.30 -26.53 14.92
CA PRO J 82 -63.78 -27.31 13.78
C PRO J 82 -62.73 -27.42 12.69
N GLU J 83 -61.86 -26.42 12.60
CA GLU J 83 -60.78 -26.39 11.62
C GLU J 83 -59.80 -27.54 11.85
N ASP J 84 -59.73 -28.04 13.08
CA ASP J 84 -58.81 -29.09 13.47
C ASP J 84 -59.47 -30.47 13.42
N GLU J 85 -60.71 -30.54 12.93
CA GLU J 85 -61.42 -31.81 12.93
C GLU J 85 -60.96 -32.66 11.76
N THR J 86 -59.78 -33.25 11.92
CA THR J 86 -59.15 -34.05 10.88
C THR J 86 -58.41 -35.26 11.45
N THR J 87 -57.85 -36.05 10.53
CA THR J 87 -57.04 -37.21 10.87
C THR J 87 -55.60 -36.77 11.13
N TYR J 88 -54.99 -37.30 12.19
CA TYR J 88 -53.59 -37.00 12.52
C TYR J 88 -52.73 -38.24 12.48
N TYR J 89 -51.46 -38.09 12.10
CA TYR J 89 -50.50 -39.19 12.13
C TYR J 89 -49.21 -38.82 12.85
N CYS J 90 -48.64 -39.79 13.57
CA CYS J 90 -47.31 -39.62 14.15
C CYS J 90 -46.26 -40.34 13.31
N CYS J 91 -45.06 -39.76 13.27
CA CYS J 91 -43.95 -40.36 12.53
C CYS J 91 -42.67 -40.45 13.37
N SER J 92 -42.20 -41.68 13.60
CA SER J 92 -40.91 -41.85 14.28
C SER J 92 -39.79 -41.68 13.28
N TYR J 93 -38.72 -40.98 13.70
CA TYR J 93 -37.61 -40.79 12.78
C TYR J 93 -36.27 -40.55 13.47
N THR J 94 -35.19 -40.79 12.72
CA THR J 94 -33.84 -40.45 13.14
C THR J 94 -33.12 -39.76 12.01
N HIS J 95 -31.97 -39.17 12.31
CA HIS J 95 -31.17 -38.51 11.28
C HIS J 95 -30.60 -39.49 10.24
N ASN J 96 -30.50 -40.77 10.61
CA ASN J 96 -29.96 -41.79 9.71
C ASN J 96 -31.02 -42.75 9.13
N SER J 97 -32.30 -42.44 9.27
CA SER J 97 -33.32 -43.39 8.82
C SER J 97 -34.56 -42.70 8.29
N GLY J 98 -35.40 -43.44 7.59
CA GLY J 98 -36.64 -42.90 7.03
C GLY J 98 -37.75 -42.85 8.07
N CYS J 99 -38.89 -42.31 7.65
CA CYS J 99 -40.07 -42.18 8.51
C CYS J 99 -40.80 -43.49 8.75
N VAL J 100 -41.19 -43.71 10.00
CA VAL J 100 -42.12 -44.79 10.31
C VAL J 100 -43.45 -44.21 10.76
N PHE J 101 -44.50 -44.40 9.96
CA PHE J 101 -45.80 -43.83 10.29
C PHE J 101 -46.61 -44.71 11.23
N GLY J 102 -47.39 -44.08 12.09
CA GLY J 102 -48.32 -44.77 12.97
C GLY J 102 -49.64 -45.06 12.29
N THR J 103 -50.60 -45.59 13.05
CA THR J 103 -51.90 -45.96 12.51
C THR J 103 -52.82 -44.76 12.33
N GLY J 104 -52.46 -43.64 12.96
CA GLY J 104 -53.24 -42.43 12.88
C GLY J 104 -54.39 -42.41 13.86
N THR J 105 -55.02 -41.26 14.01
CA THR J 105 -56.19 -41.11 14.88
C THR J 105 -57.16 -40.11 14.28
N LYS J 106 -58.42 -40.20 14.64
CA LYS J 106 -59.38 -39.19 14.23
C LYS J 106 -59.70 -38.24 15.38
N VAL J 107 -59.86 -36.96 15.06
CA VAL J 107 -60.25 -35.98 16.06
C VAL J 107 -61.67 -35.48 15.80
N SER J 108 -62.53 -35.56 16.80
CA SER J 108 -63.89 -35.04 16.67
C SER J 108 -64.08 -33.79 17.50
N VAL J 109 -64.84 -32.83 16.96
CA VAL J 109 -65.12 -31.59 17.67
C VAL J 109 -66.59 -31.55 18.08
N LEU J 110 -66.83 -31.40 19.39
CA LEU J 110 -68.18 -31.43 19.91
C LEU J 110 -68.69 -30.01 20.18
N GLY J 111 -69.97 -29.80 19.93
CA GLY J 111 -70.57 -28.48 20.17
C GLY J 111 -69.74 -27.37 19.52
#